data_6XPK
# 
_entry.id   6XPK 
# 
_audit_conform.dict_name       mmcif_pdbx.dic 
_audit_conform.dict_version    5.380 
_audit_conform.dict_location   http://mmcif.pdb.org/dictionaries/ascii/mmcif_pdbx.dic 
# 
loop_
_database_2.database_id 
_database_2.database_code 
_database_2.pdbx_database_accession 
_database_2.pdbx_DOI 
PDB   6XPK         pdb_00006xpk 10.2210/pdb6xpk/pdb 
WWPDB D_1000249619 ?            ?                   
# 
loop_
_pdbx_database_related.db_name 
_pdbx_database_related.details 
_pdbx_database_related.db_id 
_pdbx_database_related.content_type 
PDB . 6XPH unspecified 
PDB . 6XPI unspecified 
PDB . 6XPJ unspecified 
PDB . 6XPL unspecified 
# 
_pdbx_database_status.status_code                     REL 
_pdbx_database_status.status_code_sf                  REL 
_pdbx_database_status.status_code_mr                  ? 
_pdbx_database_status.entry_id                        6XPK 
_pdbx_database_status.recvd_initial_deposition_date   2020-07-08 
_pdbx_database_status.SG_entry                        N 
_pdbx_database_status.deposit_site                    RCSB 
_pdbx_database_status.process_site                    RCSB 
_pdbx_database_status.status_code_cs                  ? 
_pdbx_database_status.status_code_nmr_data            ? 
_pdbx_database_status.methods_development_category    ? 
_pdbx_database_status.pdb_format_compatible           Y 
# 
loop_
_audit_author.name 
_audit_author.pdbx_ordinal 
_audit_author.identifier_ORCID 
'Ochoa, J.M.'  1 0000-0003-2389-0870 
'Sawaya, M.R.' 2 0000-0003-0874-9043 
'Nguyen, V.N.' 3 0000-0002-7563-7386 
'Duilio, C.'   4 0000-0002-3877-6803 
'Yeates, T.O.' 5 0000-0001-5709-9839 
# 
_citation.abstract                  ? 
_citation.abstract_id_CAS           ? 
_citation.book_id_ISBN              ? 
_citation.book_publisher            ? 
_citation.book_publisher_city       ? 
_citation.book_title                ? 
_citation.coordinate_linkage        ? 
_citation.country                   US 
_citation.database_id_Medline       ? 
_citation.details                   ? 
_citation.id                        primary 
_citation.journal_abbrev            'Protein Sci.' 
_citation.journal_id_ASTM           PRCIEI 
_citation.journal_id_CSD            0795 
_citation.journal_id_ISSN           1469-896X 
_citation.journal_full              ? 
_citation.journal_issue             ? 
_citation.journal_volume            29 
_citation.language                  ? 
_citation.page_first                2201 
_citation.page_last                 2212 
_citation.title                     
'Symmetry breaking and structural polymorphism in a bacterial microcompartment shell protein for choline utilization.' 
_citation.year                      2020 
_citation.database_id_CSD           ? 
_citation.pdbx_database_id_DOI      10.1002/pro.3941 
_citation.pdbx_database_id_PubMed   32885887 
_citation.unpublished_flag          ? 
# 
loop_
_citation_author.citation_id 
_citation_author.name 
_citation_author.ordinal 
_citation_author.identifier_ORCID 
primary 'Ochoa, J.M.'  1 ? 
primary 'Nguyen, V.N.' 2 ? 
primary 'Nie, M.'      3 ? 
primary 'Sawaya, M.R.' 4 ? 
primary 'Bobik, T.A.'  5 ? 
primary 'Yeates, T.O.' 6 ? 
# 
_cell.angle_alpha                  90.000 
_cell.angle_alpha_esd              ? 
_cell.angle_beta                   90.000 
_cell.angle_beta_esd               ? 
_cell.angle_gamma                  120.000 
_cell.angle_gamma_esd              ? 
_cell.entry_id                     6XPK 
_cell.details                      ? 
_cell.formula_units_Z              ? 
_cell.length_a                     61.830 
_cell.length_a_esd                 ? 
_cell.length_b                     61.830 
_cell.length_b_esd                 ? 
_cell.length_c                     41.930 
_cell.length_c_esd                 ? 
_cell.volume                       ? 
_cell.volume_esd                   ? 
_cell.Z_PDB                        6 
_cell.reciprocal_angle_alpha       ? 
_cell.reciprocal_angle_beta        ? 
_cell.reciprocal_angle_gamma       ? 
_cell.reciprocal_angle_alpha_esd   ? 
_cell.reciprocal_angle_beta_esd    ? 
_cell.reciprocal_angle_gamma_esd   ? 
_cell.reciprocal_length_a          ? 
_cell.reciprocal_length_b          ? 
_cell.reciprocal_length_c          ? 
_cell.reciprocal_length_a_esd      ? 
_cell.reciprocal_length_b_esd      ? 
_cell.reciprocal_length_c_esd      ? 
_cell.pdbx_unique_axis             ? 
# 
_symmetry.entry_id                         6XPK 
_symmetry.cell_setting                     ? 
_symmetry.Int_Tables_number                169 
_symmetry.space_group_name_Hall            ? 
_symmetry.space_group_name_H-M             'P 61' 
_symmetry.pdbx_full_space_group_name_H-M   ? 
# 
loop_
_entity.id 
_entity.type 
_entity.src_method 
_entity.pdbx_description 
_entity.formula_weight 
_entity.pdbx_number_of_molecules 
_entity.pdbx_ec 
_entity.pdbx_mutation 
_entity.pdbx_fragment 
_entity.details 
1 polymer man 'Ethanolamine utilization protein EutS' 13324.064 1 ? ? ? ? 
2 water   nat water                                   18.015    2 ? ? ? ? 
# 
_entity_poly.entity_id                      1 
_entity_poly.type                           'polypeptide(L)' 
_entity_poly.nstd_linkage                   no 
_entity_poly.nstd_monomer                   no 
_entity_poly.pdbx_seq_one_letter_code       
;MHHHHHHMIEELGKIDRIIQESVPGKQITLAHVIAAPIEAVYECLGVDHEGAIGVVSLTPNETAIIAADIAGDAANIDIC
FVDRFTGSVMFSGDIQSVETSLEDILEYFKNSLGFSTVPLTKS
;
_entity_poly.pdbx_seq_one_letter_code_can   
;MHHHHHHMIEELGKIDRIIQESVPGKQITLAHVIAAPIEAVYECLGVDHEGAIGVVSLTPNETAIIAADIAGDAANIDIC
FVDRFTGSVMFSGDIQSVETSLEDILEYFKNSLGFSTVPLTKS
;
_entity_poly.pdbx_strand_id                 A 
_entity_poly.pdbx_target_identifier         ? 
# 
loop_
_entity_poly_seq.entity_id 
_entity_poly_seq.num 
_entity_poly_seq.mon_id 
_entity_poly_seq.hetero 
1 1   MET n 
1 2   HIS n 
1 3   HIS n 
1 4   HIS n 
1 5   HIS n 
1 6   HIS n 
1 7   HIS n 
1 8   MET n 
1 9   ILE n 
1 10  GLU n 
1 11  GLU n 
1 12  LEU n 
1 13  GLY n 
1 14  LYS n 
1 15  ILE n 
1 16  ASP n 
1 17  ARG n 
1 18  ILE n 
1 19  ILE n 
1 20  GLN n 
1 21  GLU n 
1 22  SER n 
1 23  VAL n 
1 24  PRO n 
1 25  GLY n 
1 26  LYS n 
1 27  GLN n 
1 28  ILE n 
1 29  THR n 
1 30  LEU n 
1 31  ALA n 
1 32  HIS n 
1 33  VAL n 
1 34  ILE n 
1 35  ALA n 
1 36  ALA n 
1 37  PRO n 
1 38  ILE n 
1 39  GLU n 
1 40  ALA n 
1 41  VAL n 
1 42  TYR n 
1 43  GLU n 
1 44  CYS n 
1 45  LEU n 
1 46  GLY n 
1 47  VAL n 
1 48  ASP n 
1 49  HIS n 
1 50  GLU n 
1 51  GLY n 
1 52  ALA n 
1 53  ILE n 
1 54  GLY n 
1 55  VAL n 
1 56  VAL n 
1 57  SER n 
1 58  LEU n 
1 59  THR n 
1 60  PRO n 
1 61  ASN n 
1 62  GLU n 
1 63  THR n 
1 64  ALA n 
1 65  ILE n 
1 66  ILE n 
1 67  ALA n 
1 68  ALA n 
1 69  ASP n 
1 70  ILE n 
1 71  ALA n 
1 72  GLY n 
1 73  ASP n 
1 74  ALA n 
1 75  ALA n 
1 76  ASN n 
1 77  ILE n 
1 78  ASP n 
1 79  ILE n 
1 80  CYS n 
1 81  PHE n 
1 82  VAL n 
1 83  ASP n 
1 84  ARG n 
1 85  PHE n 
1 86  THR n 
1 87  GLY n 
1 88  SER n 
1 89  VAL n 
1 90  MET n 
1 91  PHE n 
1 92  SER n 
1 93  GLY n 
1 94  ASP n 
1 95  ILE n 
1 96  GLN n 
1 97  SER n 
1 98  VAL n 
1 99  GLU n 
1 100 THR n 
1 101 SER n 
1 102 LEU n 
1 103 GLU n 
1 104 ASP n 
1 105 ILE n 
1 106 LEU n 
1 107 GLU n 
1 108 TYR n 
1 109 PHE n 
1 110 LYS n 
1 111 ASN n 
1 112 SER n 
1 113 LEU n 
1 114 GLY n 
1 115 PHE n 
1 116 SER n 
1 117 THR n 
1 118 VAL n 
1 119 PRO n 
1 120 LEU n 
1 121 THR n 
1 122 LYS n 
1 123 SER n 
# 
_entity_src_gen.entity_id                          1 
_entity_src_gen.pdbx_src_id                        1 
_entity_src_gen.pdbx_alt_source_flag               sample 
_entity_src_gen.pdbx_seq_type                      'Biological sequence' 
_entity_src_gen.pdbx_beg_seq_num                   1 
_entity_src_gen.pdbx_end_seq_num                   123 
_entity_src_gen.gene_src_common_name               ? 
_entity_src_gen.gene_src_genus                     ? 
_entity_src_gen.pdbx_gene_src_gene                 HMPREF1654_00416 
_entity_src_gen.gene_src_species                   ? 
_entity_src_gen.gene_src_strain                    ? 
_entity_src_gen.gene_src_tissue                    ? 
_entity_src_gen.gene_src_tissue_fraction           ? 
_entity_src_gen.gene_src_details                   ? 
_entity_src_gen.pdbx_gene_src_fragment             ? 
_entity_src_gen.pdbx_gene_src_scientific_name      'Streptococcus intermedius SK54 = ATCC 27335' 
_entity_src_gen.pdbx_gene_src_ncbi_taxonomy_id     1095731 
_entity_src_gen.pdbx_gene_src_variant              ? 
_entity_src_gen.pdbx_gene_src_cell_line            ? 
_entity_src_gen.pdbx_gene_src_atcc                 ? 
_entity_src_gen.pdbx_gene_src_organ                ? 
_entity_src_gen.pdbx_gene_src_organelle            ? 
_entity_src_gen.pdbx_gene_src_cell                 ? 
_entity_src_gen.pdbx_gene_src_cellular_location    ? 
_entity_src_gen.host_org_common_name               ? 
_entity_src_gen.pdbx_host_org_scientific_name      'Escherichia coli BL21(DE3)' 
_entity_src_gen.pdbx_host_org_ncbi_taxonomy_id     469008 
_entity_src_gen.host_org_genus                     ? 
_entity_src_gen.pdbx_host_org_gene                 ? 
_entity_src_gen.pdbx_host_org_organ                ? 
_entity_src_gen.host_org_species                   ? 
_entity_src_gen.pdbx_host_org_tissue               ? 
_entity_src_gen.pdbx_host_org_tissue_fraction      ? 
_entity_src_gen.pdbx_host_org_strain               ? 
_entity_src_gen.pdbx_host_org_variant              ? 
_entity_src_gen.pdbx_host_org_cell_line            ? 
_entity_src_gen.pdbx_host_org_atcc                 ? 
_entity_src_gen.pdbx_host_org_culture_collection   ? 
_entity_src_gen.pdbx_host_org_cell                 ? 
_entity_src_gen.pdbx_host_org_organelle            ? 
_entity_src_gen.pdbx_host_org_cellular_location    ? 
_entity_src_gen.pdbx_host_org_vector_type          plasmid 
_entity_src_gen.pdbx_host_org_vector               ? 
_entity_src_gen.host_org_details                   ? 
_entity_src_gen.expression_system_id               ? 
_entity_src_gen.plasmid_name                       'pET-24a(+)' 
_entity_src_gen.plasmid_details                    ? 
_entity_src_gen.pdbx_description                   ? 
# 
_struct_ref.id                         1 
_struct_ref.db_name                    UNP 
_struct_ref.db_code                    A0A0E2IV13_STRIT 
_struct_ref.pdbx_db_accession          A0A0E2IV13 
_struct_ref.pdbx_db_isoform            ? 
_struct_ref.entity_id                  1 
_struct_ref.pdbx_seq_one_letter_code   
;MIEELGKIDRIIQESVPGKQITLAHVIAAPIEAVYECLGVDHEGAIGVVSLTPNETAIIAADIAGKAANIDICFVDRFTG
SVMFSGDIQSVETSLEDILEYFKNSLGFSTVPLTKS
;
_struct_ref.pdbx_align_begin           1 
# 
_struct_ref_seq.align_id                      1 
_struct_ref_seq.ref_id                        1 
_struct_ref_seq.pdbx_PDB_id_code              6XPK 
_struct_ref_seq.pdbx_strand_id                A 
_struct_ref_seq.seq_align_beg                 8 
_struct_ref_seq.pdbx_seq_align_beg_ins_code   ? 
_struct_ref_seq.seq_align_end                 123 
_struct_ref_seq.pdbx_seq_align_end_ins_code   ? 
_struct_ref_seq.pdbx_db_accession             A0A0E2IV13 
_struct_ref_seq.db_align_beg                  1 
_struct_ref_seq.pdbx_db_align_beg_ins_code    ? 
_struct_ref_seq.db_align_end                  116 
_struct_ref_seq.pdbx_db_align_end_ins_code    ? 
_struct_ref_seq.pdbx_auth_seq_align_beg       1 
_struct_ref_seq.pdbx_auth_seq_align_end       116 
# 
loop_
_struct_ref_seq_dif.align_id 
_struct_ref_seq_dif.pdbx_pdb_id_code 
_struct_ref_seq_dif.mon_id 
_struct_ref_seq_dif.pdbx_pdb_strand_id 
_struct_ref_seq_dif.seq_num 
_struct_ref_seq_dif.pdbx_pdb_ins_code 
_struct_ref_seq_dif.pdbx_seq_db_name 
_struct_ref_seq_dif.pdbx_seq_db_accession_code 
_struct_ref_seq_dif.db_mon_id 
_struct_ref_seq_dif.pdbx_seq_db_seq_num 
_struct_ref_seq_dif.details 
_struct_ref_seq_dif.pdbx_auth_seq_num 
_struct_ref_seq_dif.pdbx_ordinal 
1 6XPK MET A 1  ? UNP A0A0E2IV13 ?   ?  'expression tag' -6 1 
1 6XPK HIS A 2  ? UNP A0A0E2IV13 ?   ?  'expression tag' -5 2 
1 6XPK HIS A 3  ? UNP A0A0E2IV13 ?   ?  'expression tag' -4 3 
1 6XPK HIS A 4  ? UNP A0A0E2IV13 ?   ?  'expression tag' -3 4 
1 6XPK HIS A 5  ? UNP A0A0E2IV13 ?   ?  'expression tag' -2 5 
1 6XPK HIS A 6  ? UNP A0A0E2IV13 ?   ?  'expression tag' -1 6 
1 6XPK HIS A 7  ? UNP A0A0E2IV13 ?   ?  'expression tag' 0  7 
1 6XPK ASP A 73 ? UNP A0A0E2IV13 LYS 66 conflict         66 8 
# 
loop_
_chem_comp.id 
_chem_comp.type 
_chem_comp.mon_nstd_flag 
_chem_comp.name 
_chem_comp.pdbx_synonyms 
_chem_comp.formula 
_chem_comp.formula_weight 
ALA 'L-peptide linking' y ALANINE         ? 'C3 H7 N O2'     89.093  
ARG 'L-peptide linking' y ARGININE        ? 'C6 H15 N4 O2 1' 175.209 
ASN 'L-peptide linking' y ASPARAGINE      ? 'C4 H8 N2 O3'    132.118 
ASP 'L-peptide linking' y 'ASPARTIC ACID' ? 'C4 H7 N O4'     133.103 
CYS 'L-peptide linking' y CYSTEINE        ? 'C3 H7 N O2 S'   121.158 
GLN 'L-peptide linking' y GLUTAMINE       ? 'C5 H10 N2 O3'   146.144 
GLU 'L-peptide linking' y 'GLUTAMIC ACID' ? 'C5 H9 N O4'     147.129 
GLY 'peptide linking'   y GLYCINE         ? 'C2 H5 N O2'     75.067  
HIS 'L-peptide linking' y HISTIDINE       ? 'C6 H10 N3 O2 1' 156.162 
HOH non-polymer         . WATER           ? 'H2 O'           18.015  
ILE 'L-peptide linking' y ISOLEUCINE      ? 'C6 H13 N O2'    131.173 
LEU 'L-peptide linking' y LEUCINE         ? 'C6 H13 N O2'    131.173 
LYS 'L-peptide linking' y LYSINE          ? 'C6 H15 N2 O2 1' 147.195 
MET 'L-peptide linking' y METHIONINE      ? 'C5 H11 N O2 S'  149.211 
PHE 'L-peptide linking' y PHENYLALANINE   ? 'C9 H11 N O2'    165.189 
PRO 'L-peptide linking' y PROLINE         ? 'C5 H9 N O2'     115.130 
SER 'L-peptide linking' y SERINE          ? 'C3 H7 N O3'     105.093 
THR 'L-peptide linking' y THREONINE       ? 'C4 H9 N O3'     119.119 
TYR 'L-peptide linking' y TYROSINE        ? 'C9 H11 N O3'    181.189 
VAL 'L-peptide linking' y VALINE          ? 'C5 H11 N O2'    117.146 
# 
_exptl.absorpt_coefficient_mu     ? 
_exptl.absorpt_correction_T_max   ? 
_exptl.absorpt_correction_T_min   ? 
_exptl.absorpt_correction_type    ? 
_exptl.absorpt_process_details    ? 
_exptl.entry_id                   6XPK 
_exptl.crystals_number            1 
_exptl.details                    ? 
_exptl.method                     'X-RAY DIFFRACTION' 
_exptl.method_details             ? 
# 
_exptl_crystal.colour                      ? 
_exptl_crystal.density_diffrn              ? 
_exptl_crystal.density_Matthews            1.74 
_exptl_crystal.density_method              ? 
_exptl_crystal.density_percent_sol         29.17 
_exptl_crystal.description                 ? 
_exptl_crystal.F_000                       ? 
_exptl_crystal.id                          1 
_exptl_crystal.preparation                 ? 
_exptl_crystal.size_max                    ? 
_exptl_crystal.size_mid                    ? 
_exptl_crystal.size_min                    ? 
_exptl_crystal.size_rad                    ? 
_exptl_crystal.colour_lustre               ? 
_exptl_crystal.colour_modifier             ? 
_exptl_crystal.colour_primary              ? 
_exptl_crystal.density_meas                ? 
_exptl_crystal.density_meas_esd            ? 
_exptl_crystal.density_meas_gt             ? 
_exptl_crystal.density_meas_lt             ? 
_exptl_crystal.density_meas_temp           ? 
_exptl_crystal.density_meas_temp_esd       ? 
_exptl_crystal.density_meas_temp_gt        ? 
_exptl_crystal.density_meas_temp_lt        ? 
_exptl_crystal.pdbx_crystal_image_url      ? 
_exptl_crystal.pdbx_crystal_image_format   ? 
_exptl_crystal.pdbx_mosaicity              ? 
_exptl_crystal.pdbx_mosaicity_esd          ? 
# 
_exptl_crystal_grow.apparatus       ? 
_exptl_crystal_grow.atmosphere      ? 
_exptl_crystal_grow.crystal_id      1 
_exptl_crystal_grow.details         ? 
_exptl_crystal_grow.method          'VAPOR DIFFUSION, HANGING DROP' 
_exptl_crystal_grow.method_ref      ? 
_exptl_crystal_grow.pH              4.2 
_exptl_crystal_grow.pressure        ? 
_exptl_crystal_grow.pressure_esd    ? 
_exptl_crystal_grow.seeding         ? 
_exptl_crystal_grow.seeding_ref     ? 
_exptl_crystal_grow.temp            298 
_exptl_crystal_grow.temp_details    ? 
_exptl_crystal_grow.temp_esd        ? 
_exptl_crystal_grow.time            ? 
_exptl_crystal_grow.pdbx_details    
'10% (w/v) PEG 3000, 200mM sodium chloride and 100 mM sodium phosphate dibasic/Citric acid pH 4.2' 
_exptl_crystal_grow.pdbx_pH_range   ? 
# 
_diffrn.ambient_environment              ? 
_diffrn.ambient_temp                     100 
_diffrn.ambient_temp_details             ? 
_diffrn.ambient_temp_esd                 ? 
_diffrn.crystal_id                       1 
_diffrn.crystal_support                  ? 
_diffrn.crystal_treatment                ? 
_diffrn.details                          ? 
_diffrn.id                               1 
_diffrn.ambient_pressure                 ? 
_diffrn.ambient_pressure_esd             ? 
_diffrn.ambient_pressure_gt              ? 
_diffrn.ambient_pressure_lt              ? 
_diffrn.ambient_temp_gt                  ? 
_diffrn.ambient_temp_lt                  ? 
_diffrn.pdbx_serial_crystal_experiment   N 
# 
_diffrn_detector.details                      ? 
_diffrn_detector.detector                     PIXEL 
_diffrn_detector.diffrn_id                    1 
_diffrn_detector.type                         'DECTRIS PILATUS 6M-F' 
_diffrn_detector.area_resol_mean              ? 
_diffrn_detector.dtime                        ? 
_diffrn_detector.pdbx_frames_total            ? 
_diffrn_detector.pdbx_collection_time_total   ? 
_diffrn_detector.pdbx_collection_date         2019-10-11 
_diffrn_detector.pdbx_frequency               ? 
# 
_diffrn_radiation.collimation                      ? 
_diffrn_radiation.diffrn_id                        1 
_diffrn_radiation.filter_edge                      ? 
_diffrn_radiation.inhomogeneity                    ? 
_diffrn_radiation.monochromator                    ? 
_diffrn_radiation.polarisn_norm                    ? 
_diffrn_radiation.polarisn_ratio                   ? 
_diffrn_radiation.probe                            ? 
_diffrn_radiation.type                             ? 
_diffrn_radiation.xray_symbol                      ? 
_diffrn_radiation.wavelength_id                    1 
_diffrn_radiation.pdbx_monochromatic_or_laue_m_l   M 
_diffrn_radiation.pdbx_wavelength_list             ? 
_diffrn_radiation.pdbx_wavelength                  ? 
_diffrn_radiation.pdbx_diffrn_protocol             'SINGLE WAVELENGTH' 
_diffrn_radiation.pdbx_analyzer                    ? 
_diffrn_radiation.pdbx_scattering_type             x-ray 
# 
_diffrn_radiation_wavelength.id           1 
_diffrn_radiation_wavelength.wavelength   0.9791 
_diffrn_radiation_wavelength.wt           1.0 
# 
_diffrn_source.current                     ? 
_diffrn_source.details                     ? 
_diffrn_source.diffrn_id                   1 
_diffrn_source.power                       ? 
_diffrn_source.size                        ? 
_diffrn_source.source                      SYNCHROTRON 
_diffrn_source.target                      ? 
_diffrn_source.type                        'APS BEAMLINE 24-ID-C' 
_diffrn_source.voltage                     ? 
_diffrn_source.take-off_angle              ? 
_diffrn_source.pdbx_wavelength_list        0.9791 
_diffrn_source.pdbx_wavelength             ? 
_diffrn_source.pdbx_synchrotron_beamline   24-ID-C 
_diffrn_source.pdbx_synchrotron_site       APS 
# 
_reflns.B_iso_Wilson_estimate            60.631 
_reflns.entry_id                         6XPK 
_reflns.data_reduction_details           ? 
_reflns.data_reduction_method            ? 
_reflns.d_resolution_high                2.800 
_reflns.d_resolution_low                 53.546 
_reflns.details                          ? 
_reflns.limit_h_max                      ? 
_reflns.limit_h_min                      ? 
_reflns.limit_k_max                      ? 
_reflns.limit_k_min                      ? 
_reflns.limit_l_max                      ? 
_reflns.limit_l_min                      ? 
_reflns.number_all                       ? 
_reflns.number_obs                       2305 
_reflns.observed_criterion               ? 
_reflns.observed_criterion_F_max         ? 
_reflns.observed_criterion_F_min         ? 
_reflns.observed_criterion_I_max         ? 
_reflns.observed_criterion_I_min         ? 
_reflns.observed_criterion_sigma_F       ? 
_reflns.observed_criterion_sigma_I       ? 
_reflns.percent_possible_obs             99.400 
_reflns.R_free_details                   ? 
_reflns.Rmerge_F_all                     ? 
_reflns.Rmerge_F_obs                     ? 
_reflns.Friedel_coverage                 ? 
_reflns.number_gt                        ? 
_reflns.threshold_expression             ? 
_reflns.pdbx_redundancy                  9.512 
_reflns.pdbx_Rmerge_I_obs                0.113 
_reflns.pdbx_Rmerge_I_all                ? 
_reflns.pdbx_Rsym_value                  ? 
_reflns.pdbx_netI_over_av_sigmaI         ? 
_reflns.pdbx_netI_over_sigmaI            15.460 
_reflns.pdbx_res_netI_over_av_sigmaI_2   ? 
_reflns.pdbx_res_netI_over_sigmaI_2      ? 
_reflns.pdbx_chi_squared                 0.985 
_reflns.pdbx_scaling_rejects             ? 
_reflns.pdbx_d_res_high_opt              ? 
_reflns.pdbx_d_res_low_opt               ? 
_reflns.pdbx_d_res_opt_method            ? 
_reflns.phase_calculation_details        ? 
_reflns.pdbx_Rrim_I_all                  0.119 
_reflns.pdbx_Rpim_I_all                  ? 
_reflns.pdbx_d_opt                       ? 
_reflns.pdbx_number_measured_all         ? 
_reflns.pdbx_diffrn_id                   1 
_reflns.pdbx_ordinal                     1 
_reflns.pdbx_CC_half                     0.999 
_reflns.pdbx_CC_star                     ? 
_reflns.pdbx_R_split                     ? 
# 
loop_
_reflns_shell.d_res_high 
_reflns_shell.d_res_low 
_reflns_shell.meanI_over_sigI_all 
_reflns_shell.meanI_over_sigI_obs 
_reflns_shell.number_measured_all 
_reflns_shell.number_measured_obs 
_reflns_shell.number_possible 
_reflns_shell.number_unique_all 
_reflns_shell.number_unique_obs 
_reflns_shell.percent_possible_all 
_reflns_shell.percent_possible_obs 
_reflns_shell.Rmerge_F_all 
_reflns_shell.Rmerge_F_obs 
_reflns_shell.Rmerge_I_all 
_reflns_shell.Rmerge_I_obs 
_reflns_shell.meanI_over_sigI_gt 
_reflns_shell.meanI_over_uI_all 
_reflns_shell.meanI_over_uI_gt 
_reflns_shell.number_measured_gt 
_reflns_shell.number_unique_gt 
_reflns_shell.percent_possible_gt 
_reflns_shell.Rmerge_F_gt 
_reflns_shell.Rmerge_I_gt 
_reflns_shell.pdbx_redundancy 
_reflns_shell.pdbx_Rsym_value 
_reflns_shell.pdbx_chi_squared 
_reflns_shell.pdbx_netI_over_sigmaI_all 
_reflns_shell.pdbx_netI_over_sigmaI_obs 
_reflns_shell.pdbx_Rrim_I_all 
_reflns_shell.pdbx_Rpim_I_all 
_reflns_shell.pdbx_rejects 
_reflns_shell.pdbx_ordinal 
_reflns_shell.pdbx_diffrn_id 
_reflns_shell.pdbx_CC_half 
_reflns_shell.pdbx_CC_star 
_reflns_shell.pdbx_R_split 
2.800  2.870  ? 2.220  ? ? ? ? 161 95.800  ? ? ? ? 0.954 ? ? ? ? ? ? ? ? 9.379  ? ? ? ? 1.009 ? ? 1  1 0.722 ? ? 
2.870  2.950  ? 3.240  ? ? ? ? 169 100.000 ? ? ? ? 0.805 ? ? ? ? ? ? ? ? 9.680  ? ? ? ? 0.850 ? ? 2  1 0.867 ? ? 
2.950  3.030  ? 3.890  ? ? ? ? 151 100.000 ? ? ? ? 0.648 ? ? ? ? ? ? ? ? 9.576  ? ? ? ? 0.685 ? ? 3  1 0.937 ? ? 
3.030  3.130  ? 4.880  ? ? ? ? 161 100.000 ? ? ? ? 0.476 ? ? ? ? ? ? ? ? 8.696  ? ? ? ? 0.506 ? ? 4  1 0.940 ? ? 
3.130  3.230  ? 6.060  ? ? ? ? 150 100.000 ? ? ? ? 0.431 ? ? ? ? ? ? ? ? 9.820  ? ? ? ? 0.455 ? ? 5  1 0.956 ? ? 
3.230  3.340  ? 8.940  ? ? ? ? 141 100.000 ? ? ? ? 0.275 ? ? ? ? ? ? ? ? 10.262 ? ? ? ? 0.289 ? ? 6  1 0.984 ? ? 
3.340  3.470  ? 10.380 ? ? ? ? 146 100.000 ? ? ? ? 0.257 ? ? ? ? ? ? ? ? 9.973  ? ? ? ? 0.271 ? ? 7  1 0.976 ? ? 
3.470  3.610  ? 11.350 ? ? ? ? 137 98.600  ? ? ? ? 0.194 ? ? ? ? ? ? ? ? 9.920  ? ? ? ? 0.205 ? ? 8  1 0.997 ? ? 
3.610  3.770  ? 16.100 ? ? ? ? 125 97.700  ? ? ? ? 0.161 ? ? ? ? ? ? ? ? 9.544  ? ? ? ? 0.170 ? ? 9  1 0.991 ? ? 
3.770  3.960  ? 17.270 ? ? ? ? 126 99.200  ? ? ? ? 0.137 ? ? ? ? ? ? ? ? 9.206  ? ? ? ? 0.145 ? ? 10 1 0.993 ? ? 
3.960  4.170  ? 18.870 ? ? ? ? 123 99.200  ? ? ? ? 0.107 ? ? ? ? ? ? ? ? 8.496  ? ? ? ? 0.114 ? ? 11 1 0.998 ? ? 
4.170  4.420  ? 28.510 ? ? ? ? 118 100.000 ? ? ? ? 0.073 ? ? ? ? ? ? ? ? 10.161 ? ? ? ? 0.077 ? ? 12 1 0.998 ? ? 
4.420  4.730  ? 30.430 ? ? ? ? 105 100.000 ? ? ? ? 0.066 ? ? ? ? ? ? ? ? 10.000 ? ? ? ? 0.070 ? ? 13 1 0.999 ? ? 
4.730  5.110  ? 28.860 ? ? ? ? 97  100.000 ? ? ? ? 0.066 ? ? ? ? ? ? ? ? 9.845  ? ? ? ? 0.070 ? ? 14 1 0.999 ? ? 
5.110  5.600  ? 25.230 ? ? ? ? 91  100.000 ? ? ? ? 0.082 ? ? ? ? ? ? ? ? 9.484  ? ? ? ? 0.086 ? ? 15 1 0.998 ? ? 
5.600  6.260  ? 21.770 ? ? ? ? 87  100.000 ? ? ? ? 0.105 ? ? ? ? ? ? ? ? 8.506  ? ? ? ? 0.112 ? ? 16 1 0.993 ? ? 
6.260  7.220  ? 27.180 ? ? ? ? 71  98.600  ? ? ? ? 0.082 ? ? ? ? ? ? ? ? 10.042 ? ? ? ? 0.086 ? ? 17 1 0.998 ? ? 
7.220  8.850  ? 40.950 ? ? ? ? 67  100.000 ? ? ? ? 0.042 ? ? ? ? ? ? ? ? 9.299  ? ? ? ? 0.044 ? ? 18 1 0.999 ? ? 
8.850  12.510 ? 44.290 ? ? ? ? 51  100.000 ? ? ? ? 0.038 ? ? ? ? ? ? ? ? 8.196  ? ? ? ? 0.040 ? ? 19 1 0.999 ? ? 
12.510 53.546 ? 40.100 ? ? ? ? 28  100.000 ? ? ? ? 0.042 ? ? ? ? ? ? ? ? 8.571  ? ? ? ? 0.044 ? ? 20 1 1.000 ? ? 
# 
_refine.aniso_B[1][1]                            -1.548 
_refine.aniso_B[1][2]                            -0.774 
_refine.aniso_B[1][3]                            -0.000 
_refine.aniso_B[2][2]                            -1.548 
_refine.aniso_B[2][3]                            0.000 
_refine.aniso_B[3][3]                            5.021 
_refine.B_iso_max                                ? 
_refine.B_iso_mean                               61.244 
_refine.B_iso_min                                ? 
_refine.correlation_coeff_Fo_to_Fc               0.934 
_refine.correlation_coeff_Fo_to_Fc_free          0.890 
_refine.details                                  'Hydrogens have been added in their riding positions' 
_refine.diff_density_max                         ? 
_refine.diff_density_max_esd                     ? 
_refine.diff_density_min                         ? 
_refine.diff_density_min_esd                     ? 
_refine.diff_density_rms                         ? 
_refine.diff_density_rms_esd                     ? 
_refine.entry_id                                 6XPK 
_refine.pdbx_refine_id                           'X-RAY DIFFRACTION' 
_refine.ls_abs_structure_details                 ? 
_refine.ls_abs_structure_Flack                   ? 
_refine.ls_abs_structure_Flack_esd               ? 
_refine.ls_abs_structure_Rogers                  ? 
_refine.ls_abs_structure_Rogers_esd              ? 
_refine.ls_d_res_high                            2.800 
_refine.ls_d_res_low                             53.546 
_refine.ls_extinction_coef                       ? 
_refine.ls_extinction_coef_esd                   ? 
_refine.ls_extinction_expression                 ? 
_refine.ls_extinction_method                     ? 
_refine.ls_goodness_of_fit_all                   ? 
_refine.ls_goodness_of_fit_all_esd               ? 
_refine.ls_goodness_of_fit_obs                   ? 
_refine.ls_goodness_of_fit_obs_esd               ? 
_refine.ls_hydrogen_treatment                    ? 
_refine.ls_matrix_type                           ? 
_refine.ls_number_constraints                    ? 
_refine.ls_number_parameters                     ? 
_refine.ls_number_reflns_all                     ? 
_refine.ls_number_reflns_obs                     2305 
_refine.ls_number_reflns_R_free                  231 
_refine.ls_number_reflns_R_work                  2074 
_refine.ls_number_restraints                     ? 
_refine.ls_percent_reflns_obs                    99.353 
_refine.ls_percent_reflns_R_free                 10.022 
_refine.ls_R_factor_all                          0.234 
_refine.ls_R_factor_obs                          ? 
_refine.ls_R_factor_R_free                       0.2669 
_refine.ls_R_factor_R_free_error                 ? 
_refine.ls_R_factor_R_free_error_details         ? 
_refine.ls_R_factor_R_work                       0.2308 
_refine.ls_R_Fsqd_factor_obs                     ? 
_refine.ls_R_I_factor_obs                        ? 
_refine.ls_redundancy_reflns_all                 ? 
_refine.ls_redundancy_reflns_obs                 ? 
_refine.ls_restrained_S_all                      ? 
_refine.ls_restrained_S_obs                      ? 
_refine.ls_shift_over_esd_max                    ? 
_refine.ls_shift_over_esd_mean                   ? 
_refine.ls_structure_factor_coef                 ? 
_refine.ls_weighting_details                     ? 
_refine.ls_weighting_scheme                      ? 
_refine.ls_wR_factor_all                         ? 
_refine.ls_wR_factor_obs                         ? 
_refine.ls_wR_factor_R_free                      ? 
_refine.ls_wR_factor_R_work                      ? 
_refine.occupancy_max                            ? 
_refine.occupancy_min                            ? 
_refine.solvent_model_details                    'MASK BULK SOLVENT' 
_refine.solvent_model_param_bsol                 ? 
_refine.solvent_model_param_ksol                 ? 
_refine.pdbx_R_complete                          ? 
_refine.ls_R_factor_gt                           ? 
_refine.ls_goodness_of_fit_gt                    ? 
_refine.ls_goodness_of_fit_ref                   ? 
_refine.ls_shift_over_su_max                     ? 
_refine.ls_shift_over_su_max_lt                  ? 
_refine.ls_shift_over_su_mean                    ? 
_refine.ls_shift_over_su_mean_lt                 ? 
_refine.pdbx_ls_sigma_I                          ? 
_refine.pdbx_ls_sigma_F                          ? 
_refine.pdbx_ls_sigma_Fsqd                       ? 
_refine.pdbx_data_cutoff_high_absF               ? 
_refine.pdbx_data_cutoff_high_rms_absF           ? 
_refine.pdbx_data_cutoff_low_absF                ? 
_refine.pdbx_isotropic_thermal_model             ? 
_refine.pdbx_ls_cross_valid_method               'FREE R-VALUE' 
_refine.pdbx_method_to_determine_struct          'MOLECULAR REPLACEMENT' 
_refine.pdbx_starting_model                      6XPH 
_refine.pdbx_stereochemistry_target_values       ? 
_refine.pdbx_R_Free_selection_details            ? 
_refine.pdbx_stereochem_target_val_spec_case     ? 
_refine.pdbx_overall_ESU_R                       ? 
_refine.pdbx_overall_ESU_R_Free                  0.462 
_refine.pdbx_solvent_vdw_probe_radii             1.200 
_refine.pdbx_solvent_ion_probe_radii             0.800 
_refine.pdbx_solvent_shrinkage_radii             0.800 
_refine.pdbx_real_space_R                        ? 
_refine.pdbx_density_correlation                 ? 
_refine.pdbx_pd_number_of_powder_patterns        ? 
_refine.pdbx_pd_number_of_points                 ? 
_refine.pdbx_pd_meas_number_of_points            ? 
_refine.pdbx_pd_proc_ls_prof_R_factor            ? 
_refine.pdbx_pd_proc_ls_prof_wR_factor           ? 
_refine.pdbx_pd_Marquardt_correlation_coeff      ? 
_refine.pdbx_pd_Fsqrd_R_factor                   ? 
_refine.pdbx_pd_ls_matrix_band_width             ? 
_refine.pdbx_overall_phase_error                 ? 
_refine.pdbx_overall_SU_R_free_Cruickshank_DPI   ? 
_refine.pdbx_overall_SU_R_free_Blow_DPI          ? 
_refine.pdbx_overall_SU_R_Blow_DPI               ? 
_refine.pdbx_TLS_residual_ADP_flag               ? 
_refine.pdbx_diffrn_id                           1 
_refine.overall_SU_B                             17.060 
_refine.overall_SU_ML                            0.335 
_refine.overall_SU_R_Cruickshank_DPI             ? 
_refine.overall_SU_R_free                        ? 
_refine.overall_FOM_free_R_set                   ? 
_refine.overall_FOM_work_R_set                   ? 
_refine.pdbx_average_fsc_overall                 ? 
_refine.pdbx_average_fsc_work                    ? 
_refine.pdbx_average_fsc_free                    ? 
# 
_refine_hist.pdbx_refine_id                   'X-RAY DIFFRACTION' 
_refine_hist.cycle_id                         LAST 
_refine_hist.pdbx_number_atoms_protein        734 
_refine_hist.pdbx_number_atoms_nucleic_acid   0 
_refine_hist.pdbx_number_atoms_ligand         0 
_refine_hist.number_atoms_solvent             2 
_refine_hist.number_atoms_total               736 
_refine_hist.d_res_high                       2.800 
_refine_hist.d_res_low                        53.546 
# 
loop_
_refine_ls_restr.pdbx_refine_id 
_refine_ls_restr.criterion 
_refine_ls_restr.dev_ideal 
_refine_ls_restr.dev_ideal_target 
_refine_ls_restr.number 
_refine_ls_restr.rejects 
_refine_ls_restr.type 
_refine_ls_restr.weight 
_refine_ls_restr.pdbx_restraint_function 
'X-RAY DIFFRACTION' ? 0.002  0.013  746  ? r_bond_refined_d               ? ? 
'X-RAY DIFFRACTION' ? 0.001  0.017  696  ? r_bond_other_d                 ? ? 
'X-RAY DIFFRACTION' ? 1.234  1.628  1017 ? r_angle_refined_deg            ? ? 
'X-RAY DIFFRACTION' ? 1.040  1.566  1614 ? r_angle_other_deg              ? ? 
'X-RAY DIFFRACTION' ? 5.762  5.000  99   ? r_dihedral_angle_1_deg         ? ? 
'X-RAY DIFFRACTION' ? 34.714 25.517 29   ? r_dihedral_angle_2_deg         ? ? 
'X-RAY DIFFRACTION' ? 15.204 15.000 115  ? r_dihedral_angle_3_deg         ? ? 
'X-RAY DIFFRACTION' ? 10.332 15.000 1    ? r_dihedral_angle_4_deg         ? ? 
'X-RAY DIFFRACTION' ? 0.030  0.200  110  ? r_chiral_restr                 ? ? 
'X-RAY DIFFRACTION' ? 0.002  0.020  845  ? r_gen_planes_refined           ? ? 
'X-RAY DIFFRACTION' ? 0.001  0.020  138  ? r_gen_planes_other             ? ? 
'X-RAY DIFFRACTION' ? 0.168  0.200  137  ? r_nbd_refined                  ? ? 
'X-RAY DIFFRACTION' ? 0.161  0.200  625  ? r_symmetry_nbd_other           ? ? 
'X-RAY DIFFRACTION' ? 0.141  0.200  359  ? r_nbtor_refined                ? ? 
'X-RAY DIFFRACTION' ? 0.106  0.200  345  ? r_symmetry_nbtor_other         ? ? 
'X-RAY DIFFRACTION' ? 0.073  0.200  14   ? r_xyhbond_nbd_refined          ? ? 
'X-RAY DIFFRACTION' ? 0.100  0.200  12   ? r_symmetry_nbd_refined         ? ? 
'X-RAY DIFFRACTION' ? 0.162  0.200  29   ? r_nbd_other                    ? ? 
'X-RAY DIFFRACTION' ? 0.219  0.200  6    ? r_symmetry_xyhbond_nbd_refined ? ? 
'X-RAY DIFFRACTION' ? 2.205  6.624  399  ? r_mcbond_it                    ? ? 
'X-RAY DIFFRACTION' ? 2.194  6.621  398  ? r_mcbond_other                 ? ? 
'X-RAY DIFFRACTION' ? 3.867  9.928  497  ? r_mcangle_it                   ? ? 
'X-RAY DIFFRACTION' ? 3.867  9.930  498  ? r_mcangle_other                ? ? 
'X-RAY DIFFRACTION' ? 1.790  6.833  347  ? r_scbond_it                    ? ? 
'X-RAY DIFFRACTION' ? 1.785  6.830  346  ? r_scbond_other                 ? ? 
'X-RAY DIFFRACTION' ? 3.213  10.168 520  ? r_scangle_it                   ? ? 
'X-RAY DIFFRACTION' ? 3.214  10.167 520  ? r_scangle_other                ? ? 
'X-RAY DIFFRACTION' ? 6.299  80.420 755  ? r_lrange_it                    ? ? 
'X-RAY DIFFRACTION' ? 6.303  80.337 754  ? r_lrange_other                 ? ? 
# 
loop_
_refine_ls_shell.pdbx_refine_id 
_refine_ls_shell.d_res_high 
_refine_ls_shell.d_res_low 
_refine_ls_shell.number_reflns_all 
_refine_ls_shell.number_reflns_obs 
_refine_ls_shell.number_reflns_R_free 
_refine_ls_shell.number_reflns_R_work 
_refine_ls_shell.percent_reflns_obs 
_refine_ls_shell.percent_reflns_R_free 
_refine_ls_shell.R_factor_all 
_refine_ls_shell.R_factor_obs 
_refine_ls_shell.R_factor_R_free 
_refine_ls_shell.R_factor_R_free_error 
_refine_ls_shell.R_factor_R_work 
_refine_ls_shell.redundancy_reflns_all 
_refine_ls_shell.redundancy_reflns_obs 
_refine_ls_shell.wR_factor_all 
_refine_ls_shell.wR_factor_obs 
_refine_ls_shell.wR_factor_R_free 
_refine_ls_shell.wR_factor_R_work 
_refine_ls_shell.pdbx_R_complete 
_refine_ls_shell.pdbx_total_number_of_bins_used 
_refine_ls_shell.pdbx_phase_error 
_refine_ls_shell.pdbx_fsc_work 
_refine_ls_shell.pdbx_fsc_free 
'X-RAY DIFFRACTION' 2.8    2.870  168 . 16 145 95.8333  . 0.292 . 0.284 . 0.293 . . . . . 0.274 . 20 . 0.861 0.815 
'X-RAY DIFFRACTION' 2.870  2.949  166 . 17 149 100.0000 . 0.314 . 0.310 . 0.314 . . . . . 0.290 . 20 . 0.863 0.844 
'X-RAY DIFFRACTION' 2.949  3.034  154 . 15 139 100.0000 . 0.251 . 0.276 . 0.248 . . . . . 0.215 . 20 . 0.878 0.904 
'X-RAY DIFFRACTION' 3.034  3.127  161 . 16 145 100.0000 . 0.283 . 0.288 . 0.282 . . . . . 0.247 . 20 . 0.887 0.900 
'X-RAY DIFFRACTION' 3.127  3.229  150 . 15 135 100.0000 . 0.274 . 0.268 . 0.275 . . . . . 0.239 . 20 . 0.880 0.911 
'X-RAY DIFFRACTION' 3.229  3.342  141 . 14 127 100.0000 . 0.290 . 0.309 . 0.288 . . . . . 0.257 . 20 . 0.909 0.886 
'X-RAY DIFFRACTION' 3.342  3.468  146 . 15 131 100.0000 . 0.227 . 0.203 . 0.230 . . . . . 0.199 . 20 . 0.927 0.923 
'X-RAY DIFFRACTION' 3.468  3.608  137 . 14 121 98.5401  . 0.282 . 0.251 . 0.285 . . . . . 0.222 . 20 . 0.907 0.918 
'X-RAY DIFFRACTION' 3.608  3.768  130 . 12 115 97.6923  . 0.272 . 0.324 . 0.267 . . . . . 0.234 . 20 . 0.908 0.835 
'X-RAY DIFFRACTION' 3.768  3.951  125 . 13 112 100.0000 . 0.221 . 0.199 . 0.224 . . . . . 0.202 . 20 . 0.925 0.940 
'X-RAY DIFFRACTION' 3.951  4.164  122 . 12 108 98.3607  . 0.254 . 0.293 . 0.249 . . . . . 0.219 . 20 . 0.920 0.910 
'X-RAY DIFFRACTION' 4.164  4.414  116 . 11 105 100.0000 . 0.175 . 0.267 . 0.168 . . . . . 0.159 . 20 . 0.954 0.915 
'X-RAY DIFFRACTION' 4.414  4.717  109 . 11 98  100.0000 . 0.188 . 0.247 . 0.181 . . . . . 0.169 . 20 . 0.953 0.922 
'X-RAY DIFFRACTION' 4.717  5.092  97  . 10 87  100.0000 . 0.202 . 0.296 . 0.191 . . . . . 0.187 . 20 . 0.947 0.904 
'X-RAY DIFFRACTION' 5.092  5.573  92  . 9  83  100.0000 . 0.241 . 0.203 . 0.246 . . . . . 0.223 . 20 . 0.915 0.922 
'X-RAY DIFFRACTION' 5.573  6.222  86  . 9  77  100.0000 . 0.326 . 0.575 . 0.301 . . . . . 0.281 . 20 . 0.883 0.795 
'X-RAY DIFFRACTION' 6.222  7.168  71  . 7  63  98.5915  . 0.254 . 0.342 . 0.241 . . . . . 0.217 . 20 . 0.887 0.794 
'X-RAY DIFFRACTION' 7.168  8.740  66  . 6  60  100.0000 . 0.175 . 0.259 . 0.167 . . . . . 0.176 . 20 . 0.963 0.928 
'X-RAY DIFFRACTION' 8.740  12.199 51  . 5  46  100.0000 . 0.154 . 0.136 . 0.156 . . . . . 0.188 . 20 . 0.977 0.970 
'X-RAY DIFFRACTION' 12.199 53.546 32  . 4  28  100.0000 . 0.274 . 0.213 . 0.284 . . . . . 0.312 . 20 . 0.928 0.948 
# 
_struct.entry_id                     6XPK 
_struct.title                        'CutR Screw, form 1 with 41.9 angstrom pitch' 
_struct.pdbx_model_details           ? 
_struct.pdbx_formula_weight          ? 
_struct.pdbx_formula_weight_method   ? 
_struct.pdbx_model_type_details      ? 
_struct.pdbx_CASP_flag               N 
# 
_struct_keywords.entry_id        6XPK 
_struct_keywords.text            'microcompartment, MCP, shell protein, BMC, STRUCTURAL PROTEIN' 
_struct_keywords.pdbx_keywords   'STRUCTURAL PROTEIN' 
# 
loop_
_struct_asym.id 
_struct_asym.pdbx_blank_PDB_chainid_flag 
_struct_asym.pdbx_modified 
_struct_asym.entity_id 
_struct_asym.details 
A N N 1 ? 
B N N 2 ? 
# 
loop_
_struct_conf.conf_type_id 
_struct_conf.id 
_struct_conf.pdbx_PDB_helix_id 
_struct_conf.beg_label_comp_id 
_struct_conf.beg_label_asym_id 
_struct_conf.beg_label_seq_id 
_struct_conf.pdbx_beg_PDB_ins_code 
_struct_conf.end_label_comp_id 
_struct_conf.end_label_asym_id 
_struct_conf.end_label_seq_id 
_struct_conf.pdbx_end_PDB_ins_code 
_struct_conf.beg_auth_comp_id 
_struct_conf.beg_auth_asym_id 
_struct_conf.beg_auth_seq_id 
_struct_conf.end_auth_comp_id 
_struct_conf.end_auth_asym_id 
_struct_conf.end_auth_seq_id 
_struct_conf.pdbx_PDB_helix_class 
_struct_conf.details 
_struct_conf.pdbx_PDB_helix_length 
HELX_P HELX_P1 AA1 ILE A 38 ? GLY A 46  ? ILE A 31 GLY A 39  1 ? 9  
HELX_P HELX_P2 AA2 PRO A 60 ? GLU A 62  ? PRO A 53 GLU A 55  5 ? 3  
HELX_P HELX_P3 AA3 THR A 63 ? ASP A 73  ? THR A 56 ASP A 66  1 ? 11 
HELX_P HELX_P4 AA4 ASP A 94 ? SER A 112 ? ASP A 87 SER A 105 1 ? 19 
# 
_struct_conf_type.id          HELX_P 
_struct_conf_type.criteria    ? 
_struct_conf_type.reference   ? 
# 
_struct_mon_prot_cis.pdbx_id                1 
_struct_mon_prot_cis.label_comp_id          THR 
_struct_mon_prot_cis.label_seq_id           59 
_struct_mon_prot_cis.label_asym_id          A 
_struct_mon_prot_cis.label_alt_id           . 
_struct_mon_prot_cis.pdbx_PDB_ins_code      ? 
_struct_mon_prot_cis.auth_comp_id           THR 
_struct_mon_prot_cis.auth_seq_id            52 
_struct_mon_prot_cis.auth_asym_id           A 
_struct_mon_prot_cis.pdbx_label_comp_id_2   PRO 
_struct_mon_prot_cis.pdbx_label_seq_id_2    60 
_struct_mon_prot_cis.pdbx_label_asym_id_2   A 
_struct_mon_prot_cis.pdbx_PDB_ins_code_2    ? 
_struct_mon_prot_cis.pdbx_auth_comp_id_2    PRO 
_struct_mon_prot_cis.pdbx_auth_seq_id_2     53 
_struct_mon_prot_cis.pdbx_auth_asym_id_2    A 
_struct_mon_prot_cis.pdbx_PDB_model_num     1 
_struct_mon_prot_cis.pdbx_omega_angle       -1.25 
# 
loop_
_struct_sheet.id 
_struct_sheet.type 
_struct_sheet.number_strands 
_struct_sheet.details 
AA1 ? 5 ? 
AA2 ? 5 ? 
# 
loop_
_struct_sheet_order.sheet_id 
_struct_sheet_order.range_id_1 
_struct_sheet_order.range_id_2 
_struct_sheet_order.offset 
_struct_sheet_order.sense 
AA1 1 2 ? anti-parallel 
AA1 2 3 ? anti-parallel 
AA1 3 4 ? anti-parallel 
AA1 4 5 ? parallel      
AA2 1 2 ? anti-parallel 
AA2 2 3 ? anti-parallel 
AA2 3 4 ? anti-parallel 
AA2 4 5 ? parallel      
# 
loop_
_struct_sheet_range.sheet_id 
_struct_sheet_range.id 
_struct_sheet_range.beg_label_comp_id 
_struct_sheet_range.beg_label_asym_id 
_struct_sheet_range.beg_label_seq_id 
_struct_sheet_range.pdbx_beg_PDB_ins_code 
_struct_sheet_range.end_label_comp_id 
_struct_sheet_range.end_label_asym_id 
_struct_sheet_range.end_label_seq_id 
_struct_sheet_range.pdbx_end_PDB_ins_code 
_struct_sheet_range.beg_auth_comp_id 
_struct_sheet_range.beg_auth_asym_id 
_struct_sheet_range.beg_auth_seq_id 
_struct_sheet_range.end_auth_comp_id 
_struct_sheet_range.end_auth_asym_id 
_struct_sheet_range.end_auth_seq_id 
AA1 1 ASP A 78  ? ASP A 83  ? ASP A 71  ASP A 76  
AA1 2 SER A 88  ? GLY A 93  ? SER A 81  GLY A 86  
AA1 3 ALA A 52  ? THR A 59  ? ALA A 45  THR A 52  
AA1 4 GLN A 27  ? ILE A 34  ? GLN A 20  ILE A 27  
AA1 5 SER A 116 ? THR A 117 ? SER A 109 THR A 110 
AA2 1 ASP A 78  ? ASP A 83  ? ASP A 71  ASP A 76  
AA2 2 SER A 88  ? GLY A 93  ? SER A 81  GLY A 86  
AA2 3 ALA A 52  ? THR A 59  ? ALA A 45  THR A 52  
AA2 4 GLN A 27  ? ILE A 34  ? GLN A 20  ILE A 27  
AA2 5 THR A 121 ? SER A 123 ? THR A 114 SER A 116 
# 
loop_
_pdbx_struct_sheet_hbond.sheet_id 
_pdbx_struct_sheet_hbond.range_id_1 
_pdbx_struct_sheet_hbond.range_id_2 
_pdbx_struct_sheet_hbond.range_1_label_atom_id 
_pdbx_struct_sheet_hbond.range_1_label_comp_id 
_pdbx_struct_sheet_hbond.range_1_label_asym_id 
_pdbx_struct_sheet_hbond.range_1_label_seq_id 
_pdbx_struct_sheet_hbond.range_1_PDB_ins_code 
_pdbx_struct_sheet_hbond.range_1_auth_atom_id 
_pdbx_struct_sheet_hbond.range_1_auth_comp_id 
_pdbx_struct_sheet_hbond.range_1_auth_asym_id 
_pdbx_struct_sheet_hbond.range_1_auth_seq_id 
_pdbx_struct_sheet_hbond.range_2_label_atom_id 
_pdbx_struct_sheet_hbond.range_2_label_comp_id 
_pdbx_struct_sheet_hbond.range_2_label_asym_id 
_pdbx_struct_sheet_hbond.range_2_label_seq_id 
_pdbx_struct_sheet_hbond.range_2_PDB_ins_code 
_pdbx_struct_sheet_hbond.range_2_auth_atom_id 
_pdbx_struct_sheet_hbond.range_2_auth_comp_id 
_pdbx_struct_sheet_hbond.range_2_auth_asym_id 
_pdbx_struct_sheet_hbond.range_2_auth_seq_id 
AA1 1 2 N ASP A 83 ? N ASP A 76 O SER A 88  ? O SER A 81  
AA1 2 3 O PHE A 91 ? O PHE A 84 N GLY A 54  ? N GLY A 47  
AA1 3 4 O VAL A 55 ? O VAL A 48 N HIS A 32  ? N HIS A 25  
AA1 4 5 N ILE A 28 ? N ILE A 21 O SER A 116 ? O SER A 109 
AA2 1 2 N ASP A 83 ? N ASP A 76 O SER A 88  ? O SER A 81  
AA2 2 3 O PHE A 91 ? O PHE A 84 N GLY A 54  ? N GLY A 47  
AA2 3 4 O VAL A 55 ? O VAL A 48 N HIS A 32  ? N HIS A 25  
AA2 4 5 N VAL A 33 ? N VAL A 26 O THR A 121 ? O THR A 114 
# 
_atom_sites.entry_id                    6XPK 
_atom_sites.Cartn_transf_matrix[1][1]   ? 
_atom_sites.Cartn_transf_matrix[1][2]   ? 
_atom_sites.Cartn_transf_matrix[1][3]   ? 
_atom_sites.Cartn_transf_matrix[2][1]   ? 
_atom_sites.Cartn_transf_matrix[2][2]   ? 
_atom_sites.Cartn_transf_matrix[2][3]   ? 
_atom_sites.Cartn_transf_matrix[3][1]   ? 
_atom_sites.Cartn_transf_matrix[3][2]   ? 
_atom_sites.Cartn_transf_matrix[3][3]   ? 
_atom_sites.Cartn_transf_vector[1]      ? 
_atom_sites.Cartn_transf_vector[2]      ? 
_atom_sites.Cartn_transf_vector[3]      ? 
_atom_sites.fract_transf_matrix[1][1]   -0.00924578 
_atom_sites.fract_transf_matrix[1][2]   -0.00371990 
_atom_sites.fract_transf_matrix[1][3]   0.01579374 
_atom_sites.fract_transf_matrix[2][1]   -0.00362796 
_atom_sites.fract_transf_matrix[2][2]   -0.01769253 
_atom_sites.fract_transf_matrix[2][3]   0.00475057 
_atom_sites.fract_transf_matrix[3][1]   0.02066909 
_atom_sites.fract_transf_matrix[3][2]   -0.00105623 
_atom_sites.fract_transf_matrix[3][3]   0.01185107 
_atom_sites.fract_transf_vector[1]      -0.216459 
_atom_sites.fract_transf_vector[2]      0.190858 
_atom_sites.fract_transf_vector[3]      -0.001326 
_atom_sites.solution_primary            ? 
_atom_sites.solution_secondary          ? 
_atom_sites.solution_hydrogens          ? 
_atom_sites.special_details             ? 
# 
loop_
_atom_type.symbol 
_atom_type.scat_Cromer_Mann_a1 
_atom_type.scat_Cromer_Mann_b1 
_atom_type.scat_Cromer_Mann_a2 
_atom_type.scat_Cromer_Mann_b2 
_atom_type.scat_Cromer_Mann_a3 
_atom_type.scat_Cromer_Mann_b3 
_atom_type.scat_Cromer_Mann_a4 
_atom_type.scat_Cromer_Mann_b4 
_atom_type.scat_Cromer_Mann_c 
C 2.310  20.844 1.020 10.208 1.589 0.569  0.865 51.651 0.216   
H 0.493  10.511 0.323 26.126 0.140 3.142  0.041 57.800 0.003   
N 12.222 0.006  3.135 9.893  2.014 28.997 1.167 0.583  -11.538 
O 3.049  13.277 2.287 5.701  1.546 0.324  0.867 32.909 0.251   
S 6.905  1.468  5.203 22.215 1.438 0.254  1.586 56.172 1.049   
# 
loop_
_atom_site.group_PDB 
_atom_site.id 
_atom_site.type_symbol 
_atom_site.label_atom_id 
_atom_site.label_alt_id 
_atom_site.label_comp_id 
_atom_site.label_asym_id 
_atom_site.label_entity_id 
_atom_site.label_seq_id 
_atom_site.pdbx_PDB_ins_code 
_atom_site.Cartn_x 
_atom_site.Cartn_y 
_atom_site.Cartn_z 
_atom_site.occupancy 
_atom_site.B_iso_or_equiv 
_atom_site.pdbx_formal_charge 
_atom_site.auth_seq_id 
_atom_site.auth_comp_id 
_atom_site.auth_asym_id 
_atom_site.auth_atom_id 
_atom_site.pdbx_PDB_model_num 
ATOM   1   N N   . PRO A 1 24  ? 10.320  8.857   16.712  1.000 103.330 ? 17  PRO A N   1 
ATOM   2   C CA  . PRO A 1 24  ? 9.977   8.130   15.476  1.000 100.471 ? 17  PRO A CA  1 
ATOM   3   C C   . PRO A 1 24  ? 9.430   9.069   14.385  1.000 97.195  ? 17  PRO A C   1 
ATOM   4   O O   . PRO A 1 24  ? 8.224   9.139   14.213  1.000 96.615  ? 17  PRO A O   1 
ATOM   5   C CB  . PRO A 1 24  ? 8.915   7.123   15.951  1.000 102.389 ? 17  PRO A CB  1 
ATOM   6   C CG  . PRO A 1 24  ? 8.187   7.851   17.063  1.000 102.874 ? 17  PRO A CG  1 
ATOM   7   C CD  . PRO A 1 24  ? 9.041   9.059   17.402  1.000 103.277 ? 17  PRO A CD  1 
ATOM   8   N N   . GLY A 1 25  ? 10.333  9.772   13.691  1.000 90.424  ? 18  GLY A N   1 
ATOM   9   C CA  . GLY A 1 25  ? 10.001  10.731  12.620  1.000 83.459  ? 18  GLY A CA  1 
ATOM   10  C C   . GLY A 1 25  ? 9.441   10.029  11.395  1.000 77.315  ? 18  GLY A C   1 
ATOM   11  O O   . GLY A 1 25  ? 8.223   10.147  11.152  1.000 73.298  ? 18  GLY A O   1 
ATOM   12  N N   . LYS A 1 26  ? 10.301  9.317   10.659  1.000 71.272  ? 19  LYS A N   1 
ATOM   13  C CA  . LYS A 1 26  ? 9.957   8.597   9.404   1.000 68.174  ? 19  LYS A CA  1 
ATOM   14  C C   . LYS A 1 26  ? 9.690   7.121   9.727   1.000 65.691  ? 19  LYS A C   1 
ATOM   15  O O   . LYS A 1 26  ? 10.665  6.386   9.978   1.000 62.705  ? 19  LYS A O   1 
ATOM   16  C CB  . LYS A 1 26  ? 11.085  8.759   8.379   1.000 67.773  ? 19  LYS A CB  1 
ATOM   17  C CG  . LYS A 1 26  ? 11.262  10.171  7.839   1.000 67.574  ? 19  LYS A CG  1 
ATOM   18  C CD  . LYS A 1 26  ? 12.419  10.315  6.872   1.000 67.485  ? 19  LYS A CD  1 
ATOM   19  C CE  . LYS A 1 26  ? 13.772  10.250  7.549   1.000 67.787  ? 19  LYS A CE  1 
ATOM   20  N NZ  . LYS A 1 26  ? 14.878  10.443  6.581   1.000 68.373  ? 19  LYS A NZ  1 
ATOM   21  N N   . GLN A 1 27  ? 8.415   6.718   9.717   1.000 64.292  ? 20  GLN A N   1 
ATOM   22  C CA  . GLN A 1 27  ? 7.950   5.348   10.072  1.000 65.636  ? 20  GLN A CA  1 
ATOM   23  C C   . GLN A 1 27  ? 6.899   4.871   9.064   1.000 64.005  ? 20  GLN A C   1 
ATOM   24  O O   . GLN A 1 27  ? 6.006   5.668   8.727   1.000 63.086  ? 20  GLN A O   1 
ATOM   25  C CB  . GLN A 1 27  ? 7.350   5.334   11.481  1.000 68.610  ? 20  GLN A CB  1 
ATOM   26  C CG  . GLN A 1 27  ? 8.274   4.752   12.540  1.000 72.998  ? 20  GLN A CG  1 
ATOM   27  C CD  . GLN A 1 27  ? 7.592   4.595   13.878  1.000 76.721  ? 20  GLN A CD  1 
ATOM   28  O OE1 . GLN A 1 27  ? 6.519   5.145   14.122  1.000 78.397  ? 20  GLN A OE1 1 
ATOM   29  N NE2 . GLN A 1 27  ? 8.218   3.838   14.764  1.000 77.657  ? 20  GLN A NE2 1 
ATOM   30  N N   . ILE A 1 28  ? 7.022   3.620   8.605   1.000 61.881  ? 21  ILE A N   1 
ATOM   31  C CA  . ILE A 1 28  ? 5.930   2.834   7.954   1.000 57.866  ? 21  ILE A CA  1 
ATOM   32  C C   . ILE A 1 28  ? 5.361   1.891   9.019   1.000 56.333  ? 21  ILE A C   1 
ATOM   33  O O   . ILE A 1 28  ? 6.056   0.922   9.373   1.000 54.838  ? 21  ILE A O   1 
ATOM   34  C CB  . ILE A 1 28  ? 6.439   2.078   6.710   1.000 55.562  ? 21  ILE A CB  1 
ATOM   35  C CG1 . ILE A 1 28  ? 6.993   3.045   5.657   1.000 55.041  ? 21  ILE A CG1 1 
ATOM   36  C CG2 . ILE A 1 28  ? 5.349   1.176   6.141   1.000 55.812  ? 21  ILE A CG2 1 
ATOM   37  C CD1 . ILE A 1 28  ? 7.297   2.411   4.317   1.000 54.285  ? 21  ILE A CD1 1 
ATOM   38  N N   . THR A 1 29  ? 4.154   2.184   9.515   1.000 57.921  ? 22  THR A N   1 
ATOM   39  C CA  . THR A 1 29  ? 3.499   1.491   10.658  1.000 58.566  ? 22  THR A CA  1 
ATOM   40  C C   . THR A 1 29  ? 2.629   0.331   10.156  1.000 56.188  ? 22  THR A C   1 
ATOM   41  O O   . THR A 1 29  ? 2.339   -0.570  10.965  1.000 55.635  ? 22  THR A O   1 
ATOM   42  C CB  . THR A 1 29  ? 2.681   2.479   11.499  1.000 60.072  ? 22  THR A CB  1 
ATOM   43  O OG1 . THR A 1 29  ? 1.780   3.168   10.630  1.000 60.735  ? 22  THR A OG1 1 
ATOM   44  C CG2 . THR A 1 29  ? 3.549   3.478   12.233  1.000 59.778  ? 22  THR A CG2 1 
ATOM   45  N N   . LEU A 1 30  ? 2.224   0.359   8.881   1.000 57.141  ? 23  LEU A N   1 
ATOM   46  C CA  . LEU A 1 30  ? 1.445   -0.725  8.226   1.000 58.565  ? 23  LEU A CA  1 
ATOM   47  C C   . LEU A 1 30  ? 1.893   -0.866  6.767   1.000 57.401  ? 23  LEU A C   1 
ATOM   48  O O   . LEU A 1 30  ? 2.103   0.170   6.107   1.000 60.559  ? 23  LEU A O   1 
ATOM   49  C CB  . LEU A 1 30  ? -0.050  -0.396  8.314   1.000 60.193  ? 23  LEU A CB  1 
ATOM   50  C CG  . LEU A 1 30  ? -1.002  -1.552  8.010   1.000 59.739  ? 23  LEU A CG  1 
ATOM   51  C CD1 . LEU A 1 30  ? -1.084  -2.515  9.186   1.000 59.532  ? 23  LEU A CD1 1 
ATOM   52  C CD2 . LEU A 1 30  ? -2.384  -1.029  7.657   1.000 60.109  ? 23  LEU A CD2 1 
ATOM   53  N N   . ALA A 1 31  ? 2.053   -2.110  6.306   1.000 55.364  ? 24  ALA A N   1 
ATOM   54  C CA  . ALA A 1 31  ? 2.287   -2.493  4.894   1.000 54.435  ? 24  ALA A CA  1 
ATOM   55  C C   . ALA A 1 31  ? 1.620   -3.851  4.651   1.000 52.766  ? 24  ALA A C   1 
ATOM   56  O O   . ALA A 1 31  ? 2.336   -4.859  4.489   1.000 54.939  ? 24  ALA A O   1 
ATOM   57  C CB  . ALA A 1 31  ? 3.766   -2.520  4.597   1.000 53.687  ? 24  ALA A CB  1 
ATOM   58  N N   . HIS A 1 32  ? 0.285   -3.856  4.642   1.000 50.844  ? 25  HIS A N   1 
ATOM   59  C CA  . HIS A 1 32  ? -0.581  -5.058  4.746   1.000 50.983  ? 25  HIS A CA  1 
ATOM   60  C C   . HIS A 1 32  ? -1.177  -5.405  3.377   1.000 52.237  ? 25  HIS A C   1 
ATOM   61  O O   . HIS A 1 32  ? -1.392  -4.478  2.573   1.000 54.983  ? 25  HIS A O   1 
ATOM   62  C CB  . HIS A 1 32  ? -1.667  -4.809  5.799   1.000 49.924  ? 25  HIS A CB  1 
ATOM   63  C CG  . HIS A 1 32  ? -2.582  -5.966  6.017   1.000 47.989  ? 25  HIS A CG  1 
ATOM   64  N ND1 . HIS A 1 32  ? -2.356  -6.910  6.998   1.000 46.190  ? 25  HIS A ND1 1 
ATOM   65  C CD2 . HIS A 1 32  ? -3.723  -6.330  5.394   1.000 47.183  ? 25  HIS A CD2 1 
ATOM   66  C CE1 . HIS A 1 32  ? -3.318  -7.806  6.969   1.000 45.641  ? 25  HIS A CE1 1 
ATOM   67  N NE2 . HIS A 1 32  ? -4.168  -7.474  5.993   1.000 45.951  ? 25  HIS A NE2 1 
ATOM   68  N N   . VAL A 1 33  ? -1.435  -6.695  3.142   1.000 54.123  ? 26  VAL A N   1 
ATOM   69  C CA  . VAL A 1 33  ? -2.113  -7.228  1.921   1.000 56.381  ? 26  VAL A CA  1 
ATOM   70  C C   . VAL A 1 33  ? -3.310  -8.076  2.367   1.000 56.762  ? 26  VAL A C   1 
ATOM   71  O O   . VAL A 1 33  ? -3.124  -8.948  3.237   1.000 56.389  ? 26  VAL A O   1 
ATOM   72  C CB  . VAL A 1 33  ? -1.146  -8.029  1.024   1.000 56.656  ? 26  VAL A CB  1 
ATOM   73  C CG1 . VAL A 1 33  ? -0.217  -8.928  1.828   1.000 56.565  ? 26  VAL A CG1 1 
ATOM   74  C CG2 . VAL A 1 33  ? -1.883  -8.837  -0.035  1.000 56.747  ? 26  VAL A CG2 1 
ATOM   75  N N   . ILE A 1 34  ? -4.489  -7.810  1.798   1.000 56.843  ? 27  ILE A N   1 
ATOM   76  C CA  . ILE A 1 34  ? -5.724  -8.633  1.972   1.000 57.922  ? 27  ILE A CA  1 
ATOM   77  C C   . ILE A 1 34  ? -5.860  -9.523  0.731   1.000 58.819  ? 27  ILE A C   1 
ATOM   78  O O   . ILE A 1 34  ? -6.308  -9.011  -0.313  1.000 57.463  ? 27  ILE A O   1 
ATOM   79  C CB  . ILE A 1 34  ? -6.964  -7.741  2.200   1.000 58.276  ? 27  ILE A CB  1 
ATOM   80  C CG1 . ILE A 1 34  ? -6.689  -6.641  3.232   1.000 58.763  ? 27  ILE A CG1 1 
ATOM   81  C CG2 . ILE A 1 34  ? -8.170  -8.588  2.583   1.000 58.221  ? 27  ILE A CG2 1 
ATOM   82  C CD1 . ILE A 1 34  ? -7.876  -5.752  3.527   1.000 59.305  ? 27  ILE A CD1 1 
ATOM   83  N N   . ALA A 1 35  ? -5.463  -10.795 0.847   1.000 60.401  ? 28  ALA A N   1 
ATOM   84  C CA  . ALA A 1 35  ? -5.361  -11.772 -0.267  1.000 60.593  ? 28  ALA A CA  1 
ATOM   85  C C   . ALA A 1 35  ? -6.742  -12.030 -0.879  1.000 60.788  ? 28  ALA A C   1 
ATOM   86  O O   . ALA A 1 35  ? -6.857  -11.956 -2.119  1.000 61.868  ? 28  ALA A O   1 
ATOM   87  C CB  . ALA A 1 35  ? -4.729  -13.052 0.226   1.000 60.092  ? 28  ALA A CB  1 
ATOM   88  N N   . ALA A 1 36  ? -7.747  -12.313 -0.041  1.000 60.983  ? 29  ALA A N   1 
ATOM   89  C CA  . ALA A 1 36  ? -9.135  -12.644 -0.448  1.000 62.578  ? 29  ALA A CA  1 
ATOM   90  C C   . ALA A 1 36  ? -10.128 -11.713 0.250   1.000 63.267  ? 29  ALA A C   1 
ATOM   91  O O   . ALA A 1 36  ? -10.747 -12.096 1.240   1.000 62.236  ? 29  ALA A O   1 
ATOM   92  C CB  . ALA A 1 36  ? -9.420  -14.092 -0.137  1.000 62.280  ? 29  ALA A CB  1 
ATOM   93  N N   . PRO A 1 37  ? -10.304 -10.460 -0.235  1.000 64.757  ? 30  PRO A N   1 
ATOM   94  C CA  . PRO A 1 37  ? -11.337 -9.562  0.287   1.000 67.925  ? 30  PRO A CA  1 
ATOM   95  C C   . PRO A 1 37  ? -12.770 -10.041 -0.004  1.000 70.474  ? 30  PRO A C   1 
ATOM   96  O O   . PRO A 1 37  ? -12.934 -10.939 -0.812  1.000 73.327  ? 30  PRO A O   1 
ATOM   97  C CB  . PRO A 1 37  ? -11.080 -8.224  -0.428  1.000 66.611  ? 30  PRO A CB  1 
ATOM   98  C CG  . PRO A 1 37  ? -9.679  -8.343  -0.998  1.000 66.018  ? 30  PRO A CG  1 
ATOM   99  C CD  . PRO A 1 37  ? -9.482  -9.819  -1.271  1.000 64.796  ? 30  PRO A CD  1 
ATOM   100 N N   . ILE A 1 38  ? -13.762 -9.419  0.648   1.000 71.213  ? 31  ILE A N   1 
ATOM   101 C CA  . ILE A 1 38  ? -15.215 -9.762  0.555   1.000 72.064  ? 31  ILE A CA  1 
ATOM   102 C C   . ILE A 1 38  ? -15.956 -8.643  -0.192  1.000 72.496  ? 31  ILE A C   1 
ATOM   103 O O   . ILE A 1 38  ? -15.405 -7.529  -0.294  1.000 70.700  ? 31  ILE A O   1 
ATOM   104 C CB  . ILE A 1 38  ? -15.803 -10.006 1.965   1.000 75.040  ? 31  ILE A CB  1 
ATOM   105 C CG1 . ILE A 1 38  ? -15.124 -11.186 2.665   1.000 76.805  ? 31  ILE A CG1 1 
ATOM   106 C CG2 . ILE A 1 38  ? -17.315 -10.185 1.928   1.000 76.984  ? 31  ILE A CG2 1 
ATOM   107 C CD1 . ILE A 1 38  ? -14.085 -10.782 3.679   1.000 78.215  ? 31  ILE A CD1 1 
ATOM   108 N N   . GLU A 1 39  ? -17.153 -8.954  -0.708  1.000 75.041  ? 32  GLU A N   1 
ATOM   109 C CA  . GLU A 1 39  ? -18.114 -8.015  -1.354  1.000 78.110  ? 32  GLU A CA  1 
ATOM   110 C C   . GLU A 1 39  ? -18.074 -6.641  -0.669  1.000 77.207  ? 32  GLU A C   1 
ATOM   111 O O   . GLU A 1 39  ? -17.795 -5.647  -1.368  1.000 75.444  ? 32  GLU A O   1 
ATOM   112 C CB  . GLU A 1 39  ? -19.526 -8.608  -1.299  1.000 80.642  ? 32  GLU A CB  1 
ATOM   113 C CG  . GLU A 1 39  ? -20.613 -7.675  -1.811  1.000 83.593  ? 32  GLU A CG  1 
ATOM   114 C CD  . GLU A 1 39  ? -21.982 -8.316  -1.974  1.000 87.686  ? 32  GLU A CD  1 
ATOM   115 O OE1 . GLU A 1 39  ? -22.988 -7.632  -1.700  1.000 88.704  ? 32  GLU A OE1 1 
ATOM   116 O OE2 . GLU A 1 39  ? -22.041 -9.494  -2.381  1.000 88.088  ? 32  GLU A OE2 1 
ATOM   117 N N   . ALA A 1 40  ? -18.358 -6.595  0.637   1.000 76.753  ? 33  ALA A N   1 
ATOM   118 C CA  . ALA A 1 40  ? -18.484 -5.360  1.452   1.000 73.565  ? 33  ALA A CA  1 
ATOM   119 C C   . ALA A 1 40  ? -17.186 -4.541  1.396   1.000 71.758  ? 33  ALA A C   1 
ATOM   120 O O   . ALA A 1 40  ? -17.280 -3.298  1.363   1.000 68.402  ? 33  ALA A O   1 
ATOM   121 C CB  . ALA A 1 40  ? -18.848 -5.714  2.873   1.000 73.905  ? 33  ALA A CB  1 
ATOM   122 N N   . VAL A 1 41  ? -16.027 -5.211  1.391   1.000 69.889  ? 34  VAL A N   1 
ATOM   123 C CA  . VAL A 1 41  ? -14.675 -4.574  1.331   1.000 69.198  ? 34  VAL A CA  1 
ATOM   124 C C   . VAL A 1 41  ? -14.462 -3.981  -0.068  1.000 69.865  ? 34  VAL A C   1 
ATOM   125 O O   . VAL A 1 41  ? -13.984 -2.833  -0.153  1.000 69.137  ? 34  VAL A O   1 
ATOM   126 C CB  . VAL A 1 41  ? -13.564 -5.576  1.700   1.000 69.778  ? 34  VAL A CB  1 
ATOM   127 C CG1 . VAL A 1 41  ? -12.177 -5.033  1.388   1.000 70.098  ? 34  VAL A CG1 1 
ATOM   128 C CG2 . VAL A 1 41  ? -13.659 -6.003  3.158   1.000 69.572  ? 34  VAL A CG2 1 
ATOM   129 N N   . TYR A 1 42  ? -14.787 -4.744  -1.119  1.000 70.448  ? 35  TYR A N   1 
ATOM   130 C CA  . TYR A 1 42  ? -14.712 -4.311  -2.540  1.000 69.555  ? 35  TYR A CA  1 
ATOM   131 C C   . TYR A 1 42  ? -15.657 -3.124  -2.766  1.000 71.108  ? 35  TYR A C   1 
ATOM   132 O O   . TYR A 1 42  ? -15.204 -2.088  -3.289  1.000 73.112  ? 35  TYR A O   1 
ATOM   133 C CB  . TYR A 1 42  ? -15.081 -5.452  -3.491  1.000 68.843  ? 35  TYR A CB  1 
ATOM   134 C CG  . TYR A 1 42  ? -14.075 -6.571  -3.601  1.000 68.417  ? 35  TYR A CG  1 
ATOM   135 C CD1 . TYR A 1 42  ? -12.730 -6.317  -3.822  1.000 67.345  ? 35  TYR A CD1 1 
ATOM   136 C CD2 . TYR A 1 42  ? -14.479 -7.897  -3.534  1.000 67.862  ? 35  TYR A CD2 1 
ATOM   137 C CE1 . TYR A 1 42  ? -11.809 -7.346  -3.944  1.000 66.863  ? 35  TYR A CE1 1 
ATOM   138 C CE2 . TYR A 1 42  ? -13.570 -8.937  -3.657  1.000 67.716  ? 35  TYR A CE2 1 
ATOM   139 C CZ  . TYR A 1 42  ? -12.230 -8.661  -3.862  1.000 67.977  ? 35  TYR A CZ  1 
ATOM   140 O OH  . TYR A 1 42  ? -11.334 -9.683  -3.982  1.000 67.956  ? 35  TYR A OH  1 
ATOM   141 N N   . GLU A 1 43  ? -16.928 -3.287  -2.379  1.000 72.425  ? 36  GLU A N   1 
ATOM   142 C CA  . GLU A 1 43  ? -18.013 -2.278  -2.538  1.000 73.685  ? 36  GLU A CA  1 
ATOM   143 C C   . GLU A 1 43  ? -17.618 -0.971  -1.838  1.000 73.775  ? 36  GLU A C   1 
ATOM   144 O O   . GLU A 1 43  ? -17.937 0.105   -2.383  1.000 75.087  ? 36  GLU A O   1 
ATOM   145 C CB  . GLU A 1 43  ? -19.329 -2.817  -1.971  1.000 73.443  ? 36  GLU A CB  1 
ATOM   146 N N   . CYS A 1 44  ? -16.955 -1.069  -0.680  1.000 75.145  ? 37  CYS A N   1 
ATOM   147 C CA  . CYS A 1 44  ? -16.467 0.075   0.140   1.000 73.245  ? 37  CYS A CA  1 
ATOM   148 C C   . CYS A 1 44  ? -15.438 0.894   -0.650  1.000 72.642  ? 37  CYS A C   1 
ATOM   149 O O   . CYS A 1 44  ? -15.521 2.137   -0.606  1.000 71.712  ? 37  CYS A O   1 
ATOM   150 C CB  . CYS A 1 44  ? -15.858 -0.411  1.451   1.000 73.338  ? 37  CYS A CB  1 
ATOM   151 S SG  . CYS A 1 44  ? -15.188 0.920   2.483   1.000 76.606  ? 37  CYS A SG  1 
ATOM   152 N N   . LEU A 1 45  ? -14.513 0.222   -1.346  1.000 73.850  ? 38  LEU A N   1 
ATOM   153 C CA  . LEU A 1 45  ? -13.404 0.858   -2.110  1.000 74.691  ? 38  LEU A CA  1 
ATOM   154 C C   . LEU A 1 45  ? -13.857 1.188   -3.539  1.000 76.006  ? 38  LEU A C   1 
ATOM   155 O O   . LEU A 1 45  ? -13.363 2.193   -4.087  1.000 75.414  ? 38  LEU A O   1 
ATOM   156 C CB  . LEU A 1 45  ? -12.187 -0.076  -2.116  1.000 73.117  ? 38  LEU A CB  1 
ATOM   157 C CG  . LEU A 1 45  ? -11.369 -0.100  -0.826  1.000 71.652  ? 38  LEU A CG  1 
ATOM   158 C CD1 . LEU A 1 45  ? -10.357 -1.233  -0.848  1.000 71.193  ? 38  LEU A CD1 1 
ATOM   159 C CD2 . LEU A 1 45  ? -10.670 1.232   -0.595  1.000 72.960  ? 38  LEU A CD2 1 
ATOM   160 N N   . GLY A 1 46  ? -14.752 0.377   -4.115  1.000 79.215  ? 39  GLY A N   1 
ATOM   161 C CA  . GLY A 1 46  ? -15.255 0.534   -5.495  1.000 80.293  ? 39  GLY A CA  1 
ATOM   162 C C   . GLY A 1 46  ? -14.337 -0.139  -6.503  1.000 81.780  ? 39  GLY A C   1 
ATOM   163 O O   . GLY A 1 46  ? -13.945 0.526   -7.483  1.000 77.846  ? 39  GLY A O   1 
ATOM   164 N N   . VAL A 1 47  ? -14.013 -1.415  -6.262  1.000 85.760  ? 40  VAL A N   1 
ATOM   165 C CA  . VAL A 1 47  ? -13.093 -2.259  -7.086  1.000 90.343  ? 40  VAL A CA  1 
ATOM   166 C C   . VAL A 1 47  ? -13.945 -3.247  -7.897  1.000 94.751  ? 40  VAL A C   1 
ATOM   167 O O   . VAL A 1 47  ? -15.140 -3.396  -7.570  1.000 95.087  ? 40  VAL A O   1 
ATOM   168 C CB  . VAL A 1 47  ? -12.064 -2.968  -6.178  1.000 90.089  ? 40  VAL A CB  1 
ATOM   169 C CG1 . VAL A 1 47  ? -11.177 -3.951  -6.929  1.000 89.537  ? 40  VAL A CG1 1 
ATOM   170 C CG2 . VAL A 1 47  ? -11.206 -1.963  -5.425  1.000 89.515  ? 40  VAL A CG2 1 
ATOM   171 N N   . ASP A 1 48  ? -13.355 -3.885  -8.915  1.000 98.888  ? 41  ASP A N   1 
ATOM   172 C CA  . ASP A 1 48  ? -14.026 -4.850  -9.830  1.000 101.552 ? 41  ASP A CA  1 
ATOM   173 C C   . ASP A 1 48  ? -14.076 -6.256  -9.209  1.000 102.550 ? 41  ASP A C   1 
ATOM   174 O O   . ASP A 1 48  ? -14.227 -7.228  -9.979  1.000 103.521 ? 41  ASP A O   1 
ATOM   175 C CB  . ASP A 1 48  ? -13.332 -4.867  -11.196 1.000 103.134 ? 41  ASP A CB  1 
ATOM   176 C CG  . ASP A 1 48  ? -13.369 -3.533  -11.924 1.000 103.547 ? 41  ASP A CG  1 
ATOM   177 O OD1 . ASP A 1 48  ? -13.727 -2.522  -11.283 1.000 103.607 ? 41  ASP A OD1 1 
ATOM   178 O OD2 . ASP A 1 48  ? -13.040 -3.514  -13.126 1.000 102.963 ? 41  ASP A OD2 1 
ATOM   179 N N   . HIS A 1 49  ? -13.966 -6.365  -7.878  1.000 101.269 ? 42  HIS A N   1 
ATOM   180 C CA  . HIS A 1 49  ? -14.204 -7.600  -7.080  1.000 101.734 ? 42  HIS A CA  1 
ATOM   181 C C   . HIS A 1 49  ? -13.307 -8.752  -7.561  1.000 98.950  ? 42  HIS A C   1 
ATOM   182 O O   . HIS A 1 49  ? -13.760 -9.913  -7.493  1.000 99.744  ? 42  HIS A O   1 
ATOM   183 C CB  . HIS A 1 49  ? -15.692 -7.983  -7.131  1.000 102.137 ? 42  HIS A CB  1 
ATOM   184 C CG  . HIS A 1 49  ? -16.611 -6.907  -6.660  1.000 104.498 ? 42  HIS A CG  1 
ATOM   185 N ND1 . HIS A 1 49  ? -16.891 -5.788  -7.421  1.000 107.318 ? 42  HIS A ND1 1 
ATOM   186 C CD2 . HIS A 1 49  ? -17.326 -6.778  -5.521  1.000 105.086 ? 42  HIS A CD2 1 
ATOM   187 C CE1 . HIS A 1 49  ? -17.731 -5.011  -6.767  1.000 106.870 ? 42  HIS A CE1 1 
ATOM   188 N NE2 . HIS A 1 49  ? -18.014 -5.597  -5.597  1.000 105.238 ? 42  HIS A NE2 1 
ATOM   189 N N   . GLU A 1 50  ? -12.083 -8.443  -8.001  1.000 95.117  ? 43  GLU A N   1 
ATOM   190 C CA  . GLU A 1 50  ? -11.128 -9.420  -8.590  1.000 94.819  ? 43  GLU A CA  1 
ATOM   191 C C   . GLU A 1 50  ? -9.693  -9.009  -8.236  1.000 91.257  ? 43  GLU A C   1 
ATOM   192 O O   . GLU A 1 50  ? -9.106  -8.207  -8.992  1.000 94.091  ? 43  GLU A O   1 
ATOM   193 C CB  . GLU A 1 50  ? -11.332 -9.499  -10.106 1.000 97.378  ? 43  GLU A CB  1 
ATOM   194 C CG  . GLU A 1 50  ? -12.493 -10.387 -10.523 1.000 99.647  ? 43  GLU A CG  1 
ATOM   195 C CD  . GLU A 1 50  ? -13.080 -10.090 -11.894 1.000 102.282 ? 43  GLU A CD  1 
ATOM   196 O OE1 . GLU A 1 50  ? -12.369 -9.499  -12.731 1.000 105.535 ? 43  GLU A OE1 1 
ATOM   197 O OE2 . GLU A 1 50  ? -14.253 -10.449 -12.120 1.000 101.237 ? 43  GLU A OE2 1 
ATOM   198 N N   . GLY A 1 51  ? -9.165  -9.528  -7.121  1.000 82.993  ? 44  GLY A N   1 
ATOM   199 C CA  . GLY A 1 51  ? -7.752  -9.374  -6.718  1.000 78.816  ? 44  GLY A CA  1 
ATOM   200 C C   . GLY A 1 51  ? -7.596  -9.000  -5.254  1.000 73.647  ? 44  GLY A C   1 
ATOM   201 O O   . GLY A 1 51  ? -8.624  -8.796  -4.576  1.000 74.434  ? 44  GLY A O   1 
ATOM   202 N N   . ALA A 1 52  ? -6.344  -8.913  -4.791  1.000 66.988  ? 45  ALA A N   1 
ATOM   203 C CA  . ALA A 1 52  ? -5.956  -8.532  -3.412  1.000 63.485  ? 45  ALA A CA  1 
ATOM   204 C C   . ALA A 1 52  ? -6.011  -7.008  -3.263  1.000 60.099  ? 45  ALA A C   1 
ATOM   205 O O   . ALA A 1 52  ? -6.188  -6.319  -4.287  1.000 61.765  ? 45  ALA A O   1 
ATOM   206 C CB  . ALA A 1 52  ? -4.577  -9.061  -3.098  1.000 62.398  ? 45  ALA A CB  1 
ATOM   207 N N   . ILE A 1 53  ? -5.865  -6.516  -2.029  1.000 56.104  ? 46  ILE A N   1 
ATOM   208 C CA  . ILE A 1 53  ? -5.814  -5.063  -1.685  1.000 54.538  ? 46  ILE A CA  1 
ATOM   209 C C   . ILE A 1 53  ? -4.595  -4.822  -0.787  1.000 53.575  ? 46  ILE A C   1 
ATOM   210 O O   . ILE A 1 53  ? -4.525  -5.448  0.289   1.000 54.688  ? 46  ILE A O   1 
ATOM   211 C CB  . ILE A 1 53  ? -7.129  -4.607  -1.018  1.000 54.330  ? 46  ILE A CB  1 
ATOM   212 C CG1 . ILE A 1 53  ? -8.280  -4.556  -2.027  1.000 54.021  ? 46  ILE A CG1 1 
ATOM   213 C CG2 . ILE A 1 53  ? -6.954  -3.271  -0.307  1.000 54.259  ? 46  ILE A CG2 1 
ATOM   214 C CD1 . ILE A 1 53  ? -9.650  -4.654  -1.401  1.000 54.840  ? 46  ILE A CD1 1 
ATOM   215 N N   . GLY A 1 54  ? -3.674  -3.959  -1.228  1.000 52.434  ? 47  GLY A N   1 
ATOM   216 C CA  . GLY A 1 54  ? -2.503  -3.514  -0.448  1.000 52.236  ? 47  GLY A CA  1 
ATOM   217 C C   . GLY A 1 54  ? -2.816  -2.244  0.325   1.000 51.801  ? 47  GLY A C   1 
ATOM   218 O O   . GLY A 1 54  ? -3.251  -1.269  -0.312  1.000 51.228  ? 47  GLY A O   1 
ATOM   219 N N   . VAL A 1 55  ? -2.615  -2.262  1.647   1.000 52.011  ? 48  VAL A N   1 
ATOM   220 C CA  . VAL A 1 55  ? -2.880  -1.117  2.569   1.000 52.099  ? 48  VAL A CA  1 
ATOM   221 C C   . VAL A 1 55  ? -1.548  -0.681  3.187   1.000 51.901  ? 48  VAL A C   1 
ATOM   222 O O   . VAL A 1 55  ? -0.787  -1.566  3.627   1.000 51.851  ? 48  VAL A O   1 
ATOM   223 C CB  . VAL A 1 55  ? -3.908  -1.493  3.655   1.000 53.174  ? 48  VAL A CB  1 
ATOM   224 C CG1 . VAL A 1 55  ? -4.335  -0.281  4.470   1.000 52.982  ? 48  VAL A CG1 1 
ATOM   225 C CG2 . VAL A 1 55  ? -5.125  -2.194  3.069   1.000 53.877  ? 48  VAL A CG2 1 
ATOM   226 N N   . VAL A 1 56  ? -1.281  0.630   3.215   1.000 51.438  ? 49  VAL A N   1 
ATOM   227 C CA  . VAL A 1 56  ? -0.012  1.224   3.734   1.000 50.488  ? 49  VAL A CA  1 
ATOM   228 C C   . VAL A 1 56  ? -0.349  2.440   4.604   1.000 51.774  ? 49  VAL A C   1 
ATOM   229 O O   . VAL A 1 56  ? -1.143  3.285   4.151   1.000 51.516  ? 49  VAL A O   1 
ATOM   230 C CB  . VAL A 1 56  ? 0.942   1.610   2.588   1.000 49.805  ? 49  VAL A CB  1 
ATOM   231 C CG1 . VAL A 1 56  ? 2.308   2.032   3.111   1.000 50.031  ? 49  VAL A CG1 1 
ATOM   232 C CG2 . VAL A 1 56  ? 1.088   0.493   1.566   1.000 49.523  ? 49  VAL A CG2 1 
ATOM   233 N N   . SER A 1 57  ? 0.240   2.510   5.803   1.000 53.559  ? 50  SER A N   1 
ATOM   234 C CA  . SER A 1 57  ? 0.225   3.685   6.716   1.000 56.270  ? 50  SER A CA  1 
ATOM   235 C C   . SER A 1 57  ? 1.667   4.093   7.030   1.000 58.195  ? 50  SER A C   1 
ATOM   236 O O   . SER A 1 57  ? 2.450   3.206   7.428   1.000 59.271  ? 50  SER A O   1 
ATOM   237 C CB  . SER A 1 57  ? -0.534  3.391   7.984   1.000 57.870  ? 50  SER A CB  1 
ATOM   238 O OG  . SER A 1 57  ? -1.929  3.565   7.794   1.000 60.009  ? 50  SER A OG  1 
ATOM   239 N N   . LEU A 1 58  ? 1.999   5.377   6.865   1.000 58.467  ? 51  LEU A N   1 
ATOM   240 C CA  . LEU A 1 58  ? 3.360   5.913   7.132   1.000 60.890  ? 51  LEU A CA  1 
ATOM   241 C C   . LEU A 1 58  ? 3.274   7.353   7.658   1.000 61.252  ? 51  LEU A C   1 
ATOM   242 O O   . LEU A 1 58  ? 2.237   8.011   7.438   1.000 58.803  ? 51  LEU A O   1 
ATOM   243 C CB  . LEU A 1 58  ? 4.201   5.806   5.854   1.000 61.173  ? 51  LEU A CB  1 
ATOM   244 C CG  . LEU A 1 58  ? 3.647   6.513   4.616   1.000 62.087  ? 51  LEU A CG  1 
ATOM   245 C CD1 . LEU A 1 58  ? 3.887   8.009   4.695   1.000 64.592  ? 51  LEU A CD1 1 
ATOM   246 C CD2 . LEU A 1 58  ? 4.265   5.950   3.345   1.000 62.506  ? 51  LEU A CD2 1 
ATOM   247 N N   . THR A 1 59  ? 4.327   7.790   8.356   1.000 63.014  ? 52  THR A N   1 
ATOM   248 C CA  . THR A 1 59  ? 4.542   9.172   8.868   1.000 65.486  ? 52  THR A CA  1 
ATOM   249 C C   . THR A 1 59  ? 5.942   9.612   8.443   1.000 63.736  ? 52  THR A C   1 
ATOM   250 O O   . THR A 1 59  ? 6.867   8.806   8.505   1.000 65.935  ? 52  THR A O   1 
ATOM   251 C CB  . THR A 1 59  ? 4.368   9.220   10.392  1.000 67.532  ? 52  THR A CB  1 
ATOM   252 O OG1 . THR A 1 59  ? 3.191   8.487   10.733  1.000 71.817  ? 52  THR A OG1 1 
ATOM   253 C CG2 . THR A 1 59  ? 4.263   10.628  10.939  1.000 67.726  ? 52  THR A CG2 1 
ATOM   254 N N   . PRO A 1 60  ? 6.170   10.867  7.984   1.000 60.532  ? 53  PRO A N   1 
ATOM   255 C CA  . PRO A 1 60  ? 5.121   11.881  7.831   1.000 61.334  ? 53  PRO A CA  1 
ATOM   256 C C   . PRO A 1 60  ? 4.043   11.518  6.797   1.000 61.663  ? 53  PRO A C   1 
ATOM   257 O O   . PRO A 1 60  ? 4.327   10.762  5.887   1.000 61.403  ? 53  PRO A O   1 
ATOM   258 C CB  . PRO A 1 60  ? 5.883   13.138  7.373   1.000 60.337  ? 53  PRO A CB  1 
ATOM   259 C CG  . PRO A 1 60  ? 7.169   12.606  6.777   1.000 60.345  ? 53  PRO A CG  1 
ATOM   260 C CD  . PRO A 1 60  ? 7.493   11.377  7.597   1.000 59.707  ? 53  PRO A CD  1 
ATOM   261 N N   . ASN A 1 61  ? 2.847   12.091  6.967   1.000 60.935  ? 54  ASN A N   1 
ATOM   262 C CA  . ASN A 1 61  ? 1.593   11.703  6.264   1.000 60.138  ? 54  ASN A CA  1 
ATOM   263 C C   . ASN A 1 61  ? 1.685   12.030  4.766   1.000 59.541  ? 54  ASN A C   1 
ATOM   264 O O   . ASN A 1 61  ? 0.989   11.361  3.979   1.000 61.686  ? 54  ASN A O   1 
ATOM   265 C CB  . ASN A 1 61  ? 0.371   12.381  6.890   1.000 60.028  ? 54  ASN A CB  1 
ATOM   266 C CG  . ASN A 1 61  ? 0.166   12.019  8.347   1.000 60.148  ? 54  ASN A CG  1 
ATOM   267 O OD1 . ASN A 1 61  ? 0.515   10.922  8.777   1.000 61.851  ? 54  ASN A OD1 1 
ATOM   268 N ND2 . ASN A 1 61  ? -0.401  12.935  9.114   1.000 62.406  ? 54  ASN A ND2 1 
ATOM   269 N N   . GLU A 1 62  ? 2.502   13.017  4.388   1.000 57.262  ? 55  GLU A N   1 
ATOM   270 C CA  . GLU A 1 62  ? 2.599   13.537  2.996   1.000 57.147  ? 55  GLU A CA  1 
ATOM   271 C C   . GLU A 1 62  ? 3.256   12.495  2.078   1.000 55.269  ? 55  GLU A C   1 
ATOM   272 O O   . GLU A 1 62  ? 2.963   12.519  0.866   1.000 56.589  ? 55  GLU A O   1 
ATOM   273 C CB  . GLU A 1 62  ? 3.376   14.857  2.985   1.000 59.398  ? 55  GLU A CB  1 
ATOM   274 C CG  . GLU A 1 62  ? 4.883   14.685  2.937   1.000 61.098  ? 55  GLU A CG  1 
ATOM   275 C CD  . GLU A 1 62  ? 5.661   15.857  3.501   1.000 63.844  ? 55  GLU A CD  1 
ATOM   276 O OE1 . GLU A 1 62  ? 5.765   15.947  4.739   1.000 68.096  ? 55  GLU A OE1 1 
ATOM   277 O OE2 . GLU A 1 62  ? 6.147   16.682  2.704   1.000 67.320  ? 55  GLU A OE2 1 
ATOM   278 N N   . THR A 1 63  ? 4.100   11.615  2.629   1.000 53.515  ? 56  THR A N   1 
ATOM   279 C CA  . THR A 1 63  ? 4.930   10.641  1.866   1.000 51.732  ? 56  THR A CA  1 
ATOM   280 C C   . THR A 1 63  ? 4.068   9.471   1.368   1.000 51.820  ? 56  THR A C   1 
ATOM   281 O O   . THR A 1 63  ? 4.634   8.564   0.728   1.000 49.867  ? 56  THR A O   1 
ATOM   282 C CB  . THR A 1 63  ? 6.134   10.178  2.697   1.000 50.584  ? 56  THR A CB  1 
ATOM   283 O OG1 . THR A 1 63  ? 5.685   9.599   3.918   1.000 49.250  ? 56  THR A OG1 1 
ATOM   284 C CG2 . THR A 1 63  ? 7.078   11.307  3.039   1.000 51.560  ? 56  THR A CG2 1 
ATOM   285 N N   . ALA A 1 64  ? 2.757   9.493   1.642   1.000 53.666  ? 57  ALA A N   1 
ATOM   286 C CA  . ALA A 1 64  ? 1.738   8.619   1.011   1.000 53.965  ? 57  ALA A CA  1 
ATOM   287 C C   . ALA A 1 64  ? 1.760   8.827   -0.508  1.000 53.905  ? 57  ALA A C   1 
ATOM   288 O O   . ALA A 1 64  ? 1.447   7.871   -1.243  1.000 50.325  ? 57  ALA A O   1 
ATOM   289 C CB  . ALA A 1 64  ? 0.372   8.918   1.584   1.000 54.019  ? 57  ALA A CB  1 
ATOM   290 N N   . ILE A 1 65  ? 2.119   10.037  -0.951  1.000 57.656  ? 58  ILE A N   1 
ATOM   291 C CA  . ILE A 1 65  ? 2.222   10.428  -2.390  1.000 59.105  ? 58  ILE A CA  1 
ATOM   292 C C   . ILE A 1 65  ? 3.392   9.668   -3.034  1.000 57.556  ? 58  ILE A C   1 
ATOM   293 O O   . ILE A 1 65  ? 3.253   9.264   -4.205  1.000 57.473  ? 58  ILE A O   1 
ATOM   294 C CB  . ILE A 1 65  ? 2.354   11.961  -2.530  1.000 61.600  ? 58  ILE A CB  1 
ATOM   295 C CG1 . ILE A 1 65  ? 1.570   12.485  -3.735  1.000 65.406  ? 58  ILE A CG1 1 
ATOM   296 C CG2 . ILE A 1 65  ? 3.810   12.406  -2.568  1.000 63.132  ? 58  ILE A CG2 1 
ATOM   297 C CD1 . ILE A 1 65  ? 0.078   12.578  -3.502  1.000 66.844  ? 58  ILE A CD1 1 
ATOM   298 N N   . ILE A 1 66  ? 4.494   9.479   -2.296  1.000 56.319  ? 59  ILE A N   1 
ATOM   299 C CA  . ILE A 1 66  ? 5.732   8.791   -2.775  1.000 55.814  ? 59  ILE A CA  1 
ATOM   300 C C   . ILE A 1 66  ? 5.479   7.277   -2.792  1.000 56.706  ? 59  ILE A C   1 
ATOM   301 O O   . ILE A 1 66  ? 5.916   6.621   -3.756  1.000 57.884  ? 59  ILE A O   1 
ATOM   302 C CB  . ILE A 1 66  ? 6.955   9.163   -1.909  1.000 55.045  ? 59  ILE A CB  1 
ATOM   303 C CG1 . ILE A 1 66  ? 7.180   10.679  -1.856  1.000 53.645  ? 59  ILE A CG1 1 
ATOM   304 C CG2 . ILE A 1 66  ? 8.202   8.432   -2.393  1.000 55.405  ? 59  ILE A CG2 1 
ATOM   305 C CD1 . ILE A 1 66  ? 8.271   11.115  -0.903  1.000 52.791  ? 59  ILE A CD1 1 
ATOM   306 N N   . ALA A 1 67  ? 4.814   6.750   -1.758  1.000 56.459  ? 60  ALA A N   1 
ATOM   307 C CA  . ALA A 1 67  ? 4.444   5.321   -1.618  1.000 54.634  ? 60  ALA A CA  1 
ATOM   308 C C   . ALA A 1 67  ? 3.501   4.917   -2.759  1.000 54.531  ? 60  ALA A C   1 
ATOM   309 O O   . ALA A 1 67  ? 3.725   3.847   -3.357  1.000 55.122  ? 60  ALA A O   1 
ATOM   310 C CB  . ALA A 1 67  ? 3.814   5.078   -0.268  1.000 53.600  ? 60  ALA A CB  1 
ATOM   311 N N   . ALA A 1 68  ? 2.495   5.750   -3.045  1.000 55.087  ? 61  ALA A N   1 
ATOM   312 C CA  . ALA A 1 68  ? 1.499   5.559   -4.128  1.000 55.973  ? 61  ALA A CA  1 
ATOM   313 C C   . ALA A 1 68  ? 2.205   5.483   -5.488  1.000 57.811  ? 61  ALA A C   1 
ATOM   314 O O   . ALA A 1 68  ? 1.768   4.678   -6.335  1.000 59.650  ? 61  ALA A O   1 
ATOM   315 C CB  . ALA A 1 68  ? 0.486   6.678   -4.101  1.000 55.902  ? 61  ALA A CB  1 
ATOM   316 N N   . ASP A 1 69  ? 3.251   6.295   -5.680  1.000 59.420  ? 62  ASP A N   1 
ATOM   317 C CA  . ASP A 1 69  ? 4.062   6.368   -6.927  1.000 60.055  ? 62  ASP A CA  1 
ATOM   318 C C   . ASP A 1 69  ? 4.728   5.011   -7.188  1.000 60.597  ? 62  ASP A C   1 
ATOM   319 O O   . ASP A 1 69  ? 4.651   4.530   -8.334  1.000 61.935  ? 62  ASP A O   1 
ATOM   320 C CB  . ASP A 1 69  ? 5.107   7.484   -6.836  1.000 61.911  ? 62  ASP A CB  1 
ATOM   321 C CG  . ASP A 1 69  ? 5.850   7.745   -8.135  1.000 63.704  ? 62  ASP A CG  1 
ATOM   322 O OD1 . ASP A 1 69  ? 5.221   8.267   -9.072  1.000 63.068  ? 62  ASP A OD1 1 
ATOM   323 O OD2 . ASP A 1 69  ? 7.053   7.420   -8.198  1.000 66.410  ? 62  ASP A OD2 1 
ATOM   324 N N   . ILE A 1 70  ? 5.346   4.422   -6.157  1.000 60.662  ? 63  ILE A N   1 
ATOM   325 C CA  . ILE A 1 70  ? 6.115   3.141   -6.240  1.000 61.572  ? 63  ILE A CA  1 
ATOM   326 C C   . ILE A 1 70  ? 5.134   1.978   -6.441  1.000 63.922  ? 63  ILE A C   1 
ATOM   327 O O   . ILE A 1 70  ? 5.466   1.061   -7.217  1.000 67.755  ? 63  ILE A O   1 
ATOM   328 C CB  . ILE A 1 70  ? 7.002   2.946   -4.992  1.000 61.905  ? 63  ILE A CB  1 
ATOM   329 C CG1 . ILE A 1 70  ? 8.018   4.081   -4.835  1.000 61.899  ? 63  ILE A CG1 1 
ATOM   330 C CG2 . ILE A 1 70  ? 7.689   1.586   -5.019  1.000 62.552  ? 63  ILE A CG2 1 
ATOM   331 C CD1 . ILE A 1 70  ? 8.624   4.175   -3.455  1.000 62.604  ? 63  ILE A CD1 1 
ATOM   332 N N   . ALA A 1 71  ? 3.981   2.011   -5.761  1.000 64.466  ? 64  ALA A N   1 
ATOM   333 C CA  . ALA A 1 71  ? 2.887   1.019   -5.899  1.000 67.562  ? 64  ALA A CA  1 
ATOM   334 C C   . ALA A 1 71  ? 2.287   1.097   -7.309  1.000 72.815  ? 64  ALA A C   1 
ATOM   335 O O   . ALA A 1 71  ? 1.921   0.037   -7.854  1.000 74.844  ? 64  ALA A O   1 
ATOM   336 C CB  . ALA A 1 71  ? 1.831   1.252   -4.847  1.000 66.685  ? 64  ALA A CB  1 
ATOM   337 N N   . GLY A 1 72  ? 2.193   2.311   -7.866  1.000 75.326  ? 65  GLY A N   1 
ATOM   338 C CA  . GLY A 1 72  ? 1.581   2.586   -9.181  1.000 77.576  ? 65  GLY A CA  1 
ATOM   339 C C   . GLY A 1 72  ? 2.528   2.320   -10.341 1.000 80.716  ? 65  GLY A C   1 
ATOM   340 O O   . GLY A 1 72  ? 2.045   2.310   -11.492 1.000 80.985  ? 65  GLY A O   1 
ATOM   341 N N   . ASP A 1 73  ? 3.824   2.121   -10.067 1.000 84.141  ? 66  ASP A N   1 
ATOM   342 C CA  . ASP A 1 73  ? 4.866   1.828   -11.090 1.000 90.761  ? 66  ASP A CA  1 
ATOM   343 C C   . ASP A 1 73  ? 4.584   0.473   -11.754 1.000 96.568  ? 66  ASP A C   1 
ATOM   344 O O   . ASP A 1 73  ? 4.965   0.310   -12.931 1.000 99.965  ? 66  ASP A O   1 
ATOM   345 C CB  . ASP A 1 73  ? 6.278   1.851   -10.492 1.000 91.067  ? 66  ASP A CB  1 
ATOM   346 C CG  . ASP A 1 73  ? 6.910   3.231   -10.419 1.000 91.615  ? 66  ASP A CG  1 
ATOM   347 O OD1 . ASP A 1 73  ? 6.224   4.218   -10.756 1.000 90.172  ? 66  ASP A OD1 1 
ATOM   348 O OD2 . ASP A 1 73  ? 8.092   3.309   -10.028 1.000 92.543  ? 66  ASP A OD2 1 
ATOM   349 N N   . ALA A 1 74  ? 3.955   -0.459  -11.028 1.000 101.039 ? 67  ALA A N   1 
ATOM   350 C CA  . ALA A 1 74  ? 3.553   -1.799  -11.520 1.000 101.974 ? 67  ALA A CA  1 
ATOM   351 C C   . ALA A 1 74  ? 2.534   -1.659  -12.660 1.000 106.577 ? 67  ALA A C   1 
ATOM   352 O O   . ALA A 1 74  ? 2.503   -2.554  -13.529 1.000 108.953 ? 67  ALA A O   1 
ATOM   353 C CB  . ALA A 1 74  ? 2.999   -2.625  -10.384 1.000 99.615  ? 67  ALA A CB  1 
ATOM   354 N N   . ALA A 1 75  ? 1.724   -0.591  -12.637 1.000 105.263 ? 68  ALA A N   1 
ATOM   355 C CA  . ALA A 1 75  ? 0.747   -0.194  -13.684 1.000 103.597 ? 68  ALA A CA  1 
ATOM   356 C C   . ALA A 1 75  ? -0.480  -1.115  -13.648 1.000 104.147 ? 68  ALA A C   1 
ATOM   357 O O   . ALA A 1 75  ? -1.609  -0.583  -13.635 1.000 104.173 ? 68  ALA A O   1 
ATOM   358 C CB  . ALA A 1 75  ? 1.400   -0.181  -15.045 1.000 102.409 ? 68  ALA A CB  1 
ATOM   359 N N   . ASN A 1 76  ? -0.268  -2.438  -13.652 1.000 102.173 ? 69  ASN A N   1 
ATOM   360 C CA  . ASN A 1 76  ? -1.323  -3.468  -13.429 1.000 97.543  ? 69  ASN A CA  1 
ATOM   361 C C   . ASN A 1 76  ? -2.057  -3.167  -12.115 1.000 95.848  ? 69  ASN A C   1 
ATOM   362 O O   . ASN A 1 76  ? -3.277  -3.422  -12.051 1.000 98.913  ? 69  ASN A O   1 
ATOM   363 C CB  . ASN A 1 76  ? -0.753  -4.890  -13.438 1.000 98.688  ? 69  ASN A CB  1 
ATOM   364 C CG  . ASN A 1 76  ? 0.446   -5.071  -12.528 1.000 101.697 ? 69  ASN A CG  1 
ATOM   365 O OD1 . ASN A 1 76  ? 0.415   -4.687  -11.362 1.000 104.945 ? 69  ASN A OD1 1 
ATOM   366 N ND2 . ASN A 1 76  ? 1.506   -5.666  -13.051 1.000 103.808 ? 69  ASN A ND2 1 
ATOM   367 N N   . ILE A 1 77  ? -1.331  -2.656  -11.114 1.000 87.695  ? 70  ILE A N   1 
ATOM   368 C CA  . ILE A 1 77  ? -1.872  -2.197  -9.799  1.000 80.410  ? 70  ILE A CA  1 
ATOM   369 C C   . ILE A 1 77  ? -2.716  -0.934  -10.026 1.000 76.973  ? 70  ILE A C   1 
ATOM   370 O O   . ILE A 1 77  ? -2.242  -0.029  -10.741 1.000 75.058  ? 70  ILE A O   1 
ATOM   371 C CB  . ILE A 1 77  ? -0.723  -1.965  -8.792  1.000 79.437  ? 70  ILE A CB  1 
ATOM   372 C CG1 . ILE A 1 77  ? -0.192  -3.286  -8.224  1.000 78.940  ? 70  ILE A CG1 1 
ATOM   373 C CG2 . ILE A 1 77  ? -1.131  -1.006  -7.684  1.000 79.955  ? 70  ILE A CG2 1 
ATOM   374 C CD1 . ILE A 1 77  ? -1.180  -4.046  -7.364  1.000 80.848  ? 70  ILE A CD1 1 
ATOM   375 N N   . ASP A 1 78  ? -3.915  -0.892  -9.432  1.000 76.597  ? 71  ASP A N   1 
ATOM   376 C CA  . ASP A 1 78  ? -4.872  0.247   -9.495  1.000 76.108  ? 71  ASP A CA  1 
ATOM   377 C C   . ASP A 1 78  ? -4.875  0.966   -8.142  1.000 73.429  ? 71  ASP A C   1 
ATOM   378 O O   . ASP A 1 78  ? -5.216  0.313   -7.140  1.000 73.422  ? 71  ASP A O   1 
ATOM   379 C CB  . ASP A 1 78  ? -6.288  -0.228  -9.836  1.000 79.120  ? 71  ASP A CB  1 
ATOM   380 C CG  . ASP A 1 78  ? -6.380  -1.109  -11.070 1.000 82.428  ? 71  ASP A CG  1 
ATOM   381 O OD1 . ASP A 1 78  ? -5.335  -1.346  -11.702 1.000 85.611  ? 71  ASP A OD1 1 
ATOM   382 O OD2 . ASP A 1 78  ? -7.501  -1.555  -11.387 1.000 84.479  ? 71  ASP A OD2 1 
ATOM   383 N N   . ILE A 1 79  ? -4.519  2.254   -8.119  1.000 71.663  ? 72  ILE A N   1 
ATOM   384 C CA  . ILE A 1 79  ? -4.514  3.105   -6.890  1.000 69.659  ? 72  ILE A CA  1 
ATOM   385 C C   . ILE A 1 79  ? -5.972  3.376   -6.498  1.000 69.502  ? 72  ILE A C   1 
ATOM   386 O O   . ILE A 1 79  ? -6.689  4.004   -7.302  1.000 68.720  ? 72  ILE A O   1 
ATOM   387 C CB  . ILE A 1 79  ? -3.721  4.412   -7.110  1.000 69.548  ? 72  ILE A CB  1 
ATOM   388 C CG1 . ILE A 1 79  ? -2.284  4.157   -7.580  1.000 70.541  ? 72  ILE A CG1 1 
ATOM   389 C CG2 . ILE A 1 79  ? -3.752  5.284   -5.862  1.000 68.956  ? 72  ILE A CG2 1 
ATOM   390 C CD1 . ILE A 1 79  ? -1.414  3.426   -6.580  1.000 71.051  ? 72  ILE A CD1 1 
ATOM   391 N N   . CYS A 1 80  ? -6.390  2.911   -5.314  1.000 69.183  ? 73  CYS A N   1 
ATOM   392 C CA  . CYS A 1 80  ? -7.764  3.074   -4.766  1.000 67.917  ? 73  CYS A CA  1 
ATOM   393 C C   . CYS A 1 80  ? -7.936  4.497   -4.225  1.000 68.322  ? 73  CYS A C   1 
ATOM   394 O O   . CYS A 1 80  ? -8.825  5.214   -4.727  1.000 71.173  ? 73  CYS A O   1 
ATOM   395 C CB  . CYS A 1 80  ? -8.054  2.064   -3.661  1.000 67.323  ? 73  CYS A CB  1 
ATOM   396 S SG  . CYS A 1 80  ? -8.082  0.347   -4.237  1.000 67.893  ? 73  CYS A SG  1 
ATOM   397 N N   . PHE A 1 81  ? -7.118  4.880   -3.239  1.000 66.923  ? 74  PHE A N   1 
ATOM   398 C CA  . PHE A 1 81  ? -7.103  6.235   -2.626  1.000 67.991  ? 74  PHE A CA  1 
ATOM   399 C C   . PHE A 1 81  ? -5.705  6.539   -2.074  1.000 65.797  ? 74  PHE A C   1 
ATOM   400 O O   . PHE A 1 81  ? -5.015  5.606   -1.613  1.000 63.402  ? 74  PHE A O   1 
ATOM   401 C CB  . PHE A 1 81  ? -8.188  6.353   -1.549  1.000 70.086  ? 74  PHE A CB  1 
ATOM   402 C CG  . PHE A 1 81  ? -7.791  5.894   -0.168  1.000 72.531  ? 74  PHE A CG  1 
ATOM   403 C CD1 . PHE A 1 81  ? -8.010  4.586   0.239   1.000 74.405  ? 74  PHE A CD1 1 
ATOM   404 C CD2 . PHE A 1 81  ? -7.213  6.775   0.735   1.000 75.143  ? 74  PHE A CD2 1 
ATOM   405 C CE1 . PHE A 1 81  ? -7.649  4.170   1.512   1.000 74.606  ? 74  PHE A CE1 1 
ATOM   406 C CE2 . PHE A 1 81  ? -6.852  6.356   2.006   1.000 74.741  ? 74  PHE A CE2 1 
ATOM   407 C CZ  . PHE A 1 81  ? -7.071  5.054   2.393   1.000 74.423  ? 74  PHE A CZ  1 
ATOM   408 N N   . VAL A 1 82  ? -5.308  7.815   -2.135  1.000 65.033  ? 75  VAL A N   1 
ATOM   409 C CA  . VAL A 1 82  ? -4.065  8.367   -1.518  1.000 64.807  ? 75  VAL A CA  1 
ATOM   410 C C   . VAL A 1 82  ? -4.471  9.540   -0.618  1.000 66.704  ? 75  VAL A C   1 
ATOM   411 O O   . VAL A 1 82  ? -4.900  10.578  -1.163  1.000 70.227  ? 75  VAL A O   1 
ATOM   412 C CB  . VAL A 1 82  ? -3.037  8.808   -2.580  1.000 63.834  ? 75  VAL A CB  1 
ATOM   413 C CG1 . VAL A 1 82  ? -1.690  9.141   -1.953  1.000 63.834  ? 75  VAL A CG1 1 
ATOM   414 C CG2 . VAL A 1 82  ? -2.866  7.770   -3.679  1.000 63.992  ? 75  VAL A CG2 1 
ATOM   415 N N   . ASP A 1 83  ? -4.355  9.370   0.703   1.000 66.983  ? 76  ASP A N   1 
ATOM   416 C CA  . ASP A 1 83  ? -4.671  10.407  1.722   1.000 67.556  ? 76  ASP A CA  1 
ATOM   417 C C   . ASP A 1 83  ? -3.351  10.956  2.278   1.000 67.145  ? 76  ASP A C   1 
ATOM   418 O O   . ASP A 1 83  ? -2.665  10.213  3.007   1.000 63.257  ? 76  ASP A O   1 
ATOM   419 C CB  . ASP A 1 83  ? -5.575  9.838   2.819   1.000 69.869  ? 76  ASP A CB  1 
ATOM   420 C CG  . ASP A 1 83  ? -6.271  10.892  3.663   1.000 71.248  ? 76  ASP A CG  1 
ATOM   421 O OD1 . ASP A 1 83  ? -5.748  12.022  3.749   1.000 71.373  ? 76  ASP A OD1 1 
ATOM   422 O OD2 . ASP A 1 83  ? -7.337  10.574  4.229   1.000 75.037  ? 76  ASP A OD2 1 
ATOM   423 N N   . ARG A 1 84  ? -3.016  12.207  1.938   1.000 70.070  ? 77  ARG A N   1 
ATOM   424 C CA  . ARG A 1 84  ? -1.738  12.870  2.318   1.000 71.292  ? 77  ARG A CA  1 
ATOM   425 C C   . ARG A 1 84  ? -1.861  13.485  3.720   1.000 69.386  ? 77  ARG A C   1 
ATOM   426 O O   . ARG A 1 84  ? -0.816  13.870  4.280   1.000 68.442  ? 77  ARG A O   1 
ATOM   427 C CB  . ARG A 1 84  ? -1.342  13.918  1.270   1.000 74.067  ? 77  ARG A CB  1 
ATOM   428 C CG  . ARG A 1 84  ? -1.972  15.295  1.450   1.000 77.938  ? 77  ARG A CG  1 
ATOM   429 C CD  . ARG A 1 84  ? -1.111  16.378  0.826   1.000 81.688  ? 77  ARG A CD  1 
ATOM   430 N NE  . ARG A 1 84  ? -1.757  17.684  0.792   1.000 83.192  ? 77  ARG A NE  1 
ATOM   431 C CZ  . ARG A 1 84  ? -2.666  18.068  -0.104  1.000 86.370  ? 77  ARG A CZ  1 
ATOM   432 N NH1 . ARG A 1 84  ? -3.066  17.242  -1.057  1.000 89.175  ? 77  ARG A NH1 1 
ATOM   433 N NH2 . ARG A 1 84  ? -3.179  19.285  -0.037  1.000 87.059  ? 77  ARG A NH2 1 
ATOM   434 N N   . PHE A 1 85  ? -3.082  13.580  4.257   1.000 68.547  ? 78  PHE A N   1 
ATOM   435 C CA  . PHE A 1 85  ? -3.387  14.199  5.575   1.000 69.434  ? 78  PHE A CA  1 
ATOM   436 C C   . PHE A 1 85  ? -3.209  13.163  6.691   1.000 65.922  ? 78  PHE A C   1 
ATOM   437 O O   . PHE A 1 85  ? -2.638  13.516  7.741   1.000 68.451  ? 78  PHE A O   1 
ATOM   438 C CB  . PHE A 1 85  ? -4.798  14.792  5.573   1.000 71.693  ? 78  PHE A CB  1 
ATOM   439 C CG  . PHE A 1 85  ? -5.058  15.780  4.464   1.000 73.117  ? 78  PHE A CG  1 
ATOM   440 C CD1 . PHE A 1 85  ? -4.476  17.038  4.482   1.000 73.845  ? 78  PHE A CD1 1 
ATOM   441 C CD2 . PHE A 1 85  ? -5.879  15.450  3.395   1.000 74.708  ? 78  PHE A CD2 1 
ATOM   442 C CE1 . PHE A 1 85  ? -4.710  17.945  3.460   1.000 75.547  ? 78  PHE A CE1 1 
ATOM   443 C CE2 . PHE A 1 85  ? -6.113  16.359  2.373   1.000 76.912  ? 78  PHE A CE2 1 
ATOM   444 C CZ  . PHE A 1 85  ? -5.529  17.605  2.407   1.000 77.016  ? 78  PHE A CZ  1 
ATOM   445 N N   . THR A 1 86  ? -3.684  11.932  6.469   1.000 62.888  ? 79  THR A N   1 
ATOM   446 C CA  . THR A 1 86  ? -3.620  10.800  7.436   1.000 62.345  ? 79  THR A CA  1 
ATOM   447 C C   . THR A 1 86  ? -2.372  9.944   7.178   1.000 61.275  ? 79  THR A C   1 
ATOM   448 O O   . THR A 1 86  ? -1.907  9.293   8.135   1.000 63.339  ? 79  THR A O   1 
ATOM   449 C CB  . THR A 1 86  ? -4.894  9.948   7.375   1.000 60.687  ? 79  THR A CB  1 
ATOM   450 O OG1 . THR A 1 86  ? -4.986  9.376   6.069   1.000 60.810  ? 79  THR A OG1 1 
ATOM   451 C CG2 . THR A 1 86  ? -6.147  10.739  7.676   1.000 60.499  ? 79  THR A CG2 1 
ATOM   452 N N   . GLY A 1 87  ? -1.860  9.938   5.942   1.000 57.756  ? 80  GLY A N   1 
ATOM   453 C CA  . GLY A 1 87  ? -0.692  9.133   5.530   1.000 56.727  ? 80  GLY A CA  1 
ATOM   454 C C   . GLY A 1 87  ? -1.097  7.710   5.196   1.000 57.826  ? 80  GLY A C   1 
ATOM   455 O O   . GLY A 1 87  ? -0.497  6.777   5.760   1.000 59.184  ? 80  GLY A O   1 
ATOM   456 N N   . SER A 1 88  ? -2.073  7.560   4.295   1.000 58.429  ? 81  SER A N   1 
ATOM   457 C CA  . SER A 1 88  ? -2.741  6.279   3.945   1.000 56.586  ? 81  SER A CA  1 
ATOM   458 C C   . SER A 1 88  ? -2.716  6.071   2.426   1.000 55.219  ? 81  SER A C   1 
ATOM   459 O O   . SER A 1 88  ? -2.989  7.042   1.693   1.000 55.102  ? 81  SER A O   1 
ATOM   460 C CB  . SER A 1 88  ? -4.151  6.267   4.473   1.000 56.799  ? 81  SER A CB  1 
ATOM   461 O OG  . SER A 1 88  ? -4.170  6.522   5.870   1.000 57.252  ? 81  SER A OG  1 
ATOM   462 N N   . VAL A 1 89  ? -2.393  4.852   1.983   1.000 54.773  ? 82  VAL A N   1 
ATOM   463 C CA  . VAL A 1 89  ? -2.431  4.423   0.552   1.000 54.973  ? 82  VAL A CA  1 
ATOM   464 C C   . VAL A 1 89  ? -3.108  3.052   0.476   1.000 53.716  ? 82  VAL A C   1 
ATOM   465 O O   . VAL A 1 89  ? -2.805  2.196   1.332   1.000 54.291  ? 82  VAL A O   1 
ATOM   466 C CB  . VAL A 1 89  ? -1.023  4.376   -0.076  1.000 55.346  ? 82  VAL A CB  1 
ATOM   467 C CG1 . VAL A 1 89  ? -1.085  4.104   -1.572  1.000 55.716  ? 82  VAL A CG1 1 
ATOM   468 C CG2 . VAL A 1 89  ? -0.229  5.643   0.197   1.000 56.034  ? 82  VAL A CG2 1 
ATOM   469 N N   . MET A 1 90  ? -3.991  2.863   -0.510  1.000 53.677  ? 83  MET A N   1 
ATOM   470 C CA  . MET A 1 90  ? -4.619  1.556   -0.842  1.000 54.755  ? 83  MET A CA  1 
ATOM   471 C C   . MET A 1 90  ? -4.625  1.370   -2.362  1.000 53.413  ? 83  MET A C   1 
ATOM   472 O O   . MET A 1 90  ? -4.735  2.379   -3.085  1.000 53.179  ? 83  MET A O   1 
ATOM   473 C CB  . MET A 1 90  ? -6.052  1.465   -0.311  1.000 57.037  ? 83  MET A CB  1 
ATOM   474 C CG  . MET A 1 90  ? -6.126  1.107   1.159   1.000 59.631  ? 83  MET A CG  1 
ATOM   475 S SD  . MET A 1 90  ? -7.737  0.423   1.616   1.000 63.553  ? 83  MET A SD  1 
ATOM   476 C CE  . MET A 1 90  ? -7.757  0.780   3.370   1.000 64.917  ? 83  MET A CE  1 
ATOM   477 N N   . PHE A 1 91  ? -4.508  0.120   -2.816  1.000 54.845  ? 84  PHE A N   1 
ATOM   478 C CA  . PHE A 1 91  ? -4.431  -0.257  -4.251  1.000 55.068  ? 84  PHE A CA  1 
ATOM   479 C C   . PHE A 1 91  ? -4.791  -1.737  -4.422  1.000 56.171  ? 84  PHE A C   1 
ATOM   480 O O   . PHE A 1 91  ? -4.478  -2.540  -3.522  1.000 56.207  ? 84  PHE A O   1 
ATOM   481 C CB  . PHE A 1 91  ? -3.038  0.054   -4.805  1.000 54.102  ? 84  PHE A CB  1 
ATOM   482 C CG  . PHE A 1 91  ? -1.895  -0.414  -3.942  1.000 54.157  ? 84  PHE A CG  1 
ATOM   483 C CD1 . PHE A 1 91  ? -1.382  0.399   -2.942  1.000 54.382  ? 84  PHE A CD1 1 
ATOM   484 C CD2 . PHE A 1 91  ? -1.326  -1.664  -4.129  1.000 52.934  ? 84  PHE A CD2 1 
ATOM   485 C CE1 . PHE A 1 91  ? -0.329  -0.029  -2.148  1.000 53.963  ? 84  PHE A CE1 1 
ATOM   486 C CE2 . PHE A 1 91  ? -0.272  -2.090  -3.335  1.000 53.868  ? 84  PHE A CE2 1 
ATOM   487 C CZ  . PHE A 1 91  ? 0.224   -1.272  -2.347  1.000 53.438  ? 84  PHE A CZ  1 
ATOM   488 N N   . SER A 1 92  ? -5.421  -2.071  -5.555  1.000 59.873  ? 85  SER A N   1 
ATOM   489 C CA  . SER A 1 92  ? -5.919  -3.428  -5.904  1.000 62.912  ? 85  SER A CA  1 
ATOM   490 C C   . SER A 1 92  ? -5.109  -4.005  -7.071  1.000 64.082  ? 85  SER A C   1 
ATOM   491 O O   . SER A 1 92  ? -4.336  -3.249  -7.690  1.000 62.996  ? 85  SER A O   1 
ATOM   492 C CB  . SER A 1 92  ? -7.392  -3.391  -6.221  1.000 64.855  ? 85  SER A CB  1 
ATOM   493 O OG  . SER A 1 92  ? -7.676  -2.406  -7.204  1.000 65.982  ? 85  SER A OG  1 
ATOM   494 N N   . GLY A 1 93  ? -5.299  -5.299  -7.351  1.000 66.310  ? 86  GLY A N   1 
ATOM   495 C CA  . GLY A 1 93  ? -4.579  -6.065  -8.388  1.000 67.129  ? 86  GLY A CA  1 
ATOM   496 C C   . GLY A 1 93  ? -4.298  -7.484  -7.925  1.000 68.116  ? 86  GLY A C   1 
ATOM   497 O O   . GLY A 1 93  ? -4.625  -7.795  -6.762  1.000 68.276  ? 86  GLY A O   1 
ATOM   498 N N   . ASP A 1 94  ? -3.715  -8.315  -8.796  1.000 69.914  ? 87  ASP A N   1 
ATOM   499 C CA  . ASP A 1 94  ? -3.381  -9.737  -8.500  1.000 71.271  ? 87  ASP A CA  1 
ATOM   500 C C   . ASP A 1 94  ? -2.495  -9.793  -7.248  1.000 68.672  ? 87  ASP A C   1 
ATOM   501 O O   . ASP A 1 94  ? -1.587  -8.947  -7.124  1.000 66.296  ? 87  ASP A O   1 
ATOM   502 C CB  . ASP A 1 94  ? -2.718  -10.428 -9.696  1.000 72.992  ? 87  ASP A CB  1 
ATOM   503 C CG  . ASP A 1 94  ? -1.443  -9.755  -10.176 1.000 76.826  ? 87  ASP A CG  1 
ATOM   504 O OD1 . ASP A 1 94  ? -1.546  -8.650  -10.745 1.000 80.019  ? 87  ASP A OD1 1 
ATOM   505 O OD2 . ASP A 1 94  ? -0.360  -10.337 -9.969  1.000 79.141  ? 87  ASP A OD2 1 
ATOM   506 N N   . ILE A 1 95  ? -2.775  -10.750 -6.355  1.000 69.305  ? 88  ILE A N   1 
ATOM   507 C CA  . ILE A 1 95  ? -2.066  -10.978 -5.057  1.000 70.075  ? 88  ILE A CA  1 
ATOM   508 C C   . ILE A 1 95  ? -0.556  -10.752 -5.228  1.000 70.493  ? 88  ILE A C   1 
ATOM   509 O O   . ILE A 1 95  ? 0.036   -10.097 -4.348  1.000 70.646  ? 88  ILE A O   1 
ATOM   510 C CB  . ILE A 1 95  ? -2.390  -12.378 -4.483  1.000 70.445  ? 88  ILE A CB  1 
ATOM   511 C CG1 . ILE A 1 95  ? -1.549  -12.710 -3.245  1.000 69.111  ? 88  ILE A CG1 1 
ATOM   512 C CG2 . ILE A 1 95  ? -2.259  -13.468 -5.540  1.000 72.590  ? 88  ILE A CG2 1 
ATOM   513 C CD1 . ILE A 1 95  ? -1.784  -11.794 -2.068  1.000 70.214  ? 88  ILE A CD1 1 
ATOM   514 N N   . GLN A 1 96  ? 0.041   -11.263 -6.311  1.000 72.408  ? 89  GLN A N   1 
ATOM   515 C CA  . GLN A 1 96  ? 1.512   -11.239 -6.547  1.000 74.724  ? 89  GLN A CA  1 
ATOM   516 C C   . GLN A 1 96  ? 1.983   -9.797  -6.783  1.000 71.561  ? 89  GLN A C   1 
ATOM   517 O O   . GLN A 1 96  ? 3.010   -9.414  -6.188  1.000 71.045  ? 89  GLN A O   1 
ATOM   518 C CB  . GLN A 1 96  ? 1.883   -12.146 -7.723  1.000 80.321  ? 89  GLN A CB  1 
ATOM   519 C CG  . GLN A 1 96  ? 3.378   -12.198 -8.019  1.000 83.897  ? 89  GLN A CG  1 
ATOM   520 C CD  . GLN A 1 96  ? 4.201   -12.622 -6.828  1.000 87.014  ? 89  GLN A CD  1 
ATOM   521 O OE1 . GLN A 1 96  ? 3.785   -13.453 -6.022  1.000 89.973  ? 89  GLN A OE1 1 
ATOM   522 N NE2 . GLN A 1 96  ? 5.389   -12.053 -6.709  1.000 87.199  ? 89  GLN A NE2 1 
ATOM   523 N N   . SER A 1 97  ? 1.268   -9.040  -7.624  1.000 67.739  ? 90  SER A N   1 
ATOM   524 C CA  . SER A 1 97  ? 1.574   -7.626  -7.974  1.000 65.055  ? 90  SER A CA  1 
ATOM   525 C C   . SER A 1 97  ? 1.555   -6.752  -6.714  1.000 63.334  ? 90  SER A C   1 
ATOM   526 O O   . SER A 1 97  ? 2.465   -5.911  -6.567  1.000 62.401  ? 90  SER A O   1 
ATOM   527 C CB  . SER A 1 97  ? 0.619   -7.099  -9.016  1.000 64.933  ? 90  SER A CB  1 
ATOM   528 O OG  . SER A 1 97  ? 0.877   -7.688  -10.281 1.000 66.769  ? 90  SER A OG  1 
ATOM   529 N N   . VAL A 1 98  ? 0.561   -6.957  -5.842  1.000 62.162  ? 91  VAL A N   1 
ATOM   530 C CA  . VAL A 1 98  ? 0.350   -6.177  -4.584  1.000 60.807  ? 91  VAL A CA  1 
ATOM   531 C C   . VAL A 1 98  ? 1.533   -6.425  -3.639  1.000 60.737  ? 91  VAL A C   1 
ATOM   532 O O   . VAL A 1 98  ? 2.037   -5.443  -3.061  1.000 58.169  ? 91  VAL A O   1 
ATOM   533 C CB  . VAL A 1 98  ? -0.994  -6.532  -3.914  1.000 59.590  ? 91  VAL A CB  1 
ATOM   534 C CG1 . VAL A 1 98  ? -1.161  -5.838  -2.570  1.000 60.248  ? 91  VAL A CG1 1 
ATOM   535 C CG2 . VAL A 1 98  ? -2.178  -6.222  -4.818  1.000 59.983  ? 91  VAL A CG2 1 
ATOM   536 N N   . GLU A 1 99  ? 1.948   -7.689  -3.486  1.000 60.646  ? 92  GLU A N   1 
ATOM   537 C CA  . GLU A 1 99  ? 3.074   -8.105  -2.603  1.000 63.811  ? 92  GLU A CA  1 
ATOM   538 C C   . GLU A 1 99  ? 4.369   -7.432  -3.069  1.000 62.765  ? 92  GLU A C   1 
ATOM   539 O O   . GLU A 1 99  ? 5.093   -6.899  -2.207  1.000 64.024  ? 92  GLU A O   1 
ATOM   540 C CB  . GLU A 1 99  ? 3.226   -9.628  -2.586  1.000 66.397  ? 92  GLU A CB  1 
ATOM   541 C CG  . GLU A 1 99  ? 2.204   -10.327 -1.709  1.000 69.123  ? 92  GLU A CG  1 
ATOM   542 C CD  . GLU A 1 99  ? 2.430   -11.819 -1.532  1.000 70.449  ? 92  GLU A CD  1 
ATOM   543 O OE1 . GLU A 1 99  ? 1.460   -12.585 -1.691  1.000 72.029  ? 92  GLU A OE1 1 
ATOM   544 O OE2 . GLU A 1 99  ? 3.576   -12.210 -1.226  1.000 73.169  ? 92  GLU A OE2 1 
ATOM   545 N N   . THR A 1 100 ? 4.642   -7.459  -4.378  1.000 60.607  ? 93  THR A N   1 
ATOM   546 C CA  . THR A 1 100 ? 5.821   -6.820  -5.025  1.000 59.817  ? 93  THR A CA  1 
ATOM   547 C C   . THR A 1 100 ? 5.798   -5.311  -4.748  1.000 57.077  ? 93  THR A C   1 
ATOM   548 O O   . THR A 1 100 ? 6.850   -4.772  -4.351  1.000 54.752  ? 93  THR A O   1 
ATOM   549 C CB  . THR A 1 100 ? 5.854   -7.112  -6.531  1.000 61.410  ? 93  THR A CB  1 
ATOM   550 O OG1 . THR A 1 100 ? 5.897   -8.529  -6.704  1.000 62.713  ? 93  THR A OG1 1 
ATOM   551 C CG2 . THR A 1 100 ? 7.031   -6.477  -7.239  1.000 60.306  ? 93  THR A CG2 1 
ATOM   552 N N   . SER A 1 101 ? 4.644   -4.667  -4.952  1.000 55.325  ? 94  SER A N   1 
ATOM   553 C CA  . SER A 1 101 ? 4.425   -3.209  -4.745  1.000 54.439  ? 94  SER A CA  1 
ATOM   554 C C   . SER A 1 101 ? 4.729   -2.834  -3.289  1.000 54.864  ? 94  SER A C   1 
ATOM   555 O O   . SER A 1 101 ? 5.485   -1.865  -3.078  1.000 55.886  ? 94  SER A O   1 
ATOM   556 C CB  . SER A 1 101 ? 3.028   -2.803  -5.137  1.000 53.019  ? 94  SER A CB  1 
ATOM   557 O OG  . SER A 1 101 ? 2.898   -2.763  -6.551  1.000 53.310  ? 94  SER A OG  1 
ATOM   558 N N   . LEU A 1 102 ? 4.164   -3.577  -2.332  1.000 55.110  ? 95  LEU A N   1 
ATOM   559 C CA  . LEU A 1 102 ? 4.405   -3.391  -0.873  1.000 54.780  ? 95  LEU A CA  1 
ATOM   560 C C   . LEU A 1 102 ? 5.887   -3.630  -0.568  1.000 54.423  ? 95  LEU A C   1 
ATOM   561 O O   . LEU A 1 102 ? 6.487   -2.789  0.127   1.000 52.439  ? 95  LEU A O   1 
ATOM   562 C CB  . LEU A 1 102 ? 3.513   -4.351  -0.077  1.000 54.150  ? 95  LEU A CB  1 
ATOM   563 C CG  . LEU A 1 102 ? 2.024   -4.007  -0.052  1.000 54.814  ? 95  LEU A CG  1 
ATOM   564 C CD1 . LEU A 1 102 ? 1.223   -5.126  0.594   1.000 55.672  ? 95  LEU A CD1 1 
ATOM   565 C CD2 . LEU A 1 102 ? 1.774   -2.693  0.671   1.000 54.732  ? 95  LEU A CD2 1 
ATOM   566 N N   . GLU A 1 103 ? 6.449   -4.730  -1.082  1.000 58.295  ? 96  GLU A N   1 
ATOM   567 C CA  . GLU A 1 103 ? 7.874   -5.119  -0.896  1.000 62.019  ? 96  GLU A CA  1 
ATOM   568 C C   . GLU A 1 103 ? 8.775   -3.987  -1.408  1.000 60.762  ? 96  GLU A C   1 
ATOM   569 O O   . GLU A 1 103 ? 9.716   -3.615  -0.682  1.000 61.219  ? 96  GLU A O   1 
ATOM   570 C CB  . GLU A 1 103 ? 8.164   -6.442  -1.611  1.000 66.203  ? 96  GLU A CB  1 
ATOM   571 C CG  . GLU A 1 103 ? 9.412   -7.149  -1.111  1.000 69.937  ? 96  GLU A CG  1 
ATOM   572 C CD  . GLU A 1 103 ? 9.527   -8.603  -1.542  1.000 74.788  ? 96  GLU A CD  1 
ATOM   573 O OE1 . GLU A 1 103 ? 8.534   -9.345  -1.393  1.000 75.515  ? 96  GLU A OE1 1 
ATOM   574 O OE2 . GLU A 1 103 ? 10.607  -8.988  -2.032  1.000 75.030  ? 96  GLU A OE2 1 
ATOM   575 N N   . ASP A 1 104 ? 8.475   -3.451  -2.598  1.000 61.044  ? 97  ASP A N   1 
ATOM   576 C CA  . ASP A 1 104 ? 9.226   -2.343  -3.251  1.000 60.339  ? 97  ASP A CA  1 
ATOM   577 C C   . ASP A 1 104 ? 9.155   -1.080  -2.380  1.000 58.912  ? 97  ASP A C   1 
ATOM   578 O O   . ASP A 1 104 ? 10.215  -0.457  -2.171  1.000 57.926  ? 97  ASP A O   1 
ATOM   579 C CB  . ASP A 1 104 ? 8.708   -2.065  -4.666  1.000 63.456  ? 97  ASP A CB  1 
ATOM   580 C CG  . ASP A 1 104 ? 9.233   -3.027  -5.720  1.000 66.599  ? 97  ASP A CG  1 
ATOM   581 O OD1 . ASP A 1 104 ? 9.614   -4.156  -5.350  1.000 68.163  ? 97  ASP A OD1 1 
ATOM   582 O OD2 . ASP A 1 104 ? 9.260   -2.636  -6.904  1.000 69.144  ? 97  ASP A OD2 1 
ATOM   583 N N   . ILE A 1 105 ? 7.958   -0.716  -1.905  1.000 57.344  ? 98  ILE A N   1 
ATOM   584 C CA  . ILE A 1 105 ? 7.725   0.466   -1.018  1.000 55.957  ? 98  ILE A CA  1 
ATOM   585 C C   . ILE A 1 105 ? 8.602   0.324   0.231   1.000 54.520  ? 98  ILE A C   1 
ATOM   586 O O   . ILE A 1 105 ? 9.373   1.257   0.515   1.000 52.766  ? 98  ILE A O   1 
ATOM   587 C CB  . ILE A 1 105 ? 6.232   0.624   -0.661  1.000 55.714  ? 98  ILE A CB  1 
ATOM   588 C CG1 . ILE A 1 105 ? 5.431   1.183   -1.840  1.000 53.703  ? 98  ILE A CG1 1 
ATOM   589 C CG2 . ILE A 1 105 ? 6.056   1.479   0.589   1.000 55.537  ? 98  ILE A CG2 1 
ATOM   590 C CD1 . ILE A 1 105 ? 3.935   1.201   -1.619  1.000 54.217  ? 98  ILE A CD1 1 
ATOM   591 N N   . LEU A 1 106 ? 8.484   -0.805  0.939   1.000 56.570  ? 99  LEU A N   1 
ATOM   592 C CA  . LEU A 1 106 ? 9.240   -1.100  2.187   1.000 59.237  ? 99  LEU A CA  1 
ATOM   593 C C   . LEU A 1 106 ? 10.747  -0.982  1.923   1.000 62.045  ? 99  LEU A C   1 
ATOM   594 O O   . LEU A 1 106 ? 11.442  -0.379  2.761   1.000 62.335  ? 99  LEU A O   1 
ATOM   595 C CB  . LEU A 1 106 ? 8.883   -2.506  2.684   1.000 58.652  ? 99  LEU A CB  1 
ATOM   596 C CG  . LEU A 1 106 ? 7.471   -2.677  3.243   1.000 59.308  ? 99  LEU A CG  1 
ATOM   597 C CD1 . LEU A 1 106 ? 7.194   -4.137  3.572   1.000 58.517  ? 99  LEU A CD1 1 
ATOM   598 C CD2 . LEU A 1 106 ? 7.257   -1.807  4.470   1.000 60.317  ? 99  LEU A CD2 1 
ATOM   599 N N   . GLU A 1 107 ? 11.221  -1.522  0.794   1.000 64.190  ? 100 GLU A N   1 
ATOM   600 C CA  . GLU A 1 107 ? 12.667  -1.621  0.457   1.000 67.988  ? 100 GLU A CA  1 
ATOM   601 C C   . GLU A 1 107 ? 13.230  -0.220  0.179   1.000 65.555  ? 100 GLU A C   1 
ATOM   602 O O   . GLU A 1 107 ? 14.298  0.098   0.737   1.000 62.491  ? 100 GLU A O   1 
ATOM   603 C CB  . GLU A 1 107 ? 12.877  -2.569  -0.727  1.000 74.513  ? 100 GLU A CB  1 
ATOM   604 C CG  . GLU A 1 107 ? 14.209  -3.301  -0.694  1.000 80.119  ? 100 GLU A CG  1 
ATOM   605 C CD  . GLU A 1 107 ? 14.154  -4.737  -1.185  1.000 87.314  ? 100 GLU A CD  1 
ATOM   606 O OE1 . GLU A 1 107 ? 14.813  -5.597  -0.566  1.000 90.509  ? 100 GLU A OE1 1 
ATOM   607 O OE2 . GLU A 1 107 ? 13.454  -4.995  -2.186  1.000 93.760  ? 100 GLU A OE2 1 
ATOM   608 N N   . TYR A 1 108 ? 12.537  0.583   -0.638  1.000 63.470  ? 101 TYR A N   1 
ATOM   609 C CA  . TYR A 1 108 ? 12.968  1.951   -1.034  1.000 63.029  ? 101 TYR A CA  1 
ATOM   610 C C   . TYR A 1 108 ? 12.981  2.869   0.194   1.000 62.442  ? 101 TYR A C   1 
ATOM   611 O O   . TYR A 1 108 ? 14.040  3.452   0.490   1.000 67.217  ? 101 TYR A O   1 
ATOM   612 C CB  . TYR A 1 108 ? 12.069  2.539   -2.125  1.000 63.283  ? 101 TYR A CB  1 
ATOM   613 C CG  . TYR A 1 108 ? 12.527  3.889   -2.618  1.000 63.960  ? 101 TYR A CG  1 
ATOM   614 C CD1 . TYR A 1 108 ? 13.708  4.020   -3.332  1.000 65.015  ? 101 TYR A CD1 1 
ATOM   615 C CD2 . TYR A 1 108 ? 11.802  5.041   -2.353  1.000 64.823  ? 101 TYR A CD2 1 
ATOM   616 C CE1 . TYR A 1 108 ? 14.151  5.254   -3.780  1.000 64.576  ? 101 TYR A CE1 1 
ATOM   617 C CE2 . TYR A 1 108 ? 12.230  6.283   -2.795  1.000 64.265  ? 101 TYR A CE2 1 
ATOM   618 C CZ  . TYR A 1 108 ? 13.409  6.390   -3.511  1.000 64.211  ? 101 TYR A CZ  1 
ATOM   619 O OH  . TYR A 1 108 ? 13.847  7.605   -3.951  1.000 63.955  ? 101 TYR A OH  1 
ATOM   620 N N   . PHE A 1 109 ? 11.838  2.988   0.879   1.000 59.575  ? 102 PHE A N   1 
ATOM   621 C CA  . PHE A 1 109 ? 11.640  3.864   2.065   1.000 58.703  ? 102 PHE A CA  1 
ATOM   622 C C   . PHE A 1 109 ? 12.692  3.542   3.135   1.000 58.634  ? 102 PHE A C   1 
ATOM   623 O O   . PHE A 1 109 ? 13.220  4.488   3.752   1.000 58.889  ? 102 PHE A O   1 
ATOM   624 C CB  . PHE A 1 109 ? 10.216  3.729   2.613   1.000 58.167  ? 102 PHE A CB  1 
ATOM   625 C CG  . PHE A 1 109 ? 9.194   4.625   1.954   1.000 57.759  ? 102 PHE A CG  1 
ATOM   626 C CD1 . PHE A 1 109 ? 8.763   4.387   0.658   1.000 57.252  ? 102 PHE A CD1 1 
ATOM   627 C CD2 . PHE A 1 109 ? 8.656   5.705   2.637   1.000 57.643  ? 102 PHE A CD2 1 
ATOM   628 C CE1 . PHE A 1 109 ? 7.822   5.212   0.059   1.000 58.439  ? 102 PHE A CE1 1 
ATOM   629 C CE2 . PHE A 1 109 ? 7.715   6.530   2.037   1.000 57.813  ? 102 PHE A CE2 1 
ATOM   630 C CZ  . PHE A 1 109 ? 7.300   6.281   0.750   1.000 57.745  ? 102 PHE A CZ  1 
ATOM   631 N N   . LYS A 1 110 ? 12.989  2.254   3.340   1.000 59.957  ? 103 LYS A N   1 
ATOM   632 C CA  . LYS A 1 110 ? 13.990  1.763   4.326   1.000 60.829  ? 103 LYS A CA  1 
ATOM   633 C C   . LYS A 1 110 ? 15.396  2.204   3.898   1.000 58.157  ? 103 LYS A C   1 
ATOM   634 O O   . LYS A 1 110 ? 16.066  2.892   4.693   1.000 57.126  ? 103 LYS A O   1 
ATOM   635 C CB  . LYS A 1 110 ? 13.910  0.238   4.462   1.000 62.716  ? 103 LYS A CB  1 
ATOM   636 C CG  . LYS A 1 110 ? 14.952  -0.398  5.375   1.000 64.531  ? 103 LYS A CG  1 
ATOM   637 C CD  . LYS A 1 110 ? 14.806  -1.901  5.497   1.000 67.513  ? 103 LYS A CD  1 
ATOM   638 C CE  . LYS A 1 110 ? 16.067  -2.587  5.981   1.000 69.272  ? 103 LYS A CE  1 
ATOM   639 N NZ  . LYS A 1 110 ? 17.045  -2.778  4.883   1.000 69.784  ? 103 LYS A NZ  1 
ATOM   640 N N   . ASN A 1 111 ? 15.812  1.828   2.684   1.000 58.018  ? 104 ASN A N   1 
ATOM   641 C CA  . ASN A 1 111 ? 17.211  1.953   2.190   1.000 58.366  ? 104 ASN A CA  1 
ATOM   642 C C   . ASN A 1 111 ? 17.498  3.397   1.752   1.000 59.316  ? 104 ASN A C   1 
ATOM   643 O O   . ASN A 1 111 ? 18.561  3.921   2.142   1.000 61.584  ? 104 ASN A O   1 
ATOM   644 C CB  . ASN A 1 111 ? 17.493  0.965   1.055   1.000 58.138  ? 104 ASN A CB  1 
ATOM   645 C CG  . ASN A 1 111 ? 17.353  -0.484  1.477   1.000 57.481  ? 104 ASN A CG  1 
ATOM   646 O OD1 . ASN A 1 111 ? 17.520  -0.818  2.648   1.000 56.894  ? 104 ASN A OD1 1 
ATOM   647 N ND2 . ASN A 1 111 ? 17.050  -1.353  0.527   1.000 57.362  ? 104 ASN A ND2 1 
ATOM   648 N N   . SER A 1 112 ? 16.596  4.010   0.977   1.000 57.447  ? 105 SER A N   1 
ATOM   649 C CA  . SER A 1 112 ? 16.787  5.341   0.335   1.000 56.974  ? 105 SER A CA  1 
ATOM   650 C C   . SER A 1 112 ? 16.353  6.473   1.278   1.000 57.113  ? 105 SER A C   1 
ATOM   651 O O   . SER A 1 112 ? 17.183  7.368   1.536   1.000 56.772  ? 105 SER A O   1 
ATOM   652 C CB  . SER A 1 112 ? 16.056  5.420   -0.980  1.000 56.279  ? 105 SER A CB  1 
ATOM   653 O OG  . SER A 1 112 ? 16.467  4.376   -1.851  1.000 56.795  ? 105 SER A OG  1 
ATOM   654 N N   . LEU A 1 113 ? 15.105  6.435   1.763   1.000 57.923  ? 106 LEU A N   1 
ATOM   655 C CA  . LEU A 1 113 ? 14.465  7.543   2.528   1.000 57.367  ? 106 LEU A CA  1 
ATOM   656 C C   . LEU A 1 113 ? 14.717  7.383   4.034   1.000 56.706  ? 106 LEU A C   1 
ATOM   657 O O   . LEU A 1 113 ? 14.280  8.271   4.794   1.000 57.311  ? 106 LEU A O   1 
ATOM   658 C CB  . LEU A 1 113 ? 12.964  7.568   2.220   1.000 56.916  ? 106 LEU A CB  1 
ATOM   659 C CG  . LEU A 1 113 ? 12.587  7.580   0.738   1.000 57.619  ? 106 LEU A CG  1 
ATOM   660 C CD1 . LEU A 1 113 ? 11.082  7.723   0.566   1.000 59.380  ? 106 LEU A CD1 1 
ATOM   661 C CD2 . LEU A 1 113 ? 13.310  8.691   -0.010  1.000 57.875  ? 106 LEU A CD2 1 
ATOM   662 N N   . GLY A 1 114 ? 15.385  6.299   4.449   1.000 57.898  ? 107 GLY A N   1 
ATOM   663 C CA  . GLY A 1 114 ? 15.830  6.070   5.839   1.000 58.381  ? 107 GLY A CA  1 
ATOM   664 C C   . GLY A 1 114 ? 14.668  5.932   6.810   1.000 59.142  ? 107 GLY A C   1 
ATOM   665 O O   . GLY A 1 114 ? 14.809  6.395   7.960   1.000 59.480  ? 107 GLY A O   1 
ATOM   666 N N   . PHE A 1 115 ? 13.562  5.320   6.372   1.000 60.732  ? 108 PHE A N   1 
ATOM   667 C CA  . PHE A 1 115 ? 12.377  4.996   7.212   1.000 61.214  ? 108 PHE A CA  1 
ATOM   668 C C   . PHE A 1 115 ? 12.671  3.736   8.035   1.000 62.065  ? 108 PHE A C   1 
ATOM   669 O O   . PHE A 1 115 ? 13.504  2.914   7.605   1.000 62.140  ? 108 PHE A O   1 
ATOM   670 C CB  . PHE A 1 115 ? 11.127  4.782   6.354   1.000 60.838  ? 108 PHE A CB  1 
ATOM   671 C CG  . PHE A 1 115 ? 10.401  6.040   5.945   1.000 61.128  ? 108 PHE A CG  1 
ATOM   672 C CD1 . PHE A 1 115 ? 11.019  6.998   5.155   1.000 62.158  ? 108 PHE A CD1 1 
ATOM   673 C CD2 . PHE A 1 115 ? 9.086   6.256   6.335   1.000 60.375  ? 108 PHE A CD2 1 
ATOM   674 C CE1 . PHE A 1 115 ? 10.345  8.150   4.777   1.000 61.655  ? 108 PHE A CE1 1 
ATOM   675 C CE2 . PHE A 1 115 ? 8.413   7.408   5.953   1.000 60.540  ? 108 PHE A CE2 1 
ATOM   676 C CZ  . PHE A 1 115 ? 9.043   8.353   5.177   1.000 60.461  ? 108 PHE A CZ  1 
ATOM   677 N N   . SER A 1 116 ? 12.005  3.601   9.185   1.000 63.108  ? 109 SER A N   1 
ATOM   678 C CA  . SER A 1 116 ? 11.955  2.364   10.010  1.000 64.809  ? 109 SER A CA  1 
ATOM   679 C C   . SER A 1 116 ? 10.650  1.623   9.699   1.000 66.635  ? 109 SER A C   1 
ATOM   680 O O   . SER A 1 116 ? 9.588   2.063   10.184  1.000 71.704  ? 109 SER A O   1 
ATOM   681 C CB  . SER A 1 116 ? 12.090  2.674   11.479  1.000 64.832  ? 109 SER A CB  1 
ATOM   682 O OG  . SER A 1 116 ? 11.154  3.662   11.880  1.000 65.781  ? 109 SER A OG  1 
ATOM   683 N N   . THR A 1 117 ? 10.737  0.547   8.910   1.000 64.974  ? 110 THR A N   1 
ATOM   684 C CA  . THR A 1 117 ? 9.584   -0.176  8.309   1.000 65.323  ? 110 THR A CA  1 
ATOM   685 C C   . THR A 1 117 ? 9.143   -1.330  9.216   1.000 66.667  ? 110 THR A C   1 
ATOM   686 O O   . THR A 1 117 ? 10.010  -1.915  9.895   1.000 70.120  ? 110 THR A O   1 
ATOM   687 C CB  . THR A 1 117 ? 9.936   -0.690  6.908   1.000 64.626  ? 110 THR A CB  1 
ATOM   688 O OG1 . THR A 1 117 ? 11.078  -1.542  7.014   1.000 62.886  ? 110 THR A OG1 1 
ATOM   689 C CG2 . THR A 1 117 ? 10.221  0.426   5.928   1.000 64.784  ? 110 THR A CG2 1 
ATOM   690 N N   . VAL A 1 118 ? 7.840   -1.635  9.212   1.000 65.991  ? 111 VAL A N   1 
ATOM   691 C CA  . VAL A 1 118 ? 7.239   -2.833  9.872   1.000 65.603  ? 111 VAL A CA  1 
ATOM   692 C C   . VAL A 1 118 ? 7.280   -3.993  8.881   1.000 65.912  ? 111 VAL A C   1 
ATOM   693 O O   . VAL A 1 118 ? 7.335   -3.773  7.672   1.000 65.974  ? 111 VAL A O   1 
ATOM   694 C CB  . VAL A 1 118 ? 5.800   -2.572  10.364  1.000 64.295  ? 111 VAL A CB  1 
ATOM   695 C CG1 . VAL A 1 118 ? 5.760   -1.527  11.468  1.000 64.422  ? 111 VAL A CG1 1 
ATOM   696 C CG2 . VAL A 1 118 ? 4.851   -2.201  9.231   1.000 64.349  ? 111 VAL A CG2 1 
ATOM   697 N N   . PRO A 1 119 ? 7.258   -5.261  9.354   1.000 65.935  ? 112 PRO A N   1 
ATOM   698 C CA  . PRO A 1 119 ? 7.178   -6.412  8.455   1.000 66.101  ? 112 PRO A CA  1 
ATOM   699 C C   . PRO A 1 119 ? 5.850   -6.451  7.682   1.000 65.686  ? 112 PRO A C   1 
ATOM   700 O O   . PRO A 1 119 ? 4.847   -6.010  8.218   1.000 66.346  ? 112 PRO A O   1 
ATOM   701 C CB  . PRO A 1 119 ? 7.306   -7.625  9.393   1.000 66.622  ? 112 PRO A CB  1 
ATOM   702 C CG  . PRO A 1 119 ? 6.870   -7.101  10.748  1.000 66.746  ? 112 PRO A CG  1 
ATOM   703 C CD  . PRO A 1 119 ? 7.323   -5.656  10.770  1.000 66.584  ? 112 PRO A CD  1 
ATOM   704 N N   . LEU A 1 120 ? 5.885   -6.963  6.447   1.000 64.165  ? 113 LEU A N   1 
ATOM   705 C CA  . LEU A 1 120 ? 4.692   -7.182  5.583   1.000 63.729  ? 113 LEU A CA  1 
ATOM   706 C C   . LEU A 1 120 ? 3.766   -8.189  6.276   1.000 62.688  ? 113 LEU A C   1 
ATOM   707 O O   . LEU A 1 120 ? 4.292   -9.123  6.912   1.000 66.234  ? 113 LEU A O   1 
ATOM   708 C CB  . LEU A 1 120 ? 5.159   -7.682  4.211   1.000 64.624  ? 113 LEU A CB  1 
ATOM   709 C CG  . LEU A 1 120 ? 4.083   -7.770  3.127   1.000 66.946  ? 113 LEU A CG  1 
ATOM   710 C CD1 . LEU A 1 120 ? 4.655   -7.413  1.762   1.000 67.310  ? 113 LEU A CD1 1 
ATOM   711 C CD2 . LEU A 1 120 ? 3.448   -9.153  3.085   1.000 68.199  ? 113 LEU A CD2 1 
ATOM   712 N N   . THR A 1 121 ? 2.447   -7.992  6.174   1.000 59.523  ? 114 THR A N   1 
ATOM   713 C CA  . THR A 1 121 ? 1.405   -8.806  6.860   1.000 58.950  ? 114 THR A CA  1 
ATOM   714 C C   . THR A 1 121 ? 0.332   -9.236  5.851   1.000 59.568  ? 114 THR A C   1 
ATOM   715 O O   . THR A 1 121 ? 0.072   -8.466  4.906   1.000 58.225  ? 114 THR A O   1 
ATOM   716 C CB  . THR A 1 121 ? 0.803   -8.038  8.044   1.000 58.034  ? 114 THR A CB  1 
ATOM   717 O OG1 . THR A 1 121 ? 0.447   -6.727  7.601   1.000 57.147  ? 114 THR A OG1 1 
ATOM   718 C CG2 . THR A 1 121 ? 1.753   -7.934  9.217   1.000 56.832  ? 114 THR A CG2 1 
ATOM   719 N N   . LYS A 1 122 ? -0.261  -10.418 6.062   1.000 63.037  ? 115 LYS A N   1 
ATOM   720 C CA  . LYS A 1 122 ? -1.280  -11.043 5.174   1.000 65.662  ? 115 LYS A CA  1 
ATOM   721 C C   . LYS A 1 122 ? -2.547  -11.369 5.974   1.000 66.770  ? 115 LYS A C   1 
ATOM   722 O O   . LYS A 1 122 ? -2.416  -11.848 7.117   1.000 67.218  ? 115 LYS A O   1 
ATOM   723 C CB  . LYS A 1 122 ? -0.731  -12.328 4.546   1.000 67.921  ? 115 LYS A CB  1 
ATOM   724 C CG  . LYS A 1 122 ? 0.198   -12.127 3.358   1.000 71.319  ? 115 LYS A CG  1 
ATOM   725 C CD  . LYS A 1 122 ? 0.720   -13.423 2.782   1.000 74.550  ? 115 LYS A CD  1 
ATOM   726 C CE  . LYS A 1 122 ? 1.590   -13.211 1.563   1.000 78.821  ? 115 LYS A CE  1 
ATOM   727 N NZ  . LYS A 1 122 ? 2.180   -14.482 1.083   1.000 80.509  ? 115 LYS A NZ  1 
ATOM   728 N N   . SER A 1 123 ? -3.722  -11.133 5.378   1.000 68.714  ? 116 SER A N   1 
ATOM   729 C CA  . SER A 1 123 ? -5.052  -11.553 5.893   1.000 70.430  ? 116 SER A CA  1 
ATOM   730 C C   . SER A 1 123 ? -5.965  -11.935 4.721   1.000 74.621  ? 116 SER A C   1 
ATOM   731 O O   . SER A 1 123 ? -5.552  -11.923 3.559   1.000 77.034  ? 116 SER A O   1 
ATOM   732 C CB  . SER A 1 123 ? -5.675  -10.479 6.749   1.000 71.062  ? 116 SER A CB  1 
ATOM   733 O OG  . SER A 1 123 ? -6.190  -9.425  5.949   1.000 72.658  ? 116 SER A OG  1 
ATOM   734 O OXT . SER A 1 123 ? -7.136  -12.265 4.910   1.000 77.234  ? 116 SER A OXT 1 
HETATM 735 O O   . HOH B 2 .   ? -10.340 -12.586 3.877   1.000 78.412  ? 201 HOH A O   1 
HETATM 736 O O   . HOH B 2 .   ? -0.736  2.115   -11.471 1.000 76.496  ? 202 HOH A O   1 
# 
loop_
_pdbx_poly_seq_scheme.asym_id 
_pdbx_poly_seq_scheme.entity_id 
_pdbx_poly_seq_scheme.seq_id 
_pdbx_poly_seq_scheme.mon_id 
_pdbx_poly_seq_scheme.ndb_seq_num 
_pdbx_poly_seq_scheme.pdb_seq_num 
_pdbx_poly_seq_scheme.auth_seq_num 
_pdbx_poly_seq_scheme.pdb_mon_id 
_pdbx_poly_seq_scheme.auth_mon_id 
_pdbx_poly_seq_scheme.pdb_strand_id 
_pdbx_poly_seq_scheme.pdb_ins_code 
_pdbx_poly_seq_scheme.hetero 
A 1 1   MET 1   -6  ?   ?   ?   A . n 
A 1 2   HIS 2   -5  ?   ?   ?   A . n 
A 1 3   HIS 3   -4  ?   ?   ?   A . n 
A 1 4   HIS 4   -3  ?   ?   ?   A . n 
A 1 5   HIS 5   -2  ?   ?   ?   A . n 
A 1 6   HIS 6   -1  ?   ?   ?   A . n 
A 1 7   HIS 7   0   ?   ?   ?   A . n 
A 1 8   MET 8   1   ?   ?   ?   A . n 
A 1 9   ILE 9   2   ?   ?   ?   A . n 
A 1 10  GLU 10  3   ?   ?   ?   A . n 
A 1 11  GLU 11  4   ?   ?   ?   A . n 
A 1 12  LEU 12  5   ?   ?   ?   A . n 
A 1 13  GLY 13  6   ?   ?   ?   A . n 
A 1 14  LYS 14  7   ?   ?   ?   A . n 
A 1 15  ILE 15  8   ?   ?   ?   A . n 
A 1 16  ASP 16  9   ?   ?   ?   A . n 
A 1 17  ARG 17  10  ?   ?   ?   A . n 
A 1 18  ILE 18  11  ?   ?   ?   A . n 
A 1 19  ILE 19  12  ?   ?   ?   A . n 
A 1 20  GLN 20  13  ?   ?   ?   A . n 
A 1 21  GLU 21  14  ?   ?   ?   A . n 
A 1 22  SER 22  15  ?   ?   ?   A . n 
A 1 23  VAL 23  16  ?   ?   ?   A . n 
A 1 24  PRO 24  17  17  PRO PRO A . n 
A 1 25  GLY 25  18  18  GLY GLY A . n 
A 1 26  LYS 26  19  19  LYS LYS A . n 
A 1 27  GLN 27  20  20  GLN GLN A . n 
A 1 28  ILE 28  21  21  ILE ILE A . n 
A 1 29  THR 29  22  22  THR THR A . n 
A 1 30  LEU 30  23  23  LEU LEU A . n 
A 1 31  ALA 31  24  24  ALA ALA A . n 
A 1 32  HIS 32  25  25  HIS HIS A . n 
A 1 33  VAL 33  26  26  VAL VAL A . n 
A 1 34  ILE 34  27  27  ILE ILE A . n 
A 1 35  ALA 35  28  28  ALA ALA A . n 
A 1 36  ALA 36  29  29  ALA ALA A . n 
A 1 37  PRO 37  30  30  PRO PRO A . n 
A 1 38  ILE 38  31  31  ILE ILE A . n 
A 1 39  GLU 39  32  32  GLU GLU A . n 
A 1 40  ALA 40  33  33  ALA ALA A . n 
A 1 41  VAL 41  34  34  VAL VAL A . n 
A 1 42  TYR 42  35  35  TYR TYR A . n 
A 1 43  GLU 43  36  36  GLU GLU A . n 
A 1 44  CYS 44  37  37  CYS CYS A . n 
A 1 45  LEU 45  38  38  LEU LEU A . n 
A 1 46  GLY 46  39  39  GLY GLY A . n 
A 1 47  VAL 47  40  40  VAL VAL A . n 
A 1 48  ASP 48  41  41  ASP ASP A . n 
A 1 49  HIS 49  42  42  HIS HIS A . n 
A 1 50  GLU 50  43  43  GLU GLU A . n 
A 1 51  GLY 51  44  44  GLY GLY A . n 
A 1 52  ALA 52  45  45  ALA ALA A . n 
A 1 53  ILE 53  46  46  ILE ILE A . n 
A 1 54  GLY 54  47  47  GLY GLY A . n 
A 1 55  VAL 55  48  48  VAL VAL A . n 
A 1 56  VAL 56  49  49  VAL VAL A . n 
A 1 57  SER 57  50  50  SER SER A . n 
A 1 58  LEU 58  51  51  LEU LEU A . n 
A 1 59  THR 59  52  52  THR THR A . n 
A 1 60  PRO 60  53  53  PRO PRO A . n 
A 1 61  ASN 61  54  54  ASN ASN A . n 
A 1 62  GLU 62  55  55  GLU GLU A . n 
A 1 63  THR 63  56  56  THR THR A . n 
A 1 64  ALA 64  57  57  ALA ALA A . n 
A 1 65  ILE 65  58  58  ILE ILE A . n 
A 1 66  ILE 66  59  59  ILE ILE A . n 
A 1 67  ALA 67  60  60  ALA ALA A . n 
A 1 68  ALA 68  61  61  ALA ALA A . n 
A 1 69  ASP 69  62  62  ASP ASP A . n 
A 1 70  ILE 70  63  63  ILE ILE A . n 
A 1 71  ALA 71  64  64  ALA ALA A . n 
A 1 72  GLY 72  65  65  GLY GLY A . n 
A 1 73  ASP 73  66  66  ASP ASP A . n 
A 1 74  ALA 74  67  67  ALA ALA A . n 
A 1 75  ALA 75  68  68  ALA ALA A . n 
A 1 76  ASN 76  69  69  ASN ASN A . n 
A 1 77  ILE 77  70  70  ILE ILE A . n 
A 1 78  ASP 78  71  71  ASP ASP A . n 
A 1 79  ILE 79  72  72  ILE ILE A . n 
A 1 80  CYS 80  73  73  CYS CYS A . n 
A 1 81  PHE 81  74  74  PHE PHE A . n 
A 1 82  VAL 82  75  75  VAL VAL A . n 
A 1 83  ASP 83  76  76  ASP ASP A . n 
A 1 84  ARG 84  77  77  ARG ARG A . n 
A 1 85  PHE 85  78  78  PHE PHE A . n 
A 1 86  THR 86  79  79  THR THR A . n 
A 1 87  GLY 87  80  80  GLY GLY A . n 
A 1 88  SER 88  81  81  SER SER A . n 
A 1 89  VAL 89  82  82  VAL VAL A . n 
A 1 90  MET 90  83  83  MET MET A . n 
A 1 91  PHE 91  84  84  PHE PHE A . n 
A 1 92  SER 92  85  85  SER SER A . n 
A 1 93  GLY 93  86  86  GLY GLY A . n 
A 1 94  ASP 94  87  87  ASP ASP A . n 
A 1 95  ILE 95  88  88  ILE ILE A . n 
A 1 96  GLN 96  89  89  GLN GLN A . n 
A 1 97  SER 97  90  90  SER SER A . n 
A 1 98  VAL 98  91  91  VAL VAL A . n 
A 1 99  GLU 99  92  92  GLU GLU A . n 
A 1 100 THR 100 93  93  THR THR A . n 
A 1 101 SER 101 94  94  SER SER A . n 
A 1 102 LEU 102 95  95  LEU LEU A . n 
A 1 103 GLU 103 96  96  GLU GLU A . n 
A 1 104 ASP 104 97  97  ASP ASP A . n 
A 1 105 ILE 105 98  98  ILE ILE A . n 
A 1 106 LEU 106 99  99  LEU LEU A . n 
A 1 107 GLU 107 100 100 GLU GLU A . n 
A 1 108 TYR 108 101 101 TYR TYR A . n 
A 1 109 PHE 109 102 102 PHE PHE A . n 
A 1 110 LYS 110 103 103 LYS LYS A . n 
A 1 111 ASN 111 104 104 ASN ASN A . n 
A 1 112 SER 112 105 105 SER SER A . n 
A 1 113 LEU 113 106 106 LEU LEU A . n 
A 1 114 GLY 114 107 107 GLY GLY A . n 
A 1 115 PHE 115 108 108 PHE PHE A . n 
A 1 116 SER 116 109 109 SER SER A . n 
A 1 117 THR 117 110 110 THR THR A . n 
A 1 118 VAL 118 111 111 VAL VAL A . n 
A 1 119 PRO 119 112 112 PRO PRO A . n 
A 1 120 LEU 120 113 113 LEU LEU A . n 
A 1 121 THR 121 114 114 THR THR A . n 
A 1 122 LYS 122 115 115 LYS LYS A . n 
A 1 123 SER 123 116 116 SER SER A . n 
# 
loop_
_pdbx_nonpoly_scheme.asym_id 
_pdbx_nonpoly_scheme.entity_id 
_pdbx_nonpoly_scheme.mon_id 
_pdbx_nonpoly_scheme.ndb_seq_num 
_pdbx_nonpoly_scheme.pdb_seq_num 
_pdbx_nonpoly_scheme.auth_seq_num 
_pdbx_nonpoly_scheme.pdb_mon_id 
_pdbx_nonpoly_scheme.auth_mon_id 
_pdbx_nonpoly_scheme.pdb_strand_id 
_pdbx_nonpoly_scheme.pdb_ins_code 
B 2 HOH 1 201 1 HOH HOH A . 
B 2 HOH 2 202 2 HOH HOH A . 
# 
_pdbx_struct_assembly.id                   1 
_pdbx_struct_assembly.details              author_defined_assembly 
_pdbx_struct_assembly.method_details       ? 
_pdbx_struct_assembly.oligomeric_details   hexameric 
_pdbx_struct_assembly.oligomeric_count     6 
# 
loop_
_pdbx_struct_assembly_gen.assembly_id 
_pdbx_struct_assembly_gen.oper_expression 
_pdbx_struct_assembly_gen.asym_id_list 
1 1 A,B 
1 2 A,B 
1 3 A,B 
1 4 A,B 
1 5 A,B 
1 6 A,B 
# 
loop_
_pdbx_struct_oper_list.id 
_pdbx_struct_oper_list.type 
_pdbx_struct_oper_list.name 
_pdbx_struct_oper_list.symmetry_operation 
_pdbx_struct_oper_list.matrix[1][1] 
_pdbx_struct_oper_list.matrix[1][2] 
_pdbx_struct_oper_list.matrix[1][3] 
_pdbx_struct_oper_list.vector[1] 
_pdbx_struct_oper_list.matrix[2][1] 
_pdbx_struct_oper_list.matrix[2][2] 
_pdbx_struct_oper_list.matrix[2][3] 
_pdbx_struct_oper_list.vector[2] 
_pdbx_struct_oper_list.matrix[3][1] 
_pdbx_struct_oper_list.matrix[3][2] 
_pdbx_struct_oper_list.matrix[3][3] 
_pdbx_struct_oper_list.vector[3] 
1 'identity operation'         1_555 x,y,z         1.0000000000 0.0000000000  0.0000000000 0.0000000000  0.0000000000  1.0000000000  0.0000000000  0.0000000000  0.0000000000 0.0000000000  1.0000000000  0.0000000000  
2 'crystal symmetry operation' 2_555 -y,x-y,z+1/3  0.6266619049 -0.4879207610 0.6076414962 9.1103487503  0.3727719133  -0.4970578447 -0.7835653130 36.0912078533 0.6843507562 0.7175422148  -0.1296040602 15.4540801208 
3 'crystal symmetry operation' 3_555 -x+y,-x,z+2/3 0.6266619049 0.3727719133  0.6843507562 6.6003480177  -0.4879207610 -0.4970578447 0.7175422148  9.4385908717  0.6076414962 -0.7835653130 -0.1296040602 45.5828078641 
4 'crystal symmetry operation' 4_555 -x,-y,z+1/2   0.5022158733 -0.0767658985 0.8613281683 4.4172550884  -0.0767658985 -0.9960771263 -0.0440153988 30.6626992390 0.8613281683 -0.0440153988 -0.5061387470 37.2186080398 
5 'crystal symmetry operation' 5_555 y,-x+y,z+5/6  0.8755539683 0.4111548625  0.2536866721 19.5330773658 -0.4495378118 0.5009807184  0.7395499142  -6.6665089705 0.1769774120 -0.7615576136 0.6234653133  35.6551303864 
6 'crystal symmetry operation' 6_555 x-y,x,z+1/6   0.8755539683 -0.4495378118 0.1769774120 9.9299925844  0.4111548625  0.5009807184  -0.7615576136 20.6051081893 0.2536866721 0.7395499142  0.6234653133  -1.4188985907  
# 
loop_
_pdbx_audit_revision_history.ordinal 
_pdbx_audit_revision_history.data_content_type 
_pdbx_audit_revision_history.major_revision 
_pdbx_audit_revision_history.minor_revision 
_pdbx_audit_revision_history.revision_date 
1 'Structure model' 1 0 2020-07-22 
2 'Structure model' 1 1 2020-09-16 
3 'Structure model' 1 2 2020-11-11 
4 'Structure model' 1 3 2023-10-18 
# 
_pdbx_audit_revision_details.ordinal             1 
_pdbx_audit_revision_details.revision_ordinal    1 
_pdbx_audit_revision_details.data_content_type   'Structure model' 
_pdbx_audit_revision_details.provider            repository 
_pdbx_audit_revision_details.type                'Initial release' 
_pdbx_audit_revision_details.description         ? 
_pdbx_audit_revision_details.details             ? 
# 
loop_
_pdbx_audit_revision_group.ordinal 
_pdbx_audit_revision_group.revision_ordinal 
_pdbx_audit_revision_group.data_content_type 
_pdbx_audit_revision_group.group 
1 2 'Structure model' 'Database references'    
2 3 'Structure model' 'Database references'    
3 4 'Structure model' 'Data collection'        
4 4 'Structure model' 'Database references'    
5 4 'Structure model' 'Refinement description' 
# 
loop_
_pdbx_audit_revision_category.ordinal 
_pdbx_audit_revision_category.revision_ordinal 
_pdbx_audit_revision_category.data_content_type 
_pdbx_audit_revision_category.category 
1 2 'Structure model' citation                      
2 2 'Structure model' citation_author               
3 3 'Structure model' citation                      
4 3 'Structure model' citation_author               
5 4 'Structure model' chem_comp_atom                
6 4 'Structure model' chem_comp_bond                
7 4 'Structure model' database_2                    
8 4 'Structure model' pdbx_initial_refinement_model 
# 
loop_
_pdbx_audit_revision_item.ordinal 
_pdbx_audit_revision_item.revision_ordinal 
_pdbx_audit_revision_item.data_content_type 
_pdbx_audit_revision_item.item 
1  2 'Structure model' '_citation.country'                   
2  2 'Structure model' '_citation.journal_abbrev'            
3  2 'Structure model' '_citation.journal_id_ASTM'           
4  2 'Structure model' '_citation.journal_id_CSD'            
5  2 'Structure model' '_citation.journal_id_ISSN'           
6  2 'Structure model' '_citation.pdbx_database_id_DOI'      
7  2 'Structure model' '_citation.pdbx_database_id_PubMed'   
8  2 'Structure model' '_citation.title'                     
9  2 'Structure model' '_citation.year'                      
10 2 'Structure model' '_citation_author.identifier_ORCID'   
11 2 'Structure model' '_citation_author.name'               
12 3 'Structure model' '_citation.journal_volume'            
13 3 'Structure model' '_citation.page_first'                
14 3 'Structure model' '_citation.page_last'                 
15 3 'Structure model' '_citation.title'                     
16 3 'Structure model' '_citation_author.identifier_ORCID'   
17 4 'Structure model' '_database_2.pdbx_DOI'                
18 4 'Structure model' '_database_2.pdbx_database_accession' 
# 
_pdbx_phasing_MR.entry_id                     6XPK 
_pdbx_phasing_MR.method_rotation              ? 
_pdbx_phasing_MR.method_translation           ? 
_pdbx_phasing_MR.model_details                'Phaser MODE: MR_AUTO' 
_pdbx_phasing_MR.R_factor                     ? 
_pdbx_phasing_MR.R_rigid_body                 ? 
_pdbx_phasing_MR.correlation_coeff_Fo_to_Fc   ? 
_pdbx_phasing_MR.correlation_coeff_Io_to_Ic   ? 
_pdbx_phasing_MR.d_res_high_rotation          2.800 
_pdbx_phasing_MR.d_res_low_rotation           53.550 
_pdbx_phasing_MR.d_res_high_translation       2.800 
_pdbx_phasing_MR.d_res_low_translation        53.550 
_pdbx_phasing_MR.packing                      ? 
_pdbx_phasing_MR.reflns_percent_rotation      ? 
_pdbx_phasing_MR.reflns_percent_translation   ? 
_pdbx_phasing_MR.sigma_F_rotation             ? 
_pdbx_phasing_MR.sigma_F_translation          ? 
_pdbx_phasing_MR.sigma_I_rotation             ? 
_pdbx_phasing_MR.sigma_I_translation          ? 
# 
_phasing.method   MR 
# 
loop_
_software.citation_id 
_software.classification 
_software.compiler_name 
_software.compiler_version 
_software.contact_author 
_software.contact_author_email 
_software.date 
_software.description 
_software.dependencies 
_software.hardware 
_software.language 
_software.location 
_software.mods 
_software.name 
_software.os 
_software.os_version 
_software.type 
_software.version 
_software.pdbx_ordinal 
? 'data reduction'  ? ? 'Wolfgang Kabsch'    Wolfgang.Kabsch@mpimf-heidelberg.mpg.de ? ? ? ? ?          
http://www.mpimf-heidelberg.mpg.de/~kabsch/xds/                             ? XDS         ? ? package .        1 
? 'data scaling'    ? ? 'Wolfgang Kabsch'    ?                                       ? ? ? ? ?          
http://www.mpimf-heidelberg.mpg.de/~kabsch/xds/html_doc/xscale_program.html ? XSCALE      ? ? package .        2 
? phasing           ? ? 'Randy J. Read'      cimr-phaser@lists.cam.ac.uk             
'Thu May  2 19:17:37 2019 (svn 8432) (git 7454, 42cd19d... )' ? ? ? ?          http://www-structmed.cimr.cam.ac.uk/phaser/ ? 
PHASER      ? ? program 2.8.3    3 
? refinement        ? ? 'Garib N. Murshudov' garib@ysbl.york.ac.uk                   ? ? ? ? Fortran_77 
http://www.ccp4.ac.uk/dist/html/refmac5.html                                ? REFMAC      ? ? program 5.8.0258 4 
? 'data extraction' ? ? PDB                  deposit@deposit.rcsb.org                'Apr. 1, 2019' ? ? ? C++        
http://sw-tools.pdb.org/apps/PDB_EXTRACT/                                   ? PDB_EXTRACT ? ? package 3.25     5 
# 
_pdbx_validate_torsion.id              1 
_pdbx_validate_torsion.PDB_model_num   1 
_pdbx_validate_torsion.auth_comp_id    ALA 
_pdbx_validate_torsion.auth_asym_id    A 
_pdbx_validate_torsion.auth_seq_id     68 
_pdbx_validate_torsion.PDB_ins_code    ? 
_pdbx_validate_torsion.label_alt_id    ? 
_pdbx_validate_torsion.phi             74.31 
_pdbx_validate_torsion.psi             -50.45 
# 
loop_
_pdbx_unobs_or_zero_occ_atoms.id 
_pdbx_unobs_or_zero_occ_atoms.PDB_model_num 
_pdbx_unobs_or_zero_occ_atoms.polymer_flag 
_pdbx_unobs_or_zero_occ_atoms.occupancy_flag 
_pdbx_unobs_or_zero_occ_atoms.auth_asym_id 
_pdbx_unobs_or_zero_occ_atoms.auth_comp_id 
_pdbx_unobs_or_zero_occ_atoms.auth_seq_id 
_pdbx_unobs_or_zero_occ_atoms.PDB_ins_code 
_pdbx_unobs_or_zero_occ_atoms.auth_atom_id 
_pdbx_unobs_or_zero_occ_atoms.label_alt_id 
_pdbx_unobs_or_zero_occ_atoms.label_asym_id 
_pdbx_unobs_or_zero_occ_atoms.label_comp_id 
_pdbx_unobs_or_zero_occ_atoms.label_seq_id 
_pdbx_unobs_or_zero_occ_atoms.label_atom_id 
1 1 Y 1 A GLU 36 ? CG  ? A GLU 43 CG  
2 1 Y 1 A GLU 36 ? CD  ? A GLU 43 CD  
3 1 Y 1 A GLU 36 ? OE1 ? A GLU 43 OE1 
4 1 Y 1 A GLU 36 ? OE2 ? A GLU 43 OE2 
# 
loop_
_pdbx_unobs_or_zero_occ_residues.id 
_pdbx_unobs_or_zero_occ_residues.PDB_model_num 
_pdbx_unobs_or_zero_occ_residues.polymer_flag 
_pdbx_unobs_or_zero_occ_residues.occupancy_flag 
_pdbx_unobs_or_zero_occ_residues.auth_asym_id 
_pdbx_unobs_or_zero_occ_residues.auth_comp_id 
_pdbx_unobs_or_zero_occ_residues.auth_seq_id 
_pdbx_unobs_or_zero_occ_residues.PDB_ins_code 
_pdbx_unobs_or_zero_occ_residues.label_asym_id 
_pdbx_unobs_or_zero_occ_residues.label_comp_id 
_pdbx_unobs_or_zero_occ_residues.label_seq_id 
1  1 Y 1 A MET -6 ? A MET 1  
2  1 Y 1 A HIS -5 ? A HIS 2  
3  1 Y 1 A HIS -4 ? A HIS 3  
4  1 Y 1 A HIS -3 ? A HIS 4  
5  1 Y 1 A HIS -2 ? A HIS 5  
6  1 Y 1 A HIS -1 ? A HIS 6  
7  1 Y 1 A HIS 0  ? A HIS 7  
8  1 Y 1 A MET 1  ? A MET 8  
9  1 Y 1 A ILE 2  ? A ILE 9  
10 1 Y 1 A GLU 3  ? A GLU 10 
11 1 Y 1 A GLU 4  ? A GLU 11 
12 1 Y 1 A LEU 5  ? A LEU 12 
13 1 Y 1 A GLY 6  ? A GLY 13 
14 1 Y 1 A LYS 7  ? A LYS 14 
15 1 Y 1 A ILE 8  ? A ILE 15 
16 1 Y 1 A ASP 9  ? A ASP 16 
17 1 Y 1 A ARG 10 ? A ARG 17 
18 1 Y 1 A ILE 11 ? A ILE 18 
19 1 Y 1 A ILE 12 ? A ILE 19 
20 1 Y 1 A GLN 13 ? A GLN 20 
21 1 Y 1 A GLU 14 ? A GLU 21 
22 1 Y 1 A SER 15 ? A SER 22 
23 1 Y 1 A VAL 16 ? A VAL 23 
# 
loop_
_chem_comp_atom.comp_id 
_chem_comp_atom.atom_id 
_chem_comp_atom.type_symbol 
_chem_comp_atom.pdbx_aromatic_flag 
_chem_comp_atom.pdbx_stereo_config 
_chem_comp_atom.pdbx_ordinal 
ALA N    N N N 1   
ALA CA   C N S 2   
ALA C    C N N 3   
ALA O    O N N 4   
ALA CB   C N N 5   
ALA OXT  O N N 6   
ALA H    H N N 7   
ALA H2   H N N 8   
ALA HA   H N N 9   
ALA HB1  H N N 10  
ALA HB2  H N N 11  
ALA HB3  H N N 12  
ALA HXT  H N N 13  
ARG N    N N N 14  
ARG CA   C N S 15  
ARG C    C N N 16  
ARG O    O N N 17  
ARG CB   C N N 18  
ARG CG   C N N 19  
ARG CD   C N N 20  
ARG NE   N N N 21  
ARG CZ   C N N 22  
ARG NH1  N N N 23  
ARG NH2  N N N 24  
ARG OXT  O N N 25  
ARG H    H N N 26  
ARG H2   H N N 27  
ARG HA   H N N 28  
ARG HB2  H N N 29  
ARG HB3  H N N 30  
ARG HG2  H N N 31  
ARG HG3  H N N 32  
ARG HD2  H N N 33  
ARG HD3  H N N 34  
ARG HE   H N N 35  
ARG HH11 H N N 36  
ARG HH12 H N N 37  
ARG HH21 H N N 38  
ARG HH22 H N N 39  
ARG HXT  H N N 40  
ASN N    N N N 41  
ASN CA   C N S 42  
ASN C    C N N 43  
ASN O    O N N 44  
ASN CB   C N N 45  
ASN CG   C N N 46  
ASN OD1  O N N 47  
ASN ND2  N N N 48  
ASN OXT  O N N 49  
ASN H    H N N 50  
ASN H2   H N N 51  
ASN HA   H N N 52  
ASN HB2  H N N 53  
ASN HB3  H N N 54  
ASN HD21 H N N 55  
ASN HD22 H N N 56  
ASN HXT  H N N 57  
ASP N    N N N 58  
ASP CA   C N S 59  
ASP C    C N N 60  
ASP O    O N N 61  
ASP CB   C N N 62  
ASP CG   C N N 63  
ASP OD1  O N N 64  
ASP OD2  O N N 65  
ASP OXT  O N N 66  
ASP H    H N N 67  
ASP H2   H N N 68  
ASP HA   H N N 69  
ASP HB2  H N N 70  
ASP HB3  H N N 71  
ASP HD2  H N N 72  
ASP HXT  H N N 73  
CYS N    N N N 74  
CYS CA   C N R 75  
CYS C    C N N 76  
CYS O    O N N 77  
CYS CB   C N N 78  
CYS SG   S N N 79  
CYS OXT  O N N 80  
CYS H    H N N 81  
CYS H2   H N N 82  
CYS HA   H N N 83  
CYS HB2  H N N 84  
CYS HB3  H N N 85  
CYS HG   H N N 86  
CYS HXT  H N N 87  
GLN N    N N N 88  
GLN CA   C N S 89  
GLN C    C N N 90  
GLN O    O N N 91  
GLN CB   C N N 92  
GLN CG   C N N 93  
GLN CD   C N N 94  
GLN OE1  O N N 95  
GLN NE2  N N N 96  
GLN OXT  O N N 97  
GLN H    H N N 98  
GLN H2   H N N 99  
GLN HA   H N N 100 
GLN HB2  H N N 101 
GLN HB3  H N N 102 
GLN HG2  H N N 103 
GLN HG3  H N N 104 
GLN HE21 H N N 105 
GLN HE22 H N N 106 
GLN HXT  H N N 107 
GLU N    N N N 108 
GLU CA   C N S 109 
GLU C    C N N 110 
GLU O    O N N 111 
GLU CB   C N N 112 
GLU CG   C N N 113 
GLU CD   C N N 114 
GLU OE1  O N N 115 
GLU OE2  O N N 116 
GLU OXT  O N N 117 
GLU H    H N N 118 
GLU H2   H N N 119 
GLU HA   H N N 120 
GLU HB2  H N N 121 
GLU HB3  H N N 122 
GLU HG2  H N N 123 
GLU HG3  H N N 124 
GLU HE2  H N N 125 
GLU HXT  H N N 126 
GLY N    N N N 127 
GLY CA   C N N 128 
GLY C    C N N 129 
GLY O    O N N 130 
GLY OXT  O N N 131 
GLY H    H N N 132 
GLY H2   H N N 133 
GLY HA2  H N N 134 
GLY HA3  H N N 135 
GLY HXT  H N N 136 
HIS N    N N N 137 
HIS CA   C N S 138 
HIS C    C N N 139 
HIS O    O N N 140 
HIS CB   C N N 141 
HIS CG   C Y N 142 
HIS ND1  N Y N 143 
HIS CD2  C Y N 144 
HIS CE1  C Y N 145 
HIS NE2  N Y N 146 
HIS OXT  O N N 147 
HIS H    H N N 148 
HIS H2   H N N 149 
HIS HA   H N N 150 
HIS HB2  H N N 151 
HIS HB3  H N N 152 
HIS HD1  H N N 153 
HIS HD2  H N N 154 
HIS HE1  H N N 155 
HIS HE2  H N N 156 
HIS HXT  H N N 157 
HOH O    O N N 158 
HOH H1   H N N 159 
HOH H2   H N N 160 
ILE N    N N N 161 
ILE CA   C N S 162 
ILE C    C N N 163 
ILE O    O N N 164 
ILE CB   C N S 165 
ILE CG1  C N N 166 
ILE CG2  C N N 167 
ILE CD1  C N N 168 
ILE OXT  O N N 169 
ILE H    H N N 170 
ILE H2   H N N 171 
ILE HA   H N N 172 
ILE HB   H N N 173 
ILE HG12 H N N 174 
ILE HG13 H N N 175 
ILE HG21 H N N 176 
ILE HG22 H N N 177 
ILE HG23 H N N 178 
ILE HD11 H N N 179 
ILE HD12 H N N 180 
ILE HD13 H N N 181 
ILE HXT  H N N 182 
LEU N    N N N 183 
LEU CA   C N S 184 
LEU C    C N N 185 
LEU O    O N N 186 
LEU CB   C N N 187 
LEU CG   C N N 188 
LEU CD1  C N N 189 
LEU CD2  C N N 190 
LEU OXT  O N N 191 
LEU H    H N N 192 
LEU H2   H N N 193 
LEU HA   H N N 194 
LEU HB2  H N N 195 
LEU HB3  H N N 196 
LEU HG   H N N 197 
LEU HD11 H N N 198 
LEU HD12 H N N 199 
LEU HD13 H N N 200 
LEU HD21 H N N 201 
LEU HD22 H N N 202 
LEU HD23 H N N 203 
LEU HXT  H N N 204 
LYS N    N N N 205 
LYS CA   C N S 206 
LYS C    C N N 207 
LYS O    O N N 208 
LYS CB   C N N 209 
LYS CG   C N N 210 
LYS CD   C N N 211 
LYS CE   C N N 212 
LYS NZ   N N N 213 
LYS OXT  O N N 214 
LYS H    H N N 215 
LYS H2   H N N 216 
LYS HA   H N N 217 
LYS HB2  H N N 218 
LYS HB3  H N N 219 
LYS HG2  H N N 220 
LYS HG3  H N N 221 
LYS HD2  H N N 222 
LYS HD3  H N N 223 
LYS HE2  H N N 224 
LYS HE3  H N N 225 
LYS HZ1  H N N 226 
LYS HZ2  H N N 227 
LYS HZ3  H N N 228 
LYS HXT  H N N 229 
MET N    N N N 230 
MET CA   C N S 231 
MET C    C N N 232 
MET O    O N N 233 
MET CB   C N N 234 
MET CG   C N N 235 
MET SD   S N N 236 
MET CE   C N N 237 
MET OXT  O N N 238 
MET H    H N N 239 
MET H2   H N N 240 
MET HA   H N N 241 
MET HB2  H N N 242 
MET HB3  H N N 243 
MET HG2  H N N 244 
MET HG3  H N N 245 
MET HE1  H N N 246 
MET HE2  H N N 247 
MET HE3  H N N 248 
MET HXT  H N N 249 
PHE N    N N N 250 
PHE CA   C N S 251 
PHE C    C N N 252 
PHE O    O N N 253 
PHE CB   C N N 254 
PHE CG   C Y N 255 
PHE CD1  C Y N 256 
PHE CD2  C Y N 257 
PHE CE1  C Y N 258 
PHE CE2  C Y N 259 
PHE CZ   C Y N 260 
PHE OXT  O N N 261 
PHE H    H N N 262 
PHE H2   H N N 263 
PHE HA   H N N 264 
PHE HB2  H N N 265 
PHE HB3  H N N 266 
PHE HD1  H N N 267 
PHE HD2  H N N 268 
PHE HE1  H N N 269 
PHE HE2  H N N 270 
PHE HZ   H N N 271 
PHE HXT  H N N 272 
PRO N    N N N 273 
PRO CA   C N S 274 
PRO C    C N N 275 
PRO O    O N N 276 
PRO CB   C N N 277 
PRO CG   C N N 278 
PRO CD   C N N 279 
PRO OXT  O N N 280 
PRO H    H N N 281 
PRO HA   H N N 282 
PRO HB2  H N N 283 
PRO HB3  H N N 284 
PRO HG2  H N N 285 
PRO HG3  H N N 286 
PRO HD2  H N N 287 
PRO HD3  H N N 288 
PRO HXT  H N N 289 
SER N    N N N 290 
SER CA   C N S 291 
SER C    C N N 292 
SER O    O N N 293 
SER CB   C N N 294 
SER OG   O N N 295 
SER OXT  O N N 296 
SER H    H N N 297 
SER H2   H N N 298 
SER HA   H N N 299 
SER HB2  H N N 300 
SER HB3  H N N 301 
SER HG   H N N 302 
SER HXT  H N N 303 
THR N    N N N 304 
THR CA   C N S 305 
THR C    C N N 306 
THR O    O N N 307 
THR CB   C N R 308 
THR OG1  O N N 309 
THR CG2  C N N 310 
THR OXT  O N N 311 
THR H    H N N 312 
THR H2   H N N 313 
THR HA   H N N 314 
THR HB   H N N 315 
THR HG1  H N N 316 
THR HG21 H N N 317 
THR HG22 H N N 318 
THR HG23 H N N 319 
THR HXT  H N N 320 
TYR N    N N N 321 
TYR CA   C N S 322 
TYR C    C N N 323 
TYR O    O N N 324 
TYR CB   C N N 325 
TYR CG   C Y N 326 
TYR CD1  C Y N 327 
TYR CD2  C Y N 328 
TYR CE1  C Y N 329 
TYR CE2  C Y N 330 
TYR CZ   C Y N 331 
TYR OH   O N N 332 
TYR OXT  O N N 333 
TYR H    H N N 334 
TYR H2   H N N 335 
TYR HA   H N N 336 
TYR HB2  H N N 337 
TYR HB3  H N N 338 
TYR HD1  H N N 339 
TYR HD2  H N N 340 
TYR HE1  H N N 341 
TYR HE2  H N N 342 
TYR HH   H N N 343 
TYR HXT  H N N 344 
VAL N    N N N 345 
VAL CA   C N S 346 
VAL C    C N N 347 
VAL O    O N N 348 
VAL CB   C N N 349 
VAL CG1  C N N 350 
VAL CG2  C N N 351 
VAL OXT  O N N 352 
VAL H    H N N 353 
VAL H2   H N N 354 
VAL HA   H N N 355 
VAL HB   H N N 356 
VAL HG11 H N N 357 
VAL HG12 H N N 358 
VAL HG13 H N N 359 
VAL HG21 H N N 360 
VAL HG22 H N N 361 
VAL HG23 H N N 362 
VAL HXT  H N N 363 
# 
loop_
_chem_comp_bond.comp_id 
_chem_comp_bond.atom_id_1 
_chem_comp_bond.atom_id_2 
_chem_comp_bond.value_order 
_chem_comp_bond.pdbx_aromatic_flag 
_chem_comp_bond.pdbx_stereo_config 
_chem_comp_bond.pdbx_ordinal 
ALA N   CA   sing N N 1   
ALA N   H    sing N N 2   
ALA N   H2   sing N N 3   
ALA CA  C    sing N N 4   
ALA CA  CB   sing N N 5   
ALA CA  HA   sing N N 6   
ALA C   O    doub N N 7   
ALA C   OXT  sing N N 8   
ALA CB  HB1  sing N N 9   
ALA CB  HB2  sing N N 10  
ALA CB  HB3  sing N N 11  
ALA OXT HXT  sing N N 12  
ARG N   CA   sing N N 13  
ARG N   H    sing N N 14  
ARG N   H2   sing N N 15  
ARG CA  C    sing N N 16  
ARG CA  CB   sing N N 17  
ARG CA  HA   sing N N 18  
ARG C   O    doub N N 19  
ARG C   OXT  sing N N 20  
ARG CB  CG   sing N N 21  
ARG CB  HB2  sing N N 22  
ARG CB  HB3  sing N N 23  
ARG CG  CD   sing N N 24  
ARG CG  HG2  sing N N 25  
ARG CG  HG3  sing N N 26  
ARG CD  NE   sing N N 27  
ARG CD  HD2  sing N N 28  
ARG CD  HD3  sing N N 29  
ARG NE  CZ   sing N N 30  
ARG NE  HE   sing N N 31  
ARG CZ  NH1  sing N N 32  
ARG CZ  NH2  doub N N 33  
ARG NH1 HH11 sing N N 34  
ARG NH1 HH12 sing N N 35  
ARG NH2 HH21 sing N N 36  
ARG NH2 HH22 sing N N 37  
ARG OXT HXT  sing N N 38  
ASN N   CA   sing N N 39  
ASN N   H    sing N N 40  
ASN N   H2   sing N N 41  
ASN CA  C    sing N N 42  
ASN CA  CB   sing N N 43  
ASN CA  HA   sing N N 44  
ASN C   O    doub N N 45  
ASN C   OXT  sing N N 46  
ASN CB  CG   sing N N 47  
ASN CB  HB2  sing N N 48  
ASN CB  HB3  sing N N 49  
ASN CG  OD1  doub N N 50  
ASN CG  ND2  sing N N 51  
ASN ND2 HD21 sing N N 52  
ASN ND2 HD22 sing N N 53  
ASN OXT HXT  sing N N 54  
ASP N   CA   sing N N 55  
ASP N   H    sing N N 56  
ASP N   H2   sing N N 57  
ASP CA  C    sing N N 58  
ASP CA  CB   sing N N 59  
ASP CA  HA   sing N N 60  
ASP C   O    doub N N 61  
ASP C   OXT  sing N N 62  
ASP CB  CG   sing N N 63  
ASP CB  HB2  sing N N 64  
ASP CB  HB3  sing N N 65  
ASP CG  OD1  doub N N 66  
ASP CG  OD2  sing N N 67  
ASP OD2 HD2  sing N N 68  
ASP OXT HXT  sing N N 69  
CYS N   CA   sing N N 70  
CYS N   H    sing N N 71  
CYS N   H2   sing N N 72  
CYS CA  C    sing N N 73  
CYS CA  CB   sing N N 74  
CYS CA  HA   sing N N 75  
CYS C   O    doub N N 76  
CYS C   OXT  sing N N 77  
CYS CB  SG   sing N N 78  
CYS CB  HB2  sing N N 79  
CYS CB  HB3  sing N N 80  
CYS SG  HG   sing N N 81  
CYS OXT HXT  sing N N 82  
GLN N   CA   sing N N 83  
GLN N   H    sing N N 84  
GLN N   H2   sing N N 85  
GLN CA  C    sing N N 86  
GLN CA  CB   sing N N 87  
GLN CA  HA   sing N N 88  
GLN C   O    doub N N 89  
GLN C   OXT  sing N N 90  
GLN CB  CG   sing N N 91  
GLN CB  HB2  sing N N 92  
GLN CB  HB3  sing N N 93  
GLN CG  CD   sing N N 94  
GLN CG  HG2  sing N N 95  
GLN CG  HG3  sing N N 96  
GLN CD  OE1  doub N N 97  
GLN CD  NE2  sing N N 98  
GLN NE2 HE21 sing N N 99  
GLN NE2 HE22 sing N N 100 
GLN OXT HXT  sing N N 101 
GLU N   CA   sing N N 102 
GLU N   H    sing N N 103 
GLU N   H2   sing N N 104 
GLU CA  C    sing N N 105 
GLU CA  CB   sing N N 106 
GLU CA  HA   sing N N 107 
GLU C   O    doub N N 108 
GLU C   OXT  sing N N 109 
GLU CB  CG   sing N N 110 
GLU CB  HB2  sing N N 111 
GLU CB  HB3  sing N N 112 
GLU CG  CD   sing N N 113 
GLU CG  HG2  sing N N 114 
GLU CG  HG3  sing N N 115 
GLU CD  OE1  doub N N 116 
GLU CD  OE2  sing N N 117 
GLU OE2 HE2  sing N N 118 
GLU OXT HXT  sing N N 119 
GLY N   CA   sing N N 120 
GLY N   H    sing N N 121 
GLY N   H2   sing N N 122 
GLY CA  C    sing N N 123 
GLY CA  HA2  sing N N 124 
GLY CA  HA3  sing N N 125 
GLY C   O    doub N N 126 
GLY C   OXT  sing N N 127 
GLY OXT HXT  sing N N 128 
HIS N   CA   sing N N 129 
HIS N   H    sing N N 130 
HIS N   H2   sing N N 131 
HIS CA  C    sing N N 132 
HIS CA  CB   sing N N 133 
HIS CA  HA   sing N N 134 
HIS C   O    doub N N 135 
HIS C   OXT  sing N N 136 
HIS CB  CG   sing N N 137 
HIS CB  HB2  sing N N 138 
HIS CB  HB3  sing N N 139 
HIS CG  ND1  sing Y N 140 
HIS CG  CD2  doub Y N 141 
HIS ND1 CE1  doub Y N 142 
HIS ND1 HD1  sing N N 143 
HIS CD2 NE2  sing Y N 144 
HIS CD2 HD2  sing N N 145 
HIS CE1 NE2  sing Y N 146 
HIS CE1 HE1  sing N N 147 
HIS NE2 HE2  sing N N 148 
HIS OXT HXT  sing N N 149 
HOH O   H1   sing N N 150 
HOH O   H2   sing N N 151 
ILE N   CA   sing N N 152 
ILE N   H    sing N N 153 
ILE N   H2   sing N N 154 
ILE CA  C    sing N N 155 
ILE CA  CB   sing N N 156 
ILE CA  HA   sing N N 157 
ILE C   O    doub N N 158 
ILE C   OXT  sing N N 159 
ILE CB  CG1  sing N N 160 
ILE CB  CG2  sing N N 161 
ILE CB  HB   sing N N 162 
ILE CG1 CD1  sing N N 163 
ILE CG1 HG12 sing N N 164 
ILE CG1 HG13 sing N N 165 
ILE CG2 HG21 sing N N 166 
ILE CG2 HG22 sing N N 167 
ILE CG2 HG23 sing N N 168 
ILE CD1 HD11 sing N N 169 
ILE CD1 HD12 sing N N 170 
ILE CD1 HD13 sing N N 171 
ILE OXT HXT  sing N N 172 
LEU N   CA   sing N N 173 
LEU N   H    sing N N 174 
LEU N   H2   sing N N 175 
LEU CA  C    sing N N 176 
LEU CA  CB   sing N N 177 
LEU CA  HA   sing N N 178 
LEU C   O    doub N N 179 
LEU C   OXT  sing N N 180 
LEU CB  CG   sing N N 181 
LEU CB  HB2  sing N N 182 
LEU CB  HB3  sing N N 183 
LEU CG  CD1  sing N N 184 
LEU CG  CD2  sing N N 185 
LEU CG  HG   sing N N 186 
LEU CD1 HD11 sing N N 187 
LEU CD1 HD12 sing N N 188 
LEU CD1 HD13 sing N N 189 
LEU CD2 HD21 sing N N 190 
LEU CD2 HD22 sing N N 191 
LEU CD2 HD23 sing N N 192 
LEU OXT HXT  sing N N 193 
LYS N   CA   sing N N 194 
LYS N   H    sing N N 195 
LYS N   H2   sing N N 196 
LYS CA  C    sing N N 197 
LYS CA  CB   sing N N 198 
LYS CA  HA   sing N N 199 
LYS C   O    doub N N 200 
LYS C   OXT  sing N N 201 
LYS CB  CG   sing N N 202 
LYS CB  HB2  sing N N 203 
LYS CB  HB3  sing N N 204 
LYS CG  CD   sing N N 205 
LYS CG  HG2  sing N N 206 
LYS CG  HG3  sing N N 207 
LYS CD  CE   sing N N 208 
LYS CD  HD2  sing N N 209 
LYS CD  HD3  sing N N 210 
LYS CE  NZ   sing N N 211 
LYS CE  HE2  sing N N 212 
LYS CE  HE3  sing N N 213 
LYS NZ  HZ1  sing N N 214 
LYS NZ  HZ2  sing N N 215 
LYS NZ  HZ3  sing N N 216 
LYS OXT HXT  sing N N 217 
MET N   CA   sing N N 218 
MET N   H    sing N N 219 
MET N   H2   sing N N 220 
MET CA  C    sing N N 221 
MET CA  CB   sing N N 222 
MET CA  HA   sing N N 223 
MET C   O    doub N N 224 
MET C   OXT  sing N N 225 
MET CB  CG   sing N N 226 
MET CB  HB2  sing N N 227 
MET CB  HB3  sing N N 228 
MET CG  SD   sing N N 229 
MET CG  HG2  sing N N 230 
MET CG  HG3  sing N N 231 
MET SD  CE   sing N N 232 
MET CE  HE1  sing N N 233 
MET CE  HE2  sing N N 234 
MET CE  HE3  sing N N 235 
MET OXT HXT  sing N N 236 
PHE N   CA   sing N N 237 
PHE N   H    sing N N 238 
PHE N   H2   sing N N 239 
PHE CA  C    sing N N 240 
PHE CA  CB   sing N N 241 
PHE CA  HA   sing N N 242 
PHE C   O    doub N N 243 
PHE C   OXT  sing N N 244 
PHE CB  CG   sing N N 245 
PHE CB  HB2  sing N N 246 
PHE CB  HB3  sing N N 247 
PHE CG  CD1  doub Y N 248 
PHE CG  CD2  sing Y N 249 
PHE CD1 CE1  sing Y N 250 
PHE CD1 HD1  sing N N 251 
PHE CD2 CE2  doub Y N 252 
PHE CD2 HD2  sing N N 253 
PHE CE1 CZ   doub Y N 254 
PHE CE1 HE1  sing N N 255 
PHE CE2 CZ   sing Y N 256 
PHE CE2 HE2  sing N N 257 
PHE CZ  HZ   sing N N 258 
PHE OXT HXT  sing N N 259 
PRO N   CA   sing N N 260 
PRO N   CD   sing N N 261 
PRO N   H    sing N N 262 
PRO CA  C    sing N N 263 
PRO CA  CB   sing N N 264 
PRO CA  HA   sing N N 265 
PRO C   O    doub N N 266 
PRO C   OXT  sing N N 267 
PRO CB  CG   sing N N 268 
PRO CB  HB2  sing N N 269 
PRO CB  HB3  sing N N 270 
PRO CG  CD   sing N N 271 
PRO CG  HG2  sing N N 272 
PRO CG  HG3  sing N N 273 
PRO CD  HD2  sing N N 274 
PRO CD  HD3  sing N N 275 
PRO OXT HXT  sing N N 276 
SER N   CA   sing N N 277 
SER N   H    sing N N 278 
SER N   H2   sing N N 279 
SER CA  C    sing N N 280 
SER CA  CB   sing N N 281 
SER CA  HA   sing N N 282 
SER C   O    doub N N 283 
SER C   OXT  sing N N 284 
SER CB  OG   sing N N 285 
SER CB  HB2  sing N N 286 
SER CB  HB3  sing N N 287 
SER OG  HG   sing N N 288 
SER OXT HXT  sing N N 289 
THR N   CA   sing N N 290 
THR N   H    sing N N 291 
THR N   H2   sing N N 292 
THR CA  C    sing N N 293 
THR CA  CB   sing N N 294 
THR CA  HA   sing N N 295 
THR C   O    doub N N 296 
THR C   OXT  sing N N 297 
THR CB  OG1  sing N N 298 
THR CB  CG2  sing N N 299 
THR CB  HB   sing N N 300 
THR OG1 HG1  sing N N 301 
THR CG2 HG21 sing N N 302 
THR CG2 HG22 sing N N 303 
THR CG2 HG23 sing N N 304 
THR OXT HXT  sing N N 305 
TYR N   CA   sing N N 306 
TYR N   H    sing N N 307 
TYR N   H2   sing N N 308 
TYR CA  C    sing N N 309 
TYR CA  CB   sing N N 310 
TYR CA  HA   sing N N 311 
TYR C   O    doub N N 312 
TYR C   OXT  sing N N 313 
TYR CB  CG   sing N N 314 
TYR CB  HB2  sing N N 315 
TYR CB  HB3  sing N N 316 
TYR CG  CD1  doub Y N 317 
TYR CG  CD2  sing Y N 318 
TYR CD1 CE1  sing Y N 319 
TYR CD1 HD1  sing N N 320 
TYR CD2 CE2  doub Y N 321 
TYR CD2 HD2  sing N N 322 
TYR CE1 CZ   doub Y N 323 
TYR CE1 HE1  sing N N 324 
TYR CE2 CZ   sing Y N 325 
TYR CE2 HE2  sing N N 326 
TYR CZ  OH   sing N N 327 
TYR OH  HH   sing N N 328 
TYR OXT HXT  sing N N 329 
VAL N   CA   sing N N 330 
VAL N   H    sing N N 331 
VAL N   H2   sing N N 332 
VAL CA  C    sing N N 333 
VAL CA  CB   sing N N 334 
VAL CA  HA   sing N N 335 
VAL C   O    doub N N 336 
VAL C   OXT  sing N N 337 
VAL CB  CG1  sing N N 338 
VAL CB  CG2  sing N N 339 
VAL CB  HB   sing N N 340 
VAL CG1 HG11 sing N N 341 
VAL CG1 HG12 sing N N 342 
VAL CG1 HG13 sing N N 343 
VAL CG2 HG21 sing N N 344 
VAL CG2 HG22 sing N N 345 
VAL CG2 HG23 sing N N 346 
VAL OXT HXT  sing N N 347 
# 
_pdbx_audit_support.funding_organization   
'National Institutes of Health/National Institute Of Allergy and Infectious Diseases (NIH/NIAID)' 
_pdbx_audit_support.country                'United States' 
_pdbx_audit_support.grant_number           ? 
_pdbx_audit_support.ordinal                1 
# 
_pdbx_entity_nonpoly.entity_id   2 
_pdbx_entity_nonpoly.name        water 
_pdbx_entity_nonpoly.comp_id     HOH 
# 
_pdbx_initial_refinement_model.id               1 
_pdbx_initial_refinement_model.entity_id_list   ? 
_pdbx_initial_refinement_model.type             'experimental model' 
_pdbx_initial_refinement_model.source_name      PDB 
_pdbx_initial_refinement_model.accession_code   6XPH 
_pdbx_initial_refinement_model.details          ? 
# 
_pdbx_struct_assembly_auth_evidence.id                     1 
_pdbx_struct_assembly_auth_evidence.assembly_id            1 
_pdbx_struct_assembly_auth_evidence.experimental_support   none 
_pdbx_struct_assembly_auth_evidence.details                ? 
# 
